data_6TY5
#
_entry.id   6TY5
#
_cell.length_a   164.813
_cell.length_b   87.722
_cell.length_c   153.464
_cell.angle_alpha   90
_cell.angle_beta   120.46
_cell.angle_gamma   90
#
_symmetry.space_group_name_H-M   'C 1 2 1'
#
loop_
_entity.id
_entity.type
_entity.pdbx_description
1 polymer 'Toll-like receptor 8'
2 branched alpha-D-mannopyranose-(1-3)-[alpha-D-mannopyranose-(1-6)]beta-D-mannopyranose-(1-4)-2-acetamido-2-deoxy-beta-D-glucopyranose-(1-4)-2-acetamido-2-deoxy-beta-D-glucopyranose
3 branched beta-D-mannopyranose-(1-4)-2-acetamido-2-deoxy-beta-D-glucopyranose-(1-4)-2-acetamido-2-deoxy-beta-D-glucopyranose
4 non-polymer 2-acetamido-2-deoxy-beta-D-glucopyranose
5 non-polymer 5-methyl-7-(7-methyl-2-piperidin-4-yl-indazol-5-yl)furo[3,2-c]pyridin-4-one
6 water water
#
_entity_poly.entity_id   1
_entity_poly.type   'polypeptide(L)'
_entity_poly.pdbx_seq_one_letter_code
;EENFSRSYPCDEKKQNDSVIAECSNRRLQEVPQTVGKYVTELDLSDNFITHITNESFQGLQNLTKINLNHNPNVQHQNGN
PGIQSNGLNITDGAFLNLKNLRELLLEDNQLPQIPSGLPESLTELSLIQNNIYNITKEGISRLINLKNLYLAWNCYFNKV
CEKTNIEDGVFETLTNLELLSLSFNSLSHVPPKLPSSLRKLFLSNTQIKYISEEDFKGLINLTLLDLSGNCPRCFNAPFP
CVPCDGGASINIDRFAFQNLTQLRYLNLSSTSLRKINAAWFKNMPHLKVLDLEFNYLVGEIASGAFLTMLPRLEILDLSF
NYIKGSYPQHINISRNFSKLLSLRALHLRGYVFQELREDDFQPLMQLPNLSTINLGINFIKQIDFKLFQNFSNLEIIYLS
ENRISPLVKDTRQSYANSSSFQRHIRKRRSTDFEFDPHSNFYHFTRPLIKPQCAAYGKALDLSLNSIFFIGPNQFENLPD
IACLNLSANSNAQVLSGTEFSAIPHVKYLDLTNNRLDFDNASALTELSDLEVLDLSYNSHYFRIAGVTHHLEFIQNFTNL
KVLNLSHNNIYTLTDKYNLESKSLVELVFSGNRLDILWNDDDNRYISIFKGLKNLTRLDLSLNRLKHIPNEAFLNLPASL
TELHINDNMLKFFNWTLLQQFPRLELLDLRGNKLLFLTDSLSDFTSSLRTLLLSHNRISHLPSGFLSEVSSLKHLDLSSN
LLKTINKSALETKTTTKLSMLELHGNPFECTCDIGDFRRWMDEHLNVKIPRLVDVICASPGDQRGKSIVSLELTTCVSDV
TEFLVPR
;
_entity_poly.pdbx_strand_id   A,B
#
# COMPACT_ATOMS: atom_id res chain seq x y z
N SER A 5 5.24 -37.28 -33.24
CA SER A 5 3.80 -37.26 -32.98
C SER A 5 3.45 -36.33 -31.81
N ARG A 6 4.18 -35.21 -31.69
CA ARG A 6 3.92 -34.23 -30.62
C ARG A 6 2.80 -33.28 -31.06
N SER A 7 1.79 -33.09 -30.21
CA SER A 7 0.65 -32.22 -30.53
C SER A 7 0.95 -30.73 -30.48
N TYR A 8 0.43 -30.00 -31.48
CA TYR A 8 0.59 -28.55 -31.59
C TYR A 8 -0.60 -27.99 -32.38
N PRO A 9 -1.17 -26.86 -31.94
CA PRO A 9 -0.79 -26.04 -30.79
C PRO A 9 -1.48 -26.38 -29.48
N CYS A 10 -2.23 -27.49 -29.43
CA CYS A 10 -2.95 -27.88 -28.21
C CYS A 10 -2.11 -28.78 -27.31
N ASP A 11 -2.40 -28.75 -26.01
CA ASP A 11 -1.73 -29.62 -25.06
C ASP A 11 -2.69 -30.76 -24.77
N GLU A 12 -2.66 -31.81 -25.62
CA GLU A 12 -3.56 -32.95 -25.51
C GLU A 12 -3.23 -33.89 -24.34
N LYS A 13 -4.25 -34.25 -23.55
CA LYS A 13 -4.08 -35.13 -22.40
C LYS A 13 -5.24 -36.11 -22.33
N LYS A 14 -4.96 -37.42 -22.17
CA LYS A 14 -6.01 -38.44 -22.10
C LYS A 14 -6.61 -38.56 -20.70
N GLN A 15 -7.82 -38.02 -20.51
CA GLN A 15 -8.53 -38.05 -19.24
C GLN A 15 -9.73 -39.01 -19.32
N ASN A 16 -9.67 -40.15 -18.60
CA ASN A 16 -10.71 -41.18 -18.57
C ASN A 16 -11.05 -41.70 -19.98
N ASP A 17 -10.02 -42.13 -20.74
CA ASP A 17 -10.13 -42.61 -22.13
C ASP A 17 -10.69 -41.57 -23.13
N SER A 18 -10.95 -40.33 -22.66
CA SER A 18 -11.46 -39.26 -23.50
C SER A 18 -10.37 -38.21 -23.62
N VAL A 19 -9.75 -38.11 -24.80
CA VAL A 19 -8.65 -37.17 -25.03
C VAL A 19 -9.12 -35.71 -25.03
N ILE A 20 -8.62 -34.90 -24.10
CA ILE A 20 -9.00 -33.48 -24.05
C ILE A 20 -7.87 -32.61 -24.59
N ALA A 21 -8.21 -31.50 -25.26
CA ALA A 21 -7.22 -30.60 -25.84
C ALA A 21 -7.31 -29.21 -25.25
N GLU A 22 -6.22 -28.76 -24.61
CA GLU A 22 -6.20 -27.43 -24.00
C GLU A 22 -5.48 -26.43 -24.92
N CYS A 23 -6.24 -25.85 -25.86
CA CYS A 23 -5.71 -24.89 -26.82
C CYS A 23 -6.05 -23.44 -26.43
N SER A 24 -6.20 -23.16 -25.14
CA SER A 24 -6.57 -21.83 -24.67
C SER A 24 -5.37 -20.90 -24.50
N ASN A 25 -5.61 -19.58 -24.62
CA ASN A 25 -4.61 -18.52 -24.48
C ASN A 25 -3.35 -18.78 -25.30
N ARG A 26 -3.52 -19.09 -26.58
CA ARG A 26 -2.39 -19.38 -27.45
C ARG A 26 -2.25 -18.42 -28.65
N ARG A 27 -2.97 -17.28 -28.62
CA ARG A 27 -2.96 -16.26 -29.68
C ARG A 27 -3.29 -16.85 -31.06
N LEU A 28 -4.38 -17.64 -31.15
CA LEU A 28 -4.78 -18.28 -32.38
C LEU A 28 -5.72 -17.43 -33.22
N GLN A 29 -5.36 -17.16 -34.48
CA GLN A 29 -6.17 -16.36 -35.39
C GLN A 29 -7.41 -17.12 -35.86
N GLU A 30 -7.25 -18.42 -36.15
CA GLU A 30 -8.36 -19.27 -36.61
C GLU A 30 -8.37 -20.62 -35.86
N VAL A 31 -9.45 -21.41 -36.01
CA VAL A 31 -9.54 -22.73 -35.39
C VAL A 31 -8.53 -23.64 -36.08
N PRO A 32 -7.60 -24.22 -35.33
CA PRO A 32 -6.54 -25.03 -35.95
C PRO A 32 -7.01 -26.35 -36.54
N GLN A 33 -6.49 -26.69 -37.74
CA GLN A 33 -6.80 -27.97 -38.38
C GLN A 33 -5.79 -29.08 -38.01
N THR A 34 -4.91 -28.83 -37.02
CA THR A 34 -3.93 -29.80 -36.56
C THR A 34 -4.32 -30.42 -35.21
N VAL A 35 -5.63 -30.60 -34.98
CA VAL A 35 -6.14 -31.20 -33.76
C VAL A 35 -6.57 -32.63 -34.08
N GLY A 36 -6.14 -33.59 -33.27
CA GLY A 36 -6.46 -35.00 -33.46
C GLY A 36 -7.95 -35.27 -33.54
N LYS A 37 -8.38 -36.09 -34.51
CA LYS A 37 -9.80 -36.39 -34.70
C LYS A 37 -10.44 -37.19 -33.54
N TYR A 38 -9.61 -37.77 -32.66
CA TYR A 38 -10.03 -38.57 -31.52
C TYR A 38 -10.32 -37.76 -30.25
N VAL A 39 -10.15 -36.41 -30.30
CA VAL A 39 -10.39 -35.59 -29.11
C VAL A 39 -11.89 -35.41 -28.86
N THR A 40 -12.27 -35.31 -27.59
CA THR A 40 -13.66 -35.16 -27.20
C THR A 40 -13.95 -33.75 -26.73
N GLU A 41 -13.10 -33.21 -25.86
CA GLU A 41 -13.28 -31.86 -25.36
C GLU A 41 -12.21 -30.92 -25.90
N LEU A 42 -12.63 -29.79 -26.48
CA LEU A 42 -11.70 -28.83 -27.05
C LEU A 42 -11.90 -27.46 -26.41
N ASP A 43 -10.81 -26.86 -25.93
CA ASP A 43 -10.87 -25.55 -25.27
C ASP A 43 -10.11 -24.51 -26.08
N LEU A 44 -10.83 -23.69 -26.85
CA LEU A 44 -10.24 -22.64 -27.67
C LEU A 44 -10.53 -21.24 -27.11
N SER A 45 -10.65 -21.13 -25.78
CA SER A 45 -10.96 -19.86 -25.14
C SER A 45 -9.76 -18.90 -25.08
N ASP A 46 -10.05 -17.59 -24.97
CA ASP A 46 -9.09 -16.50 -24.87
C ASP A 46 -8.14 -16.42 -26.07
N ASN A 47 -8.66 -16.71 -27.25
CA ASN A 47 -7.88 -16.61 -28.50
C ASN A 47 -8.42 -15.46 -29.36
N PHE A 48 -7.80 -15.21 -30.53
CA PHE A 48 -8.25 -14.13 -31.40
C PHE A 48 -9.03 -14.64 -32.61
N ILE A 49 -9.80 -15.73 -32.43
CA ILE A 49 -10.61 -16.32 -33.48
C ILE A 49 -11.77 -15.38 -33.80
N THR A 50 -11.99 -15.09 -35.09
CA THR A 50 -13.04 -14.16 -35.51
C THR A 50 -14.16 -14.82 -36.32
N HIS A 51 -13.91 -15.99 -36.93
CA HIS A 51 -14.90 -16.65 -37.75
C HIS A 51 -15.07 -18.13 -37.45
N ILE A 52 -16.33 -18.59 -37.39
CA ILE A 52 -16.68 -20.00 -37.18
C ILE A 52 -17.53 -20.48 -38.34
N THR A 53 -17.01 -21.42 -39.15
CA THR A 53 -17.72 -21.96 -40.31
C THR A 53 -17.97 -23.49 -40.13
N ASN A 54 -18.70 -24.12 -41.07
CA ASN A 54 -18.97 -25.56 -40.99
C ASN A 54 -17.72 -26.43 -41.28
N GLU A 55 -16.58 -25.81 -41.63
CA GLU A 55 -15.32 -26.53 -41.89
C GLU A 55 -14.29 -26.37 -40.76
N SER A 56 -14.60 -25.60 -39.70
CA SER A 56 -13.69 -25.35 -38.59
C SER A 56 -13.44 -26.62 -37.77
N PHE A 57 -14.49 -27.39 -37.51
CA PHE A 57 -14.36 -28.63 -36.75
C PHE A 57 -14.57 -29.84 -37.66
N GLN A 58 -14.04 -29.78 -38.89
CA GLN A 58 -14.16 -30.83 -39.89
C GLN A 58 -13.24 -32.00 -39.53
N GLY A 59 -13.81 -33.19 -39.45
CA GLY A 59 -13.05 -34.39 -39.11
C GLY A 59 -13.16 -34.77 -37.65
N LEU A 60 -13.39 -33.79 -36.77
CA LEU A 60 -13.54 -34.02 -35.34
C LEU A 60 -14.99 -34.36 -35.02
N GLN A 61 -15.46 -35.54 -35.42
CA GLN A 61 -16.83 -35.98 -35.21
C GLN A 61 -17.12 -36.44 -33.77
N ASN A 62 -16.08 -36.69 -32.96
CA ASN A 62 -16.28 -37.12 -31.58
C ASN A 62 -16.22 -35.96 -30.58
N LEU A 63 -16.48 -34.72 -31.03
CA LEU A 63 -16.44 -33.55 -30.15
C LEU A 63 -17.69 -33.44 -29.31
N THR A 64 -17.58 -33.74 -28.02
CA THR A 64 -18.71 -33.63 -27.08
C THR A 64 -18.75 -32.28 -26.36
N LYS A 65 -17.61 -31.56 -26.30
CA LYS A 65 -17.57 -30.27 -25.61
C LYS A 65 -16.68 -29.27 -26.34
N ILE A 66 -17.21 -28.09 -26.66
CA ILE A 66 -16.47 -27.04 -27.34
C ILE A 66 -16.52 -25.75 -26.51
N ASN A 67 -15.35 -25.17 -26.21
CA ASN A 67 -15.27 -23.94 -25.44
C ASN A 67 -14.71 -22.84 -26.34
N LEU A 68 -15.49 -21.79 -26.60
CA LEU A 68 -15.03 -20.69 -27.45
C LEU A 68 -15.20 -19.34 -26.74
N ASN A 69 -15.01 -19.31 -25.40
CA ASN A 69 -15.15 -18.11 -24.60
C ASN A 69 -14.11 -17.04 -24.91
N HIS A 70 -14.51 -15.76 -24.84
CA HIS A 70 -13.66 -14.59 -25.06
C HIS A 70 -12.94 -14.61 -26.41
N ASN A 71 -13.69 -14.74 -27.50
CA ASN A 71 -13.12 -14.77 -28.84
C ASN A 71 -13.78 -13.74 -29.75
N PRO A 72 -13.04 -12.77 -30.30
CA PRO A 72 -11.60 -12.54 -30.11
C PRO A 72 -11.27 -11.69 -28.88
N ASN A 73 -10.22 -12.09 -28.15
CA ASN A 73 -9.78 -11.42 -26.91
C ASN A 73 -9.34 -9.97 -27.11
N GLY A 87 -16.74 -8.69 -33.13
CA GLY A 87 -17.19 -9.88 -32.41
C GLY A 87 -16.99 -11.16 -33.19
N LEU A 88 -17.47 -12.28 -32.63
CA LEU A 88 -17.33 -13.58 -33.29
C LEU A 88 -18.41 -13.77 -34.34
N ASN A 89 -18.01 -14.15 -35.55
CA ASN A 89 -18.94 -14.36 -36.66
C ASN A 89 -19.21 -15.84 -36.86
N ILE A 90 -20.37 -16.33 -36.41
CA ILE A 90 -20.72 -17.74 -36.56
C ILE A 90 -21.79 -17.92 -37.65
N THR A 91 -21.47 -18.72 -38.67
CA THR A 91 -22.40 -18.98 -39.77
C THR A 91 -23.56 -19.88 -39.34
N ASP A 92 -24.65 -19.91 -40.13
CA ASP A 92 -25.80 -20.74 -39.82
C ASP A 92 -25.47 -22.21 -40.06
N GLY A 93 -25.67 -23.03 -39.04
CA GLY A 93 -25.41 -24.47 -39.13
C GLY A 93 -23.93 -24.81 -39.11
N ALA A 94 -23.12 -23.98 -38.45
CA ALA A 94 -21.68 -24.23 -38.35
C ALA A 94 -21.38 -25.42 -37.43
N PHE A 95 -22.17 -25.59 -36.36
CA PHE A 95 -22.00 -26.72 -35.44
C PHE A 95 -22.97 -27.88 -35.71
N LEU A 96 -23.85 -27.76 -36.73
CA LEU A 96 -24.85 -28.77 -37.08
C LEU A 96 -24.27 -30.13 -37.48
N ASN A 97 -23.08 -30.12 -38.07
CA ASN A 97 -22.39 -31.35 -38.48
C ASN A 97 -21.93 -32.20 -37.29
N LEU A 98 -21.73 -31.59 -36.12
CA LEU A 98 -21.28 -32.27 -34.92
C LEU A 98 -22.47 -32.97 -34.26
N LYS A 99 -22.65 -34.26 -34.54
CA LYS A 99 -23.77 -35.01 -33.99
C LYS A 99 -23.60 -35.44 -32.52
N ASN A 100 -22.38 -35.35 -31.98
CA ASN A 100 -22.12 -35.72 -30.60
C ASN A 100 -21.87 -34.54 -29.66
N LEU A 101 -22.10 -33.30 -30.12
CA LEU A 101 -21.85 -32.11 -29.31
C LEU A 101 -22.86 -31.92 -28.19
N ARG A 102 -22.45 -32.20 -26.96
CA ARG A 102 -23.32 -32.10 -25.78
C ARG A 102 -23.15 -30.77 -25.02
N GLU A 103 -21.96 -30.15 -25.07
CA GLU A 103 -21.73 -28.90 -24.34
C GLU A 103 -21.09 -27.82 -25.22
N LEU A 104 -21.76 -26.67 -25.36
CA LEU A 104 -21.22 -25.58 -26.16
C LEU A 104 -21.15 -24.29 -25.36
N LEU A 105 -19.93 -23.78 -25.12
CA LEU A 105 -19.74 -22.55 -24.36
C LEU A 105 -19.37 -21.40 -25.28
N LEU A 106 -20.23 -20.39 -25.38
CA LEU A 106 -20.00 -19.22 -26.23
C LEU A 106 -20.14 -17.92 -25.41
N GLU A 107 -19.33 -17.78 -24.36
CA GLU A 107 -19.38 -16.60 -23.50
C GLU A 107 -18.46 -15.49 -23.99
N ASP A 108 -18.86 -14.23 -23.77
CA ASP A 108 -18.09 -13.04 -24.13
C ASP A 108 -17.62 -13.03 -25.59
N ASN A 109 -18.54 -13.31 -26.52
CA ASN A 109 -18.20 -13.34 -27.95
C ASN A 109 -18.86 -12.24 -28.78
N GLN A 110 -19.54 -11.28 -28.13
CA GLN A 110 -20.23 -10.16 -28.79
C GLN A 110 -21.22 -10.62 -29.86
N LEU A 111 -21.92 -11.74 -29.61
CA LEU A 111 -22.91 -12.29 -30.53
C LEU A 111 -24.14 -11.42 -30.52
N PRO A 112 -24.60 -10.94 -31.69
CA PRO A 112 -25.79 -10.07 -31.70
C PRO A 112 -27.10 -10.81 -31.52
N GLN A 113 -27.14 -12.07 -31.96
CA GLN A 113 -28.30 -12.96 -31.88
C GLN A 113 -27.84 -14.39 -31.51
N ILE A 114 -28.79 -15.24 -31.09
CA ILE A 114 -28.47 -16.62 -30.75
C ILE A 114 -28.14 -17.34 -32.06
N PRO A 115 -26.97 -18.01 -32.13
CA PRO A 115 -26.60 -18.68 -33.39
C PRO A 115 -27.65 -19.63 -33.96
N SER A 116 -28.05 -19.40 -35.21
CA SER A 116 -29.05 -20.25 -35.86
C SER A 116 -28.37 -21.51 -36.41
N GLY A 117 -29.01 -22.64 -36.24
CA GLY A 117 -28.48 -23.91 -36.74
C GLY A 117 -27.66 -24.68 -35.72
N LEU A 118 -28.02 -24.59 -34.45
CA LEU A 118 -27.31 -25.32 -33.40
C LEU A 118 -27.73 -26.79 -33.42
N PRO A 119 -26.81 -27.72 -33.11
CA PRO A 119 -27.19 -29.15 -33.15
C PRO A 119 -28.22 -29.54 -32.09
N GLU A 120 -29.09 -30.49 -32.42
CA GLU A 120 -30.13 -30.94 -31.49
C GLU A 120 -29.58 -31.75 -30.31
N SER A 121 -28.37 -32.30 -30.44
CA SER A 121 -27.74 -33.08 -29.36
C SER A 121 -27.19 -32.21 -28.22
N LEU A 122 -27.46 -30.89 -28.22
CA LEU A 122 -26.96 -29.99 -27.18
C LEU A 122 -27.69 -30.21 -25.86
N THR A 123 -26.92 -30.30 -24.77
CA THR A 123 -27.44 -30.46 -23.41
C THR A 123 -27.04 -29.27 -22.49
N GLU A 124 -25.99 -28.52 -22.85
CA GLU A 124 -25.56 -27.36 -22.07
C GLU A 124 -25.11 -26.25 -22.99
N LEU A 125 -25.82 -25.11 -22.97
CA LEU A 125 -25.49 -23.98 -23.81
C LEU A 125 -25.30 -22.73 -22.95
N SER A 126 -24.16 -22.04 -23.10
CA SER A 126 -23.88 -20.83 -22.34
C SER A 126 -23.63 -19.65 -23.27
N LEU A 127 -24.49 -18.64 -23.21
CA LEU A 127 -24.36 -17.45 -24.05
C LEU A 127 -24.24 -16.20 -23.18
N ILE A 128 -23.46 -16.30 -22.10
CA ILE A 128 -23.22 -15.23 -21.14
C ILE A 128 -22.35 -14.11 -21.74
N GLN A 129 -22.61 -12.85 -21.36
CA GLN A 129 -21.85 -11.67 -21.80
C GLN A 129 -21.85 -11.46 -23.31
N ASN A 130 -23.01 -11.57 -23.94
CA ASN A 130 -23.16 -11.35 -25.38
C ASN A 130 -24.12 -10.16 -25.65
N ASN A 131 -24.37 -9.82 -26.92
CA ASN A 131 -25.29 -8.74 -27.26
C ASN A 131 -26.66 -9.30 -27.70
N ILE A 132 -27.07 -10.44 -27.13
CA ILE A 132 -28.34 -11.07 -27.49
C ILE A 132 -29.50 -10.36 -26.85
N TYR A 133 -30.36 -9.76 -27.66
CA TYR A 133 -31.53 -9.04 -27.15
C TYR A 133 -32.84 -9.80 -27.39
N ASN A 134 -32.86 -10.70 -28.38
CA ASN A 134 -34.06 -11.46 -28.71
C ASN A 134 -33.87 -12.96 -28.45
N ILE A 135 -34.73 -13.54 -27.61
CA ILE A 135 -34.71 -14.97 -27.34
C ILE A 135 -35.80 -15.55 -28.24
N THR A 136 -35.43 -15.99 -29.45
CA THR A 136 -36.39 -16.48 -30.43
C THR A 136 -36.48 -18.00 -30.51
N LYS A 137 -37.60 -18.51 -31.04
CA LYS A 137 -37.84 -19.95 -31.21
C LYS A 137 -36.97 -20.56 -32.32
N GLU A 138 -36.49 -19.75 -33.26
CA GLU A 138 -35.65 -20.20 -34.37
C GLU A 138 -34.29 -20.73 -33.90
N GLY A 139 -33.80 -20.23 -32.77
CA GLY A 139 -32.51 -20.66 -32.23
C GLY A 139 -32.59 -21.44 -30.93
N ILE A 140 -33.78 -21.49 -30.29
CA ILE A 140 -33.92 -22.17 -29.00
C ILE A 140 -34.88 -23.37 -29.03
N SER A 141 -36.11 -23.18 -29.56
CA SER A 141 -37.16 -24.19 -29.59
C SER A 141 -36.78 -25.55 -30.19
N ARG A 142 -35.88 -25.59 -31.17
CA ARG A 142 -35.43 -26.85 -31.76
C ARG A 142 -34.49 -27.65 -30.84
N LEU A 143 -33.90 -27.00 -29.82
CA LEU A 143 -33.00 -27.67 -28.88
C LEU A 143 -33.80 -28.28 -27.75
N ILE A 144 -34.42 -29.43 -27.99
CA ILE A 144 -35.27 -30.09 -26.99
C ILE A 144 -34.48 -30.92 -25.96
N ASN A 145 -33.23 -31.26 -26.25
CA ASN A 145 -32.41 -32.03 -25.31
C ASN A 145 -31.65 -31.15 -24.30
N LEU A 146 -31.87 -29.82 -24.31
CA LEU A 146 -31.20 -28.88 -23.43
C LEU A 146 -31.57 -29.08 -21.98
N LYS A 147 -30.54 -29.20 -21.12
CA LYS A 147 -30.70 -29.36 -19.68
C LYS A 147 -30.27 -28.07 -18.98
N ASN A 148 -29.19 -27.41 -19.46
CA ASN A 148 -28.73 -26.17 -18.84
C ASN A 148 -28.65 -25.02 -19.86
N LEU A 149 -29.28 -23.88 -19.57
CA LEU A 149 -29.25 -22.74 -20.47
C LEU A 149 -28.87 -21.47 -19.73
N TYR A 150 -27.70 -20.92 -20.05
CA TYR A 150 -27.19 -19.71 -19.40
C TYR A 150 -27.30 -18.51 -20.36
N LEU A 151 -27.99 -17.46 -19.95
CA LEU A 151 -28.17 -16.27 -20.79
C LEU A 151 -27.95 -14.98 -19.99
N ALA A 152 -27.01 -15.00 -19.05
CA ALA A 152 -26.73 -13.83 -18.22
C ALA A 152 -25.94 -12.72 -18.94
N TRP A 153 -26.10 -11.47 -18.48
CA TRP A 153 -25.41 -10.28 -18.99
C TRP A 153 -25.56 -10.06 -20.51
N ASN A 154 -26.80 -10.00 -21.01
CA ASN A 154 -27.03 -9.78 -22.44
C ASN A 154 -27.62 -8.40 -22.74
N CYS A 155 -28.79 -8.09 -22.16
CA CYS A 155 -29.42 -6.79 -22.32
C CYS A 155 -29.36 -6.18 -20.93
N TYR A 156 -28.14 -6.04 -20.39
CA TYR A 156 -27.96 -5.54 -19.03
C TYR A 156 -28.17 -4.01 -18.92
N PHE A 157 -27.19 -3.19 -19.34
CA PHE A 157 -27.32 -1.74 -19.23
C PHE A 157 -26.99 -1.04 -20.56
N CYS A 161 -31.02 -1.35 -26.18
CA CYS A 161 -31.87 -2.41 -25.64
C CYS A 161 -32.56 -1.99 -24.36
N GLU A 162 -33.82 -1.54 -24.44
CA GLU A 162 -34.57 -1.13 -23.26
C GLU A 162 -35.10 -2.35 -22.48
N LYS A 163 -35.42 -3.45 -23.19
CA LYS A 163 -35.92 -4.67 -22.57
C LYS A 163 -35.63 -5.90 -23.42
N THR A 164 -35.41 -7.05 -22.78
CA THR A 164 -35.12 -8.30 -23.49
C THR A 164 -36.39 -8.86 -24.07
N ASN A 165 -36.43 -9.07 -25.40
CA ASN A 165 -37.61 -9.62 -26.04
C ASN A 165 -37.62 -11.15 -25.95
N ILE A 166 -38.47 -11.69 -25.09
CA ILE A 166 -38.60 -13.13 -24.94
C ILE A 166 -39.86 -13.55 -25.70
N GLU A 167 -39.70 -14.38 -26.74
CA GLU A 167 -40.83 -14.84 -27.54
C GLU A 167 -41.76 -15.70 -26.69
N ASP A 168 -43.05 -15.38 -26.67
CA ASP A 168 -44.04 -16.07 -25.85
C ASP A 168 -44.06 -17.59 -26.10
N GLY A 169 -43.53 -18.33 -25.13
CA GLY A 169 -43.46 -19.78 -25.20
C GLY A 169 -42.19 -20.31 -25.83
N VAL A 170 -41.09 -19.55 -25.71
CA VAL A 170 -39.81 -19.98 -26.27
C VAL A 170 -39.21 -21.17 -25.49
N PHE A 171 -39.47 -21.23 -24.17
CA PHE A 171 -38.96 -22.32 -23.35
C PHE A 171 -39.93 -23.52 -23.23
N GLU A 172 -41.12 -23.44 -23.85
CA GLU A 172 -42.17 -24.47 -23.82
C GLU A 172 -41.71 -25.84 -24.33
N THR A 173 -41.05 -25.89 -25.50
CA THR A 173 -40.59 -27.15 -26.09
C THR A 173 -39.40 -27.79 -25.37
N LEU A 174 -38.70 -27.04 -24.52
CA LEU A 174 -37.55 -27.56 -23.77
C LEU A 174 -38.06 -28.30 -22.53
N THR A 175 -38.64 -29.49 -22.74
CA THR A 175 -39.20 -30.29 -21.66
C THR A 175 -38.16 -30.95 -20.73
N ASN A 176 -36.87 -30.83 -21.05
CA ASN A 176 -35.81 -31.38 -20.19
C ASN A 176 -34.93 -30.30 -19.56
N LEU A 177 -35.35 -29.03 -19.59
CA LEU A 177 -34.59 -27.91 -19.05
C LEU A 177 -34.62 -27.90 -17.53
N GLU A 178 -33.48 -28.18 -16.90
CA GLU A 178 -33.34 -28.19 -15.45
C GLU A 178 -32.80 -26.87 -14.91
N LEU A 179 -31.99 -26.14 -15.69
CA LEU A 179 -31.42 -24.88 -15.23
C LEU A 179 -31.64 -23.77 -16.25
N LEU A 180 -32.26 -22.67 -15.83
CA LEU A 180 -32.45 -21.52 -16.71
C LEU A 180 -31.98 -20.26 -15.99
N SER A 181 -30.91 -19.66 -16.48
CA SER A 181 -30.37 -18.45 -15.86
C SER A 181 -30.53 -17.24 -16.77
N LEU A 182 -31.47 -16.36 -16.44
CA LEU A 182 -31.67 -15.14 -17.23
C LEU A 182 -31.24 -13.90 -16.43
N SER A 183 -30.25 -14.05 -15.53
CA SER A 183 -29.74 -13.00 -14.67
C SER A 183 -29.08 -11.84 -15.42
N PHE A 184 -29.06 -10.65 -14.79
CA PHE A 184 -28.44 -9.45 -15.32
C PHE A 184 -28.93 -9.11 -16.72
N ASN A 185 -30.24 -8.93 -16.85
CA ASN A 185 -30.95 -8.59 -18.08
C ASN A 185 -32.13 -7.68 -17.75
N SER A 186 -32.60 -6.88 -18.72
CA SER A 186 -33.75 -6.01 -18.49
C SER A 186 -35.03 -6.79 -18.82
N LEU A 187 -35.47 -7.65 -17.89
CA LEU A 187 -36.66 -8.48 -18.13
C LEU A 187 -37.96 -7.77 -17.77
N SER A 188 -37.98 -7.06 -16.63
CA SER A 188 -39.13 -6.33 -16.07
C SER A 188 -40.24 -7.24 -15.51
N HIS A 189 -40.37 -8.46 -16.05
CA HIS A 189 -41.35 -9.46 -15.58
C HIS A 189 -40.92 -10.88 -15.93
N VAL A 190 -41.27 -11.85 -15.05
CA VAL A 190 -40.93 -13.26 -15.21
C VAL A 190 -41.49 -13.80 -16.51
N PRO A 191 -40.64 -14.44 -17.35
CA PRO A 191 -41.15 -14.97 -18.63
C PRO A 191 -42.19 -16.07 -18.41
N PRO A 192 -43.37 -15.94 -19.03
CA PRO A 192 -44.39 -16.98 -18.86
C PRO A 192 -44.11 -18.22 -19.72
N LYS A 193 -44.85 -19.31 -19.46
CA LYS A 193 -44.74 -20.59 -20.17
C LYS A 193 -43.36 -21.25 -19.98
N LEU A 194 -42.99 -21.50 -18.73
CA LEU A 194 -41.73 -22.15 -18.42
C LEU A 194 -41.94 -23.65 -18.22
N PRO A 195 -40.97 -24.49 -18.62
CA PRO A 195 -41.17 -25.95 -18.47
C PRO A 195 -41.27 -26.42 -17.02
N SER A 196 -42.07 -27.46 -16.78
CA SER A 196 -42.28 -28.02 -15.45
C SER A 196 -41.03 -28.71 -14.89
N SER A 197 -40.11 -29.15 -15.77
CA SER A 197 -38.88 -29.82 -15.35
C SER A 197 -37.83 -28.89 -14.72
N LEU A 198 -38.08 -27.57 -14.72
CA LEU A 198 -37.14 -26.60 -14.15
C LEU A 198 -36.85 -26.87 -12.69
N ARG A 199 -35.57 -27.00 -12.35
CA ARG A 199 -35.12 -27.22 -10.99
C ARG A 199 -34.46 -25.96 -10.44
N LYS A 200 -33.71 -25.22 -11.28
CA LYS A 200 -33.04 -24.00 -10.85
C LYS A 200 -33.40 -22.83 -11.78
N LEU A 201 -34.02 -21.79 -11.23
CA LEU A 201 -34.41 -20.62 -12.01
C LEU A 201 -33.71 -19.37 -11.49
N PHE A 202 -32.76 -18.82 -12.27
CA PHE A 202 -32.01 -17.63 -11.86
C PHE A 202 -32.54 -16.35 -12.50
N LEU A 203 -33.04 -15.44 -11.66
CA LEU A 203 -33.60 -14.17 -12.12
C LEU A 203 -33.01 -13.01 -11.31
N SER A 204 -31.69 -13.03 -11.09
CA SER A 204 -31.03 -11.99 -10.33
C SER A 204 -30.80 -10.76 -11.19
N ASN A 205 -30.97 -9.56 -10.62
CA ASN A 205 -30.79 -8.28 -11.30
C ASN A 205 -31.52 -8.22 -12.64
N THR A 206 -32.83 -8.50 -12.59
CA THR A 206 -33.68 -8.55 -13.76
C THR A 206 -34.76 -7.46 -13.81
N GLN A 207 -34.71 -6.48 -12.89
CA GLN A 207 -35.67 -5.39 -12.78
C GLN A 207 -37.11 -5.84 -12.60
N ILE A 208 -37.31 -7.04 -12.02
CA ILE A 208 -38.65 -7.56 -11.77
C ILE A 208 -39.13 -7.01 -10.42
N LYS A 209 -39.89 -5.92 -10.47
CA LYS A 209 -40.38 -5.27 -9.25
C LYS A 209 -41.65 -5.91 -8.67
N TYR A 210 -42.30 -6.81 -9.41
CA TYR A 210 -43.53 -7.45 -8.93
C TYR A 210 -43.58 -8.94 -9.23
N ILE A 211 -43.83 -9.74 -8.19
CA ILE A 211 -43.95 -11.20 -8.31
C ILE A 211 -45.40 -11.56 -7.98
N SER A 212 -46.05 -12.32 -8.87
CA SER A 212 -47.44 -12.71 -8.66
C SER A 212 -47.59 -14.23 -8.48
N GLU A 213 -48.79 -14.67 -8.05
CA GLU A 213 -49.12 -16.07 -7.85
C GLU A 213 -48.98 -16.88 -9.16
N GLU A 214 -49.27 -16.24 -10.31
CA GLU A 214 -49.20 -16.87 -11.62
C GLU A 214 -47.81 -16.91 -12.24
N ASP A 215 -46.85 -16.13 -11.72
CA ASP A 215 -45.50 -16.08 -12.27
C ASP A 215 -44.76 -17.42 -12.20
N PHE A 216 -45.00 -18.18 -11.12
CA PHE A 216 -44.40 -19.51 -10.96
C PHE A 216 -45.57 -20.47 -10.86
N LYS A 217 -46.21 -20.75 -11.99
CA LYS A 217 -47.40 -21.59 -12.02
C LYS A 217 -47.12 -23.10 -11.93
N GLY A 218 -46.46 -23.68 -12.93
CA GLY A 218 -46.21 -25.11 -12.95
C GLY A 218 -44.79 -25.55 -12.66
N LEU A 219 -44.14 -24.94 -11.67
CA LEU A 219 -42.76 -25.29 -11.33
C LEU A 219 -42.75 -26.16 -10.05
N ILE A 220 -43.36 -27.35 -10.11
CA ILE A 220 -43.44 -28.24 -8.95
C ILE A 220 -42.10 -28.86 -8.56
N ASN A 221 -41.19 -29.01 -9.52
CA ASN A 221 -39.88 -29.60 -9.23
C ASN A 221 -38.77 -28.55 -9.00
N LEU A 222 -39.14 -27.30 -8.75
CA LEU A 222 -38.19 -26.20 -8.54
C LEU A 222 -37.51 -26.26 -7.17
N THR A 223 -36.21 -26.60 -7.16
CA THR A 223 -35.39 -26.68 -5.94
C THR A 223 -34.64 -25.38 -5.64
N LEU A 224 -34.50 -24.46 -6.61
CA LEU A 224 -33.79 -23.20 -6.41
C LEU A 224 -34.49 -22.03 -7.08
N LEU A 225 -34.59 -20.90 -6.38
CA LEU A 225 -35.16 -19.68 -6.95
C LEU A 225 -34.34 -18.46 -6.52
N ASP A 226 -33.74 -17.77 -7.50
CA ASP A 226 -32.91 -16.61 -7.23
C ASP A 226 -33.60 -15.34 -7.70
N LEU A 227 -34.16 -14.55 -6.78
CA LEU A 227 -34.80 -13.29 -7.13
C LEU A 227 -34.05 -12.08 -6.56
N SER A 228 -32.74 -12.21 -6.34
CA SER A 228 -31.89 -11.16 -5.78
C SER A 228 -31.65 -9.98 -6.73
N GLY A 229 -31.30 -8.82 -6.17
CA GLY A 229 -30.98 -7.65 -6.97
C GLY A 229 -32.15 -6.93 -7.60
N ASN A 230 -33.37 -7.32 -7.25
CA ASN A 230 -34.58 -6.67 -7.77
C ASN A 230 -35.05 -5.71 -6.70
N CYS A 231 -34.95 -4.39 -7.00
CA CYS A 231 -35.17 -3.26 -6.09
C CYS A 231 -34.04 -3.35 -5.08
N PRO A 232 -32.81 -3.01 -5.48
CA PRO A 232 -31.65 -3.26 -4.62
C PRO A 232 -31.29 -2.22 -3.57
N ARG A 233 -30.51 -2.67 -2.58
CA ARG A 233 -29.94 -1.81 -1.56
C ARG A 233 -28.50 -1.67 -2.01
N CYS A 234 -28.16 -0.53 -2.60
CA CYS A 234 -26.84 -0.31 -3.15
C CYS A 234 -25.75 -0.20 -2.10
N PHE A 235 -25.04 -1.31 -1.90
CA PHE A 235 -23.94 -1.37 -0.94
C PHE A 235 -22.75 -1.93 -1.69
N ASN A 236 -21.79 -1.07 -2.08
CA ASN A 236 -20.54 -1.41 -2.78
C ASN A 236 -20.67 -2.59 -3.75
N ALA A 237 -21.57 -2.46 -4.72
CA ALA A 237 -21.81 -3.53 -5.69
C ALA A 237 -20.76 -3.51 -6.80
N PRO A 238 -20.33 -4.69 -7.26
CA PRO A 238 -19.35 -4.72 -8.36
C PRO A 238 -19.94 -4.43 -9.75
N PHE A 239 -21.28 -4.39 -9.84
CA PHE A 239 -22.04 -4.12 -11.06
C PHE A 239 -22.97 -2.91 -10.85
N PRO A 240 -23.49 -2.27 -11.92
CA PRO A 240 -24.37 -1.11 -11.74
C PRO A 240 -25.55 -1.35 -10.79
N CYS A 241 -25.88 -0.36 -9.96
CA CYS A 241 -26.94 -0.50 -8.98
C CYS A 241 -27.91 0.67 -9.00
N VAL A 242 -29.17 0.44 -9.36
CA VAL A 242 -30.17 1.51 -9.37
C VAL A 242 -31.37 1.11 -8.51
N PRO A 243 -31.60 1.83 -7.41
CA PRO A 243 -32.71 1.46 -6.51
C PRO A 243 -34.09 1.76 -7.08
N CYS A 244 -35.12 1.08 -6.53
CA CYS A 244 -36.49 1.31 -6.98
C CYS A 244 -37.01 2.66 -6.50
N ASP A 245 -37.89 3.26 -7.30
CA ASP A 245 -38.44 4.59 -7.00
C ASP A 245 -39.15 4.66 -5.66
N GLY A 246 -38.77 5.65 -4.86
CA GLY A 246 -39.34 5.91 -3.55
C GLY A 246 -39.01 4.88 -2.50
N GLY A 247 -37.82 4.28 -2.61
CA GLY A 247 -37.36 3.27 -1.66
C GLY A 247 -38.28 2.07 -1.58
N ALA A 248 -38.77 1.60 -2.74
CA ALA A 248 -39.67 0.46 -2.78
C ALA A 248 -38.91 -0.86 -2.76
N SER A 249 -39.54 -1.88 -2.21
CA SER A 249 -38.98 -3.23 -2.15
C SER A 249 -39.62 -4.13 -3.23
N ILE A 250 -39.16 -5.39 -3.37
CA ILE A 250 -39.76 -6.32 -4.32
C ILE A 250 -41.18 -6.66 -3.82
N ASN A 251 -42.17 -6.61 -4.71
CA ASN A 251 -43.55 -6.85 -4.30
C ASN A 251 -43.95 -8.29 -4.58
N ILE A 252 -43.73 -9.18 -3.60
CA ILE A 252 -44.09 -10.59 -3.77
C ILE A 252 -45.50 -10.83 -3.22
N ASP A 253 -46.37 -11.48 -4.01
CA ASP A 253 -47.73 -11.79 -3.60
C ASP A 253 -47.73 -12.85 -2.47
N ARG A 254 -48.77 -12.83 -1.62
CA ARG A 254 -48.91 -13.77 -0.51
C ARG A 254 -48.83 -15.23 -0.95
N PHE A 255 -49.47 -15.56 -2.09
CA PHE A 255 -49.49 -16.93 -2.58
C PHE A 255 -48.58 -17.14 -3.79
N ALA A 256 -47.46 -16.41 -3.89
CA ALA A 256 -46.55 -16.55 -5.02
C ALA A 256 -45.73 -17.85 -4.97
N PHE A 257 -45.31 -18.28 -3.77
CA PHE A 257 -44.52 -19.50 -3.64
C PHE A 257 -45.34 -20.63 -3.00
N GLN A 258 -46.67 -20.64 -3.20
CA GLN A 258 -47.52 -21.67 -2.60
C GLN A 258 -47.43 -23.03 -3.30
N ASN A 259 -47.00 -23.06 -4.57
CA ASN A 259 -46.87 -24.31 -5.30
C ASN A 259 -45.44 -24.86 -5.33
N LEU A 260 -44.44 -24.04 -4.99
CA LEU A 260 -43.03 -24.45 -4.97
C LEU A 260 -42.76 -25.24 -3.69
N THR A 261 -43.22 -26.49 -3.64
CA THR A 261 -43.06 -27.32 -2.44
C THR A 261 -41.66 -27.90 -2.28
N GLN A 262 -40.93 -28.07 -3.38
CA GLN A 262 -39.58 -28.64 -3.32
C GLN A 262 -38.47 -27.60 -3.25
N LEU A 263 -38.80 -26.34 -2.90
CA LEU A 263 -37.80 -25.28 -2.82
C LEU A 263 -36.81 -25.47 -1.67
N ARG A 264 -35.53 -25.50 -1.99
CA ARG A 264 -34.44 -25.67 -1.04
C ARG A 264 -33.60 -24.40 -0.92
N TYR A 265 -33.42 -23.68 -2.05
CA TYR A 265 -32.60 -22.48 -2.06
C TYR A 265 -33.43 -21.27 -2.48
N LEU A 266 -33.50 -20.24 -1.62
CA LEU A 266 -34.23 -19.02 -1.95
C LEU A 266 -33.31 -17.81 -1.73
N ASN A 267 -32.95 -17.12 -2.81
CA ASN A 267 -32.07 -15.96 -2.72
C ASN A 267 -32.84 -14.68 -2.91
N LEU A 268 -33.07 -13.93 -1.82
CA LEU A 268 -33.79 -12.66 -1.89
C LEU A 268 -32.88 -11.51 -1.43
N SER A 269 -31.57 -11.59 -1.72
CA SER A 269 -30.60 -10.57 -1.34
C SER A 269 -30.78 -9.31 -2.16
N SER A 270 -30.49 -8.14 -1.58
CA SER A 270 -30.63 -6.85 -2.27
C SER A 270 -32.01 -6.65 -2.88
N THR A 271 -33.05 -6.87 -2.09
CA THR A 271 -34.43 -6.69 -2.55
C THR A 271 -35.17 -5.59 -1.77
N SER A 272 -34.44 -4.77 -0.97
CA SER A 272 -34.93 -3.66 -0.16
C SER A 272 -36.11 -4.03 0.76
N LEU A 273 -36.30 -5.32 1.03
CA LEU A 273 -37.38 -5.83 1.85
C LEU A 273 -37.39 -5.23 3.24
N ARG A 274 -38.57 -4.82 3.69
CA ARG A 274 -38.76 -4.27 5.04
C ARG A 274 -39.57 -5.25 5.89
N LYS A 275 -40.49 -6.00 5.26
CA LYS A 275 -41.32 -6.99 5.92
C LYS A 275 -41.26 -8.32 5.16
N ILE A 276 -41.19 -9.43 5.89
CA ILE A 276 -41.16 -10.77 5.33
C ILE A 276 -42.49 -11.43 5.64
N ASN A 277 -43.21 -11.88 4.61
CA ASN A 277 -44.49 -12.55 4.82
C ASN A 277 -44.24 -14.02 5.13
N ALA A 278 -44.67 -14.47 6.31
CA ALA A 278 -44.51 -15.85 6.73
C ALA A 278 -45.30 -16.83 5.85
N ALA A 279 -46.37 -16.35 5.18
CA ALA A 279 -47.20 -17.15 4.29
C ALA A 279 -46.43 -17.68 3.06
N TRP A 280 -45.27 -17.07 2.73
CA TRP A 280 -44.44 -17.52 1.62
C TRP A 280 -43.85 -18.90 1.89
N PHE A 281 -43.53 -19.19 3.15
CA PHE A 281 -42.90 -20.45 3.54
C PHE A 281 -43.84 -21.48 4.15
N LYS A 282 -45.17 -21.32 3.97
CA LYS A 282 -46.12 -22.27 4.53
C LYS A 282 -46.09 -23.61 3.80
N ASN A 283 -45.84 -23.57 2.48
CA ASN A 283 -45.75 -24.80 1.69
C ASN A 283 -44.31 -25.01 1.21
N MET A 284 -43.35 -24.74 2.08
CA MET A 284 -41.93 -24.87 1.79
C MET A 284 -41.23 -25.55 2.98
N PRO A 285 -41.46 -26.86 3.19
CA PRO A 285 -40.86 -27.52 4.36
C PRO A 285 -39.41 -27.96 4.19
N HIS A 286 -38.86 -27.94 2.97
CA HIS A 286 -37.49 -28.38 2.74
C HIS A 286 -36.49 -27.23 2.57
N LEU A 287 -36.93 -25.95 2.74
CA LEU A 287 -36.06 -24.78 2.56
C LEU A 287 -34.81 -24.88 3.42
N LYS A 288 -33.66 -25.08 2.79
CA LYS A 288 -32.37 -25.28 3.43
C LYS A 288 -31.50 -24.02 3.46
N VAL A 289 -31.46 -23.26 2.36
CA VAL A 289 -30.65 -22.04 2.30
C VAL A 289 -31.50 -20.81 2.02
N LEU A 290 -31.49 -19.84 2.95
CA LEU A 290 -32.25 -18.61 2.77
C LEU A 290 -31.31 -17.41 2.82
N ASP A 291 -31.27 -16.64 1.74
CA ASP A 291 -30.42 -15.46 1.64
C ASP A 291 -31.25 -14.20 1.74
N LEU A 292 -30.96 -13.36 2.74
CA LEU A 292 -31.67 -12.10 2.96
C LEU A 292 -30.73 -10.91 3.21
N GLU A 293 -29.55 -10.92 2.56
CA GLU A 293 -28.57 -9.85 2.68
C GLU A 293 -29.05 -8.56 2.05
N PHE A 294 -28.48 -7.41 2.47
CA PHE A 294 -28.76 -6.12 1.87
C PHE A 294 -30.24 -5.78 1.79
N ASN A 295 -30.92 -5.89 2.92
CA ASN A 295 -32.33 -5.55 3.06
C ASN A 295 -32.50 -4.62 4.28
N TYR A 296 -33.72 -4.35 4.74
CA TYR A 296 -33.94 -3.49 5.90
C TYR A 296 -34.77 -4.27 6.90
N LEU A 297 -34.26 -5.47 7.25
CA LEU A 297 -34.97 -6.40 8.10
C LEU A 297 -34.53 -6.41 9.58
N VAL A 298 -34.13 -5.25 10.15
CA VAL A 298 -33.77 -5.20 11.57
C VAL A 298 -35.01 -5.49 12.44
N GLY A 299 -36.16 -4.98 12.04
CA GLY A 299 -37.42 -5.23 12.72
C GLY A 299 -37.84 -6.69 12.63
N GLU A 300 -37.61 -7.30 11.46
CA GLU A 300 -37.89 -8.71 11.23
C GLU A 300 -36.96 -9.62 12.04
N ILE A 301 -35.72 -9.18 12.30
CA ILE A 301 -34.79 -9.95 13.11
C ILE A 301 -35.23 -9.96 14.59
N ALA A 302 -35.87 -8.86 15.04
CA ALA A 302 -36.36 -8.67 16.41
C ALA A 302 -37.71 -9.35 16.70
N SER A 303 -38.56 -9.57 15.68
CA SER A 303 -39.85 -10.21 15.89
C SER A 303 -40.04 -11.45 15.00
N GLY A 304 -39.91 -11.24 13.69
CA GLY A 304 -39.98 -12.26 12.64
C GLY A 304 -40.87 -13.47 12.83
N ALA A 305 -42.09 -13.40 12.29
CA ALA A 305 -43.03 -14.52 12.34
C ALA A 305 -42.55 -15.67 11.43
N PHE A 306 -41.80 -15.36 10.36
CA PHE A 306 -41.26 -16.30 9.38
C PHE A 306 -40.26 -17.30 9.98
N LEU A 307 -39.66 -16.98 11.13
CA LEU A 307 -38.69 -17.84 11.80
C LEU A 307 -39.30 -19.18 12.27
N THR A 308 -40.60 -19.21 12.52
CA THR A 308 -41.30 -20.43 12.92
C THR A 308 -41.60 -21.35 11.71
N MET A 309 -41.59 -20.80 10.48
CA MET A 309 -41.87 -21.53 9.24
C MET A 309 -40.65 -22.21 8.63
N LEU A 310 -39.47 -22.13 9.27
CA LEU A 310 -38.26 -22.71 8.70
C LEU A 310 -37.60 -23.77 9.62
N PRO A 311 -38.21 -24.96 9.76
CA PRO A 311 -37.62 -25.97 10.67
C PRO A 311 -36.45 -26.74 10.08
N ARG A 312 -36.32 -26.77 8.75
CA ARG A 312 -35.23 -27.50 8.10
C ARG A 312 -34.16 -26.60 7.47
N LEU A 313 -34.13 -25.32 7.86
CA LEU A 313 -33.17 -24.34 7.33
C LEU A 313 -31.80 -24.57 7.95
N GLU A 314 -30.77 -24.73 7.12
CA GLU A 314 -29.40 -24.95 7.59
C GLU A 314 -28.52 -23.71 7.45
N ILE A 315 -28.77 -22.86 6.45
CA ILE A 315 -27.97 -21.64 6.28
C ILE A 315 -28.86 -20.41 6.19
N LEU A 316 -28.74 -19.50 7.16
CA LEU A 316 -29.51 -18.26 7.16
C LEU A 316 -28.55 -17.08 7.09
N ASP A 317 -28.77 -16.17 6.14
CA ASP A 317 -27.90 -15.01 5.99
C ASP A 317 -28.70 -13.71 6.06
N LEU A 318 -28.48 -12.93 7.12
CA LEU A 318 -29.15 -11.64 7.29
C LEU A 318 -28.10 -10.53 7.36
N SER A 319 -27.06 -10.61 6.53
CA SER A 319 -25.98 -9.62 6.54
C SER A 319 -26.34 -8.29 5.89
N PHE A 320 -25.72 -7.22 6.38
CA PHE A 320 -25.87 -5.85 5.92
C PHE A 320 -27.32 -5.40 5.86
N ASN A 321 -28.02 -5.57 6.97
CA ASN A 321 -29.40 -5.12 7.11
C ASN A 321 -29.52 -3.94 8.07
N TYR A 322 -28.41 -3.24 8.39
CA TYR A 322 -28.37 -2.12 9.32
C TYR A 322 -29.32 -0.98 8.98
N ILE A 323 -29.77 -0.25 10.00
CA ILE A 323 -30.62 0.91 9.81
C ILE A 323 -29.69 2.12 9.76
N LYS A 324 -29.78 2.92 8.69
CA LYS A 324 -28.96 4.09 8.51
C LYS A 324 -29.17 5.11 9.62
N GLY A 325 -28.08 5.67 10.13
CA GLY A 325 -28.10 6.67 11.18
C GLY A 325 -28.14 6.13 12.60
N SER A 326 -28.25 4.80 12.76
CA SER A 326 -28.33 4.22 14.09
C SER A 326 -27.22 3.22 14.39
N TYR A 327 -26.75 3.26 15.64
CA TYR A 327 -25.70 2.38 16.15
C TYR A 327 -26.24 1.86 17.47
N PRO A 328 -27.14 0.86 17.44
CA PRO A 328 -27.76 0.38 18.68
C PRO A 328 -26.78 -0.24 19.68
N GLN A 329 -27.14 -0.21 20.96
CA GLN A 329 -26.29 -0.75 22.00
C GLN A 329 -26.20 -2.26 21.93
N HIS A 330 -27.32 -2.94 21.60
CA HIS A 330 -27.34 -4.40 21.52
C HIS A 330 -28.04 -4.91 20.27
N ILE A 331 -27.80 -6.18 19.91
CA ILE A 331 -28.47 -6.80 18.78
C ILE A 331 -29.81 -7.36 19.28
N ASN A 332 -30.91 -7.05 18.58
CA ASN A 332 -32.23 -7.53 19.00
C ASN A 332 -32.58 -8.81 18.26
N ILE A 333 -32.25 -9.96 18.85
CA ILE A 333 -32.53 -11.26 18.26
C ILE A 333 -33.84 -11.81 18.82
N SER A 334 -34.81 -12.11 17.93
CA SER A 334 -36.11 -12.65 18.32
C SER A 334 -35.99 -14.00 18.98
N ARG A 335 -36.90 -14.30 19.94
CA ARG A 335 -36.90 -15.62 20.58
C ARG A 335 -37.27 -16.73 19.60
N ASN A 336 -38.00 -16.40 18.51
CA ASN A 336 -38.37 -17.33 17.44
C ASN A 336 -37.16 -17.94 16.71
N PHE A 337 -35.94 -17.42 16.96
CA PHE A 337 -34.71 -17.96 16.41
C PHE A 337 -34.45 -19.39 16.93
N SER A 338 -35.01 -19.74 18.11
CA SER A 338 -34.93 -21.07 18.71
C SER A 338 -35.69 -22.13 17.91
N LYS A 339 -36.58 -21.71 17.00
CA LYS A 339 -37.36 -22.60 16.14
C LYS A 339 -36.59 -23.06 14.88
N LEU A 340 -35.35 -22.56 14.68
CA LEU A 340 -34.52 -22.97 13.54
C LEU A 340 -33.66 -24.15 14.02
N LEU A 341 -34.32 -25.30 14.26
CA LEU A 341 -33.69 -26.51 14.79
C LEU A 341 -32.62 -27.14 13.88
N SER A 342 -32.69 -26.90 12.56
CA SER A 342 -31.69 -27.46 11.64
C SER A 342 -30.49 -26.55 11.36
N LEU A 343 -30.54 -25.28 11.82
CA LEU A 343 -29.51 -24.28 11.58
C LEU A 343 -28.09 -24.76 11.83
N ARG A 344 -27.19 -24.50 10.89
CA ARG A 344 -25.79 -24.86 10.93
C ARG A 344 -24.91 -23.62 10.86
N ALA A 345 -25.31 -22.63 10.05
CA ALA A 345 -24.54 -21.40 9.89
C ALA A 345 -25.43 -20.17 9.91
N LEU A 346 -25.12 -19.24 10.80
CA LEU A 346 -25.85 -18.00 10.90
C LEU A 346 -24.91 -16.87 10.50
N HIS A 347 -25.26 -16.13 9.45
CA HIS A 347 -24.43 -15.00 9.00
C HIS A 347 -25.15 -13.72 9.36
N LEU A 348 -24.55 -12.93 10.25
CA LEU A 348 -25.12 -11.69 10.75
C LEU A 348 -24.13 -10.52 10.64
N ARG A 349 -23.45 -10.39 9.49
CA ARG A 349 -22.53 -9.28 9.27
C ARG A 349 -23.30 -7.97 9.06
N GLY A 350 -22.63 -6.84 9.11
CA GLY A 350 -23.23 -5.54 8.85
C GLY A 350 -24.50 -5.16 9.58
N TYR A 351 -24.76 -5.76 10.75
CA TYR A 351 -25.92 -5.36 11.56
C TYR A 351 -25.59 -4.01 12.24
N VAL A 352 -24.30 -3.81 12.62
CA VAL A 352 -23.73 -2.62 13.25
C VAL A 352 -24.37 -2.36 14.61
N PHE A 353 -23.72 -2.87 15.66
CA PHE A 353 -24.15 -2.70 17.05
C PHE A 353 -22.93 -2.62 17.99
N GLN A 354 -23.10 -2.00 19.16
CA GLN A 354 -21.98 -1.74 20.08
C GLN A 354 -21.61 -2.84 21.07
N GLU A 355 -22.56 -3.67 21.51
CA GLU A 355 -22.27 -4.67 22.54
C GLU A 355 -23.04 -5.97 22.42
N LEU A 356 -22.34 -7.09 22.60
CA LEU A 356 -22.97 -8.40 22.55
C LEU A 356 -23.00 -9.01 23.95
N ARG A 357 -24.20 -9.10 24.54
CA ARG A 357 -24.37 -9.67 25.88
C ARG A 357 -24.74 -11.16 25.81
N GLU A 358 -24.65 -11.86 26.94
CA GLU A 358 -25.02 -13.27 27.02
C GLU A 358 -26.51 -13.46 26.77
N ASP A 359 -27.35 -12.51 27.21
CA ASP A 359 -28.80 -12.60 27.02
C ASP A 359 -29.25 -12.32 25.59
N ASP A 360 -28.43 -11.63 24.79
CA ASP A 360 -28.79 -11.32 23.41
C ASP A 360 -28.79 -12.55 22.52
N PHE A 361 -27.88 -13.49 22.79
CA PHE A 361 -27.79 -14.71 21.99
C PHE A 361 -28.43 -15.93 22.66
N GLN A 362 -29.38 -15.70 23.58
CA GLN A 362 -30.10 -16.77 24.28
C GLN A 362 -30.94 -17.65 23.33
N PRO A 363 -31.65 -17.12 22.30
CA PRO A 363 -32.42 -18.02 21.42
C PRO A 363 -31.61 -18.88 20.46
N LEU A 364 -30.26 -18.91 20.59
CA LEU A 364 -29.42 -19.71 19.69
C LEU A 364 -28.62 -20.81 20.41
N MET A 365 -28.48 -20.70 21.74
CA MET A 365 -27.67 -21.62 22.54
C MET A 365 -28.20 -23.05 22.63
N GLN A 366 -29.46 -23.30 22.22
CA GLN A 366 -30.00 -24.67 22.26
C GLN A 366 -30.08 -25.36 20.90
N LEU A 367 -29.68 -24.68 19.80
CA LEU A 367 -29.70 -25.28 18.47
C LEU A 367 -28.58 -26.32 18.40
N PRO A 368 -28.92 -27.59 18.11
CA PRO A 368 -27.91 -28.66 18.17
C PRO A 368 -26.86 -28.66 17.07
N ASN A 369 -27.19 -28.17 15.87
CA ASN A 369 -26.25 -28.21 14.76
C ASN A 369 -25.62 -26.87 14.39
N LEU A 370 -25.90 -25.78 15.14
CA LEU A 370 -25.34 -24.47 14.86
C LEU A 370 -23.83 -24.44 15.13
N SER A 371 -23.03 -24.55 14.08
CA SER A 371 -21.58 -24.58 14.21
C SER A 371 -20.86 -23.32 13.74
N THR A 372 -21.53 -22.45 12.99
CA THR A 372 -20.91 -21.25 12.47
C THR A 372 -21.67 -19.98 12.82
N ILE A 373 -20.98 -19.02 13.47
CA ILE A 373 -21.57 -17.73 13.78
C ILE A 373 -20.72 -16.64 13.14
N ASN A 374 -21.26 -15.98 12.13
CA ASN A 374 -20.55 -14.94 11.42
C ASN A 374 -20.98 -13.57 11.94
N LEU A 375 -20.08 -12.87 12.63
CA LEU A 375 -20.36 -11.54 13.17
C LEU A 375 -19.37 -10.48 12.68
N GLY A 376 -18.81 -10.67 11.49
CA GLY A 376 -17.85 -9.73 10.93
C GLY A 376 -18.46 -8.40 10.55
N ILE A 377 -17.63 -7.35 10.48
CA ILE A 377 -18.05 -5.99 10.10
C ILE A 377 -19.29 -5.51 10.87
N ASN A 378 -19.23 -5.58 12.21
CA ASN A 378 -20.33 -5.15 13.08
C ASN A 378 -19.96 -4.00 14.02
N PHE A 379 -18.66 -3.67 14.13
CA PHE A 379 -18.14 -2.59 14.96
C PHE A 379 -18.49 -2.77 16.43
N ILE A 380 -18.49 -4.01 16.92
CA ILE A 380 -18.81 -4.31 18.32
C ILE A 380 -17.65 -3.86 19.18
N LYS A 381 -17.89 -3.00 20.18
CA LYS A 381 -16.81 -2.50 21.03
C LYS A 381 -16.43 -3.46 22.14
N GLN A 382 -17.38 -4.27 22.60
CA GLN A 382 -17.13 -5.18 23.72
C GLN A 382 -18.04 -6.40 23.61
N ILE A 383 -17.50 -7.60 23.86
CA ILE A 383 -18.28 -8.84 23.80
C ILE A 383 -18.18 -9.58 25.12
N ASP A 384 -19.29 -10.12 25.61
CA ASP A 384 -19.28 -10.93 26.83
C ASP A 384 -18.87 -12.32 26.34
N PHE A 385 -17.56 -12.59 26.23
CA PHE A 385 -17.02 -13.84 25.68
C PHE A 385 -17.44 -15.15 26.37
N LYS A 386 -18.03 -15.07 27.58
CA LYS A 386 -18.50 -16.28 28.25
C LYS A 386 -19.74 -16.91 27.59
N LEU A 387 -20.48 -16.13 26.77
CA LEU A 387 -21.66 -16.62 26.08
C LEU A 387 -21.36 -17.73 25.07
N PHE A 388 -20.12 -17.79 24.56
CA PHE A 388 -19.74 -18.83 23.60
C PHE A 388 -19.61 -20.22 24.25
N GLN A 389 -19.37 -20.27 25.58
CA GLN A 389 -19.33 -21.53 26.32
C GLN A 389 -20.73 -22.17 26.38
N ASN A 390 -21.77 -21.35 26.42
CA ASN A 390 -23.17 -21.73 26.47
C ASN A 390 -23.65 -22.48 25.21
N PHE A 391 -22.88 -22.41 24.11
CA PHE A 391 -23.23 -23.10 22.88
C PHE A 391 -22.85 -24.58 22.94
N SER A 392 -23.55 -25.42 22.15
CA SER A 392 -23.30 -26.85 22.17
C SER A 392 -22.35 -27.34 21.08
N ASN A 393 -22.49 -26.84 19.85
CA ASN A 393 -21.65 -27.32 18.75
C ASN A 393 -20.97 -26.21 17.95
N LEU A 394 -20.58 -25.11 18.60
CA LEU A 394 -19.89 -24.01 17.92
C LEU A 394 -18.47 -24.39 17.51
N GLU A 395 -18.15 -24.27 16.22
CA GLU A 395 -16.83 -24.58 15.70
C GLU A 395 -16.14 -23.38 15.04
N ILE A 396 -16.93 -22.41 14.54
CA ILE A 396 -16.39 -21.22 13.89
C ILE A 396 -17.02 -19.94 14.44
N ILE A 397 -16.23 -19.14 15.18
CA ILE A 397 -16.66 -17.86 15.71
C ILE A 397 -15.89 -16.79 14.97
N TYR A 398 -16.50 -16.21 13.93
CA TYR A 398 -15.85 -15.21 13.11
C TYR A 398 -16.21 -13.81 13.58
N LEU A 399 -15.25 -13.11 14.22
CA LEU A 399 -15.46 -11.77 14.75
C LEU A 399 -14.55 -10.72 14.12
N SER A 400 -14.07 -10.97 12.90
CA SER A 400 -13.17 -10.03 12.22
C SER A 400 -13.84 -8.69 11.93
N GLU A 401 -13.03 -7.63 11.76
CA GLU A 401 -13.50 -6.28 11.48
C GLU A 401 -14.51 -5.77 12.50
N ASN A 402 -14.16 -5.88 13.78
CA ASN A 402 -14.96 -5.38 14.88
C ASN A 402 -14.10 -4.39 15.73
N ARG A 403 -14.60 -3.89 16.88
CA ARG A 403 -13.83 -2.93 17.68
C ARG A 403 -13.44 -3.44 19.07
N ILE A 404 -13.15 -4.75 19.21
CA ILE A 404 -12.75 -5.31 20.50
C ILE A 404 -11.44 -4.67 20.97
N SER A 405 -11.39 -4.25 22.23
CA SER A 405 -10.23 -3.57 22.84
C SER A 405 -9.47 -4.49 23.85
N PRO A 406 -8.25 -4.11 24.32
CA PRO A 406 -7.54 -4.96 25.29
C PRO A 406 -8.28 -5.14 26.63
N LEU A 407 -8.20 -6.39 27.18
CA LEU A 407 -8.84 -6.86 28.41
C LEU A 407 -10.36 -6.89 28.28
N ASP A 436 -16.52 -11.76 -12.62
CA ASP A 436 -16.94 -13.16 -12.71
C ASP A 436 -18.45 -13.26 -12.69
N PRO A 437 -19.06 -13.64 -13.82
CA PRO A 437 -20.53 -13.78 -13.85
C PRO A 437 -21.04 -15.08 -13.22
N HIS A 438 -20.16 -16.08 -13.03
CA HIS A 438 -20.54 -17.37 -12.42
C HIS A 438 -20.19 -17.37 -10.92
N SER A 439 -20.45 -16.24 -10.24
CA SER A 439 -20.12 -16.12 -8.82
C SER A 439 -21.32 -15.72 -7.95
N ASN A 440 -21.21 -15.98 -6.64
CA ASN A 440 -22.24 -15.58 -5.69
C ASN A 440 -21.84 -14.16 -5.27
N PHE A 441 -22.54 -13.15 -5.81
CA PHE A 441 -22.20 -11.76 -5.57
C PHE A 441 -22.79 -11.13 -4.31
N TYR A 442 -23.41 -11.93 -3.42
CA TYR A 442 -24.01 -11.37 -2.20
C TYR A 442 -23.63 -12.14 -0.94
N HIS A 443 -23.44 -13.45 -1.05
CA HIS A 443 -23.11 -14.28 0.10
C HIS A 443 -21.62 -14.61 0.12
N PHE A 444 -21.01 -14.62 1.31
CA PHE A 444 -19.59 -14.93 1.47
C PHE A 444 -19.40 -16.45 1.40
N THR A 445 -19.03 -16.96 0.21
CA THR A 445 -18.85 -18.39 -0.02
C THR A 445 -17.49 -18.94 0.38
N ARG A 446 -16.44 -18.09 0.35
CA ARG A 446 -15.10 -18.51 0.74
C ARG A 446 -15.03 -18.85 2.24
N PRO A 447 -14.14 -19.76 2.69
CA PRO A 447 -14.09 -20.09 4.12
C PRO A 447 -13.79 -18.88 4.99
N LEU A 448 -14.59 -18.66 6.03
CA LEU A 448 -14.41 -17.52 6.96
C LEU A 448 -13.03 -17.57 7.60
N ILE A 449 -12.64 -18.75 8.08
CA ILE A 449 -11.33 -18.98 8.66
C ILE A 449 -10.62 -20.05 7.80
N LYS A 450 -9.30 -19.91 7.59
CA LYS A 450 -8.52 -20.83 6.76
C LYS A 450 -8.73 -22.30 7.16
N PRO A 451 -9.07 -23.18 6.20
CA PRO A 451 -9.32 -24.59 6.53
C PRO A 451 -8.23 -25.29 7.35
N GLN A 452 -6.96 -24.95 7.11
CA GLN A 452 -5.84 -25.53 7.86
C GLN A 452 -5.85 -25.16 9.35
N CYS A 453 -6.51 -24.04 9.69
CA CYS A 453 -6.63 -23.57 11.06
C CYS A 453 -7.84 -24.21 11.72
N ALA A 454 -9.01 -24.16 11.07
CA ALA A 454 -10.26 -24.72 11.57
C ALA A 454 -10.24 -26.23 11.75
N ALA A 455 -9.34 -26.93 11.04
CA ALA A 455 -9.24 -28.39 11.16
C ALA A 455 -8.75 -28.85 12.54
N TYR A 456 -8.06 -27.98 13.28
CA TYR A 456 -7.55 -28.30 14.61
C TYR A 456 -8.63 -28.34 15.70
N GLY A 457 -9.74 -27.63 15.48
CA GLY A 457 -10.83 -27.60 16.44
C GLY A 457 -11.60 -26.30 16.44
N LYS A 458 -11.99 -25.81 17.63
CA LYS A 458 -12.74 -24.57 17.75
C LYS A 458 -11.92 -23.40 17.24
N ALA A 459 -12.48 -22.64 16.29
CA ALA A 459 -11.77 -21.52 15.69
C ALA A 459 -12.39 -20.18 16.06
N LEU A 460 -11.57 -19.24 16.52
CA LEU A 460 -12.00 -17.90 16.87
C LEU A 460 -11.17 -16.89 16.05
N ASP A 461 -11.82 -16.02 15.30
CA ASP A 461 -11.13 -15.05 14.47
C ASP A 461 -11.36 -13.66 15.04
N LEU A 462 -10.34 -13.09 15.68
CA LEU A 462 -10.41 -11.75 16.26
C LEU A 462 -9.55 -10.73 15.49
N SER A 463 -9.32 -10.97 14.19
CA SER A 463 -8.50 -10.10 13.35
C SER A 463 -9.17 -8.77 12.99
N LEU A 464 -8.36 -7.75 12.61
CA LEU A 464 -8.83 -6.43 12.21
C LEU A 464 -9.70 -5.78 13.27
N ASN A 465 -9.26 -5.86 14.53
CA ASN A 465 -9.97 -5.28 15.68
C ASN A 465 -9.09 -4.16 16.31
N SER A 466 -9.39 -3.74 17.56
CA SER A 466 -8.58 -2.72 18.22
C SER A 466 -7.76 -3.29 19.38
N ILE A 467 -7.35 -4.55 19.28
CA ILE A 467 -6.56 -5.19 20.33
C ILE A 467 -5.10 -4.78 20.10
N PHE A 468 -4.74 -3.55 20.48
CA PHE A 468 -3.38 -3.05 20.31
C PHE A 468 -2.34 -3.68 21.26
N PHE A 469 -2.81 -4.47 22.25
CA PHE A 469 -2.00 -5.25 23.18
C PHE A 469 -2.87 -6.34 23.83
N ILE A 470 -2.28 -7.51 24.12
CA ILE A 470 -3.02 -8.60 24.76
C ILE A 470 -3.22 -8.32 26.25
N GLY A 471 -4.43 -7.92 26.62
CA GLY A 471 -4.77 -7.60 28.00
C GLY A 471 -4.76 -8.83 28.90
N PRO A 472 -4.72 -8.62 30.22
CA PRO A 472 -4.69 -9.79 31.13
C PRO A 472 -5.96 -10.63 31.08
N ASN A 473 -7.12 -10.00 30.86
CA ASN A 473 -8.40 -10.71 30.76
C ASN A 473 -8.86 -10.91 29.31
N GLN A 474 -7.93 -10.86 28.34
CA GLN A 474 -8.26 -10.96 26.93
C GLN A 474 -8.98 -12.24 26.52
N PHE A 475 -8.50 -13.39 26.99
CA PHE A 475 -9.08 -14.67 26.60
C PHE A 475 -9.81 -15.40 27.72
N GLU A 476 -10.09 -14.73 28.85
CA GLU A 476 -10.79 -15.38 29.96
C GLU A 476 -12.25 -15.67 29.60
N ASN A 477 -12.77 -16.80 30.12
CA ASN A 477 -14.12 -17.30 29.90
C ASN A 477 -14.39 -17.72 28.45
N LEU A 478 -13.34 -18.09 27.71
CA LEU A 478 -13.47 -18.54 26.33
C LEU A 478 -13.49 -20.06 26.27
N PRO A 479 -14.15 -20.66 25.26
CA PRO A 479 -14.12 -22.13 25.13
C PRO A 479 -12.70 -22.67 24.85
N ASP A 480 -12.57 -23.99 24.64
CA ASP A 480 -11.27 -24.59 24.34
C ASP A 480 -10.89 -24.27 22.89
N ILE A 481 -10.28 -23.10 22.67
CA ILE A 481 -9.89 -22.62 21.36
C ILE A 481 -8.66 -23.34 20.80
N ALA A 482 -8.79 -23.96 19.63
CA ALA A 482 -7.68 -24.63 18.96
C ALA A 482 -7.10 -23.82 17.78
N CYS A 483 -7.84 -22.83 17.28
CA CYS A 483 -7.42 -22.00 16.17
C CYS A 483 -7.71 -20.55 16.54
N LEU A 484 -6.69 -19.70 16.56
CA LEU A 484 -6.89 -18.30 16.91
C LEU A 484 -6.26 -17.36 15.89
N ASN A 485 -7.00 -16.32 15.48
CA ASN A 485 -6.48 -15.35 14.54
C ASN A 485 -6.47 -13.96 15.15
N LEU A 486 -5.26 -13.44 15.43
CA LEU A 486 -5.13 -12.08 15.96
C LEU A 486 -4.49 -11.13 14.94
N SER A 487 -4.57 -11.44 13.64
CA SER A 487 -4.00 -10.67 12.55
C SER A 487 -4.43 -9.22 12.48
N ALA A 488 -3.55 -8.36 11.95
CA ALA A 488 -3.78 -6.93 11.73
C ALA A 488 -4.50 -6.21 12.87
N ASN A 489 -3.96 -6.36 14.06
CA ASN A 489 -4.53 -5.71 15.25
C ASN A 489 -3.61 -4.61 15.80
N SER A 490 -2.51 -4.27 15.10
CA SER A 490 -1.49 -3.32 15.55
C SER A 490 -0.98 -3.68 16.95
N ASN A 491 -0.94 -4.99 17.25
CA ASN A 491 -0.59 -5.51 18.56
C ASN A 491 0.89 -5.39 18.86
N ALA A 492 1.24 -4.60 19.89
CA ALA A 492 2.62 -4.45 20.28
C ALA A 492 2.94 -5.23 21.57
N GLN A 493 2.23 -6.35 21.83
CA GLN A 493 2.47 -7.13 23.04
C GLN A 493 3.89 -7.68 23.16
N VAL A 494 4.52 -7.46 24.31
CA VAL A 494 5.82 -8.03 24.62
C VAL A 494 5.49 -9.40 25.21
N LEU A 495 5.55 -10.45 24.40
CA LEU A 495 5.18 -11.80 24.81
C LEU A 495 6.10 -12.36 25.90
N SER A 496 5.50 -13.01 26.92
CA SER A 496 6.29 -13.53 28.04
C SER A 496 5.85 -14.90 28.58
N GLY A 497 4.85 -15.54 27.99
CA GLY A 497 4.44 -16.88 28.43
C GLY A 497 3.20 -16.94 29.30
N THR A 498 2.47 -15.82 29.43
CA THR A 498 1.26 -15.79 30.25
C THR A 498 0.02 -15.26 29.51
N GLU A 499 0.20 -14.67 28.32
CA GLU A 499 -0.88 -14.06 27.53
C GLU A 499 -1.98 -15.03 27.08
N PHE A 500 -1.61 -16.26 26.77
CA PHE A 500 -2.56 -17.28 26.28
C PHE A 500 -2.74 -18.39 27.30
N SER A 501 -2.75 -18.04 28.60
CA SER A 501 -2.92 -19.04 29.65
C SER A 501 -4.36 -19.51 29.77
N ALA A 502 -5.34 -18.65 29.44
CA ALA A 502 -6.75 -19.06 29.50
C ALA A 502 -7.18 -19.95 28.35
N ILE A 503 -6.41 -19.98 27.26
CA ILE A 503 -6.68 -20.84 26.10
C ILE A 503 -5.37 -21.56 25.75
N PRO A 504 -4.91 -22.53 26.57
CA PRO A 504 -3.60 -23.13 26.31
C PRO A 504 -3.56 -24.24 25.28
N HIS A 505 -4.68 -24.57 24.65
CA HIS A 505 -4.70 -25.64 23.66
C HIS A 505 -4.79 -25.13 22.22
N VAL A 506 -4.20 -23.95 21.97
CA VAL A 506 -4.19 -23.39 20.63
C VAL A 506 -3.15 -24.14 19.81
N LYS A 507 -3.58 -24.78 18.73
CA LYS A 507 -2.65 -25.52 17.87
C LYS A 507 -2.21 -24.70 16.64
N TYR A 508 -3.05 -23.75 16.21
CA TYR A 508 -2.73 -22.90 15.05
C TYR A 508 -2.95 -21.45 15.49
N LEU A 509 -1.87 -20.68 15.61
CA LEU A 509 -1.95 -19.28 16.03
C LEU A 509 -1.48 -18.35 14.91
N ASP A 510 -2.38 -17.48 14.44
CA ASP A 510 -2.04 -16.51 13.39
C ASP A 510 -1.85 -15.15 14.03
N LEU A 511 -0.61 -14.67 14.06
CA LEU A 511 -0.28 -13.36 14.62
C LEU A 511 0.25 -12.40 13.54
N THR A 512 -0.11 -12.61 12.26
CA THR A 512 0.37 -11.79 11.15
C THR A 512 -0.01 -10.32 11.23
N ASN A 513 0.80 -9.45 10.60
CA ASN A 513 0.55 -8.01 10.51
C ASN A 513 0.41 -7.31 11.86
N ASN A 514 1.36 -7.53 12.77
CA ASN A 514 1.36 -6.92 14.09
C ASN A 514 2.79 -6.35 14.45
N ARG A 515 2.95 -5.77 15.65
CA ARG A 515 4.23 -5.23 16.10
C ARG A 515 4.73 -6.00 17.34
N LEU A 516 4.51 -7.32 17.36
CA LEU A 516 4.84 -8.17 18.49
C LEU A 516 6.33 -8.25 18.81
N ASP A 517 6.62 -8.44 20.09
CA ASP A 517 7.97 -8.57 20.62
C ASP A 517 8.07 -9.98 21.22
N PHE A 518 8.76 -10.89 20.53
CA PHE A 518 8.91 -12.26 20.99
C PHE A 518 10.37 -12.59 21.29
N ASP A 519 11.11 -11.62 21.84
CA ASP A 519 12.52 -11.78 22.19
C ASP A 519 12.69 -12.64 23.45
N ASN A 520 11.71 -12.63 24.37
CA ASN A 520 11.80 -13.42 25.60
C ASN A 520 11.77 -14.92 25.24
N ALA A 521 12.64 -15.72 25.86
CA ALA A 521 12.69 -17.16 25.62
C ALA A 521 11.39 -17.90 26.02
N SER A 522 10.55 -17.25 26.84
CA SER A 522 9.29 -17.83 27.28
C SER A 522 8.10 -17.45 26.38
N ALA A 523 8.29 -16.56 25.39
CA ALA A 523 7.20 -16.15 24.49
C ALA A 523 6.47 -17.32 23.84
N LEU A 524 5.13 -17.36 23.98
CA LEU A 524 4.22 -18.35 23.41
C LEU A 524 4.40 -19.78 23.93
N THR A 525 5.35 -20.03 24.86
CA THR A 525 5.63 -21.37 25.41
C THR A 525 4.49 -21.95 26.26
N GLU A 526 3.50 -21.14 26.63
CA GLU A 526 2.33 -21.64 27.37
C GLU A 526 1.42 -22.48 26.44
N LEU A 527 1.53 -22.29 25.11
CA LEU A 527 0.79 -23.07 24.12
C LEU A 527 1.64 -24.29 23.79
N SER A 528 1.68 -25.25 24.73
CA SER A 528 2.46 -26.47 24.61
C SER A 528 2.11 -27.33 23.40
N ASP A 529 0.86 -27.27 22.94
CA ASP A 529 0.44 -28.05 21.77
C ASP A 529 0.51 -27.26 20.46
N LEU A 530 1.19 -26.10 20.43
CA LEU A 530 1.30 -25.28 19.24
C LEU A 530 1.98 -26.02 18.10
N GLU A 531 1.32 -26.09 16.94
CA GLU A 531 1.83 -26.77 15.75
C GLU A 531 2.14 -25.78 14.65
N VAL A 532 1.29 -24.76 14.46
CA VAL A 532 1.50 -23.78 13.39
C VAL A 532 1.53 -22.37 13.95
N LEU A 533 2.65 -21.66 13.77
CA LEU A 533 2.77 -20.28 14.23
C LEU A 533 3.04 -19.38 13.03
N ASP A 534 2.16 -18.39 12.82
CA ASP A 534 2.30 -17.46 11.69
C ASP A 534 2.66 -16.06 12.18
N LEU A 535 3.90 -15.63 11.92
CA LEU A 535 4.37 -14.31 12.33
C LEU A 535 4.73 -13.43 11.13
N SER A 536 4.09 -13.64 9.97
CA SER A 536 4.36 -12.86 8.77
C SER A 536 4.11 -11.38 8.95
N TYR A 537 4.97 -10.55 8.33
CA TYR A 537 4.89 -9.08 8.35
C TYR A 537 4.90 -8.49 9.76
N ASN A 538 5.67 -9.08 10.66
CA ASN A 538 5.74 -8.59 12.03
C ASN A 538 6.91 -7.62 12.19
N SER A 539 6.61 -6.32 12.26
CA SER A 539 7.65 -5.31 12.45
C SER A 539 7.86 -5.10 13.94
N HIS A 540 9.04 -5.44 14.46
CA HIS A 540 9.36 -5.27 15.88
C HIS A 540 9.19 -3.82 16.32
N TYR A 541 8.53 -3.60 17.47
CA TYR A 541 8.27 -2.24 17.95
C TYR A 541 9.17 -1.79 19.10
N PHE A 542 9.84 -2.73 19.79
CA PHE A 542 10.71 -2.38 20.92
C PHE A 542 12.07 -3.05 20.76
N ARG A 543 12.73 -2.78 19.62
CA ARG A 543 14.01 -3.36 19.25
C ARG A 543 15.18 -2.99 20.17
N ILE A 544 15.78 -3.99 20.83
CA ILE A 544 16.93 -3.78 21.69
C ILE A 544 18.19 -4.12 20.90
N ALA A 545 19.21 -3.24 20.96
CA ALA A 545 20.46 -3.36 20.22
C ALA A 545 21.14 -4.75 20.32
N GLY A 546 21.25 -5.29 21.52
CA GLY A 546 21.87 -6.60 21.70
C GLY A 546 20.89 -7.70 22.02
N VAL A 547 19.62 -7.55 21.62
CA VAL A 547 18.60 -8.57 21.91
C VAL A 547 17.80 -8.97 20.67
N THR A 548 17.16 -8.00 19.98
CA THR A 548 16.37 -8.31 18.78
C THR A 548 17.28 -8.71 17.62
N HIS A 549 17.03 -9.86 16.97
CA HIS A 549 15.94 -10.79 17.26
C HIS A 549 16.46 -11.97 18.09
N HIS A 550 15.68 -12.40 19.09
CA HIS A 550 16.06 -13.53 19.94
C HIS A 550 15.05 -14.64 19.71
N LEU A 551 15.41 -15.65 18.93
CA LEU A 551 14.48 -16.73 18.59
C LEU A 551 14.63 -17.99 19.46
N GLU A 552 14.97 -17.83 20.75
CA GLU A 552 15.15 -18.96 21.66
C GLU A 552 13.85 -19.68 22.03
N PHE A 553 12.70 -19.00 21.89
CA PHE A 553 11.40 -19.57 22.25
C PHE A 553 11.00 -20.81 21.44
N ILE A 554 11.52 -20.94 20.22
CA ILE A 554 11.23 -22.03 19.30
C ILE A 554 11.59 -23.43 19.82
N GLN A 555 12.75 -23.59 20.51
CA GLN A 555 13.17 -24.90 21.00
C GLN A 555 12.30 -25.46 22.14
N ASN A 556 11.53 -24.63 22.84
CA ASN A 556 10.67 -25.10 23.93
C ASN A 556 9.47 -25.92 23.42
N PHE A 557 9.05 -25.72 22.16
CA PHE A 557 7.90 -26.43 21.62
C PHE A 557 8.17 -27.88 21.23
N THR A 558 7.41 -28.80 21.82
CA THR A 558 7.54 -30.23 21.56
C THR A 558 6.81 -30.69 20.29
N ASN A 559 5.88 -29.87 19.76
CA ASN A 559 5.13 -30.27 18.57
C ASN A 559 4.95 -29.17 17.54
N LEU A 560 5.84 -28.18 17.50
CA LEU A 560 5.76 -27.10 16.51
C LEU A 560 6.23 -27.63 15.16
N LYS A 561 5.33 -27.71 14.17
CA LYS A 561 5.65 -28.22 12.85
C LYS A 561 5.94 -27.14 11.81
N VAL A 562 5.15 -26.05 11.81
CA VAL A 562 5.32 -24.99 10.81
C VAL A 562 5.50 -23.61 11.44
N LEU A 563 6.59 -22.92 11.10
CA LEU A 563 6.84 -21.57 11.60
C LEU A 563 7.06 -20.64 10.41
N ASN A 564 6.31 -19.55 10.36
CA ASN A 564 6.44 -18.58 9.29
C ASN A 564 6.96 -17.26 9.85
N LEU A 565 8.24 -16.96 9.60
CA LEU A 565 8.86 -15.71 10.03
C LEU A 565 9.09 -14.79 8.82
N SER A 566 8.23 -14.87 7.79
CA SER A 566 8.40 -14.06 6.59
C SER A 566 8.18 -12.58 6.83
N HIS A 567 8.91 -11.76 6.06
CA HIS A 567 8.86 -10.30 6.07
C HIS A 567 8.93 -9.72 7.46
N ASN A 568 9.80 -10.29 8.29
CA ASN A 568 10.03 -9.85 9.66
C ASN A 568 11.24 -8.90 9.79
N ASN A 569 11.97 -8.65 8.68
CA ASN A 569 13.16 -7.81 8.64
C ASN A 569 14.20 -8.28 9.65
N ILE A 570 14.47 -9.58 9.66
CA ILE A 570 15.46 -10.14 10.57
C ILE A 570 16.84 -9.97 9.96
N TYR A 571 17.60 -9.00 10.49
CA TYR A 571 18.96 -8.73 10.02
C TYR A 571 20.03 -9.00 11.09
N THR A 572 19.61 -9.26 12.35
CA THR A 572 20.51 -9.55 13.45
C THR A 572 19.87 -10.53 14.42
N LEU A 573 20.66 -11.48 14.92
CA LEU A 573 20.19 -12.49 15.86
C LEU A 573 21.08 -12.52 17.11
N THR A 574 20.51 -12.92 18.24
CA THR A 574 21.26 -13.01 19.48
C THR A 574 21.03 -14.37 20.15
N LYS A 576 23.57 -17.64 21.86
CA LYS A 576 22.27 -18.25 21.56
C LYS A 576 21.76 -17.81 20.18
N TYR A 577 22.67 -17.59 19.21
CA TYR A 577 22.34 -17.14 17.86
C TYR A 577 21.56 -18.18 17.04
N ASN A 578 21.89 -19.45 17.23
CA ASN A 578 21.33 -20.58 16.47
C ASN A 578 19.85 -20.90 16.76
N LEU A 579 19.17 -21.52 15.78
CA LEU A 579 17.77 -21.94 15.91
C LEU A 579 17.71 -23.46 16.07
N GLU A 580 17.18 -23.95 17.19
CA GLU A 580 17.09 -25.39 17.42
C GLU A 580 15.63 -25.86 17.60
N SER A 581 15.33 -27.09 17.16
CA SER A 581 13.99 -27.69 17.26
C SER A 581 14.00 -29.13 16.79
N LYS A 582 13.35 -30.02 17.55
CA LYS A 582 13.27 -31.43 17.17
C LYS A 582 11.98 -31.80 16.42
N SER A 583 10.97 -30.91 16.42
CA SER A 583 9.71 -31.18 15.75
C SER A 583 9.46 -30.33 14.51
N LEU A 584 10.20 -29.21 14.34
CA LEU A 584 10.01 -28.32 13.20
C LEU A 584 10.22 -29.02 11.87
N VAL A 585 9.27 -28.86 10.96
CA VAL A 585 9.27 -29.50 9.65
C VAL A 585 9.37 -28.44 8.53
N GLU A 586 8.77 -27.26 8.73
CA GLU A 586 8.79 -26.22 7.72
C GLU A 586 9.08 -24.84 8.30
N LEU A 587 10.08 -24.15 7.73
CA LEU A 587 10.42 -22.80 8.16
C LEU A 587 10.37 -21.84 6.97
N VAL A 588 9.57 -20.77 7.08
CA VAL A 588 9.51 -19.76 6.04
C VAL A 588 10.30 -18.55 6.52
N PHE A 589 11.47 -18.31 5.93
CA PHE A 589 12.32 -17.18 6.32
C PHE A 589 12.42 -16.13 5.18
N SER A 590 11.40 -16.06 4.31
CA SER A 590 11.41 -15.11 3.20
C SER A 590 11.28 -13.65 3.65
N GLY A 591 11.71 -12.71 2.80
CA GLY A 591 11.62 -11.29 3.11
C GLY A 591 12.41 -10.84 4.32
N ASN A 592 13.50 -11.56 4.62
CA ASN A 592 14.38 -11.23 5.74
C ASN A 592 15.76 -10.77 5.19
N ARG A 593 16.76 -10.56 6.05
CA ARG A 593 18.07 -10.12 5.59
C ARG A 593 19.17 -11.15 5.83
N LEU A 594 19.11 -12.28 5.11
CA LEU A 594 20.16 -13.30 5.22
C LEU A 594 21.50 -12.85 4.61
N ASP A 595 21.49 -11.80 3.79
CA ASP A 595 22.70 -11.25 3.20
C ASP A 595 23.53 -10.56 4.29
N ILE A 596 22.87 -9.80 5.18
CA ILE A 596 23.54 -9.12 6.30
C ILE A 596 24.03 -10.15 7.32
N LEU A 597 23.21 -11.18 7.59
CA LEU A 597 23.56 -12.24 8.53
C LEU A 597 24.77 -13.05 8.05
N TRP A 598 24.90 -13.24 6.73
CA TRP A 598 26.03 -13.97 6.18
C TRP A 598 27.12 -13.04 5.67
N ASN A 603 31.35 -14.45 11.51
CA ASN A 603 30.78 -15.73 11.08
C ASN A 603 29.93 -16.36 12.18
N ARG A 604 29.17 -15.53 12.90
CA ARG A 604 28.32 -15.98 14.01
C ARG A 604 27.03 -16.66 13.55
N TYR A 605 26.64 -16.50 12.29
CA TYR A 605 25.37 -17.04 11.80
C TYR A 605 25.55 -18.05 10.68
N ILE A 606 26.64 -18.82 10.72
CA ILE A 606 26.93 -19.83 9.72
C ILE A 606 26.03 -21.06 9.92
N SER A 607 25.89 -21.50 11.17
CA SER A 607 25.05 -22.66 11.48
C SER A 607 23.71 -22.23 12.07
N ILE A 608 23.14 -21.14 11.53
CA ILE A 608 21.87 -20.53 11.94
C ILE A 608 20.68 -21.53 11.98
N PHE A 609 20.56 -22.41 10.97
CA PHE A 609 19.46 -23.39 10.95
C PHE A 609 19.94 -24.83 11.13
N LYS A 610 21.16 -25.05 11.62
CA LYS A 610 21.71 -26.39 11.80
C LYS A 610 20.97 -27.22 12.86
N GLY A 611 20.48 -26.55 13.89
CA GLY A 611 19.75 -27.18 14.99
C GLY A 611 18.37 -27.70 14.63
N LEU A 612 17.85 -27.33 13.46
CA LEU A 612 16.54 -27.78 12.99
C LEU A 612 16.74 -29.12 12.27
N LYS A 613 17.21 -30.13 13.02
CA LYS A 613 17.54 -31.47 12.55
C LYS A 613 16.41 -32.19 11.79
N ASN A 614 15.16 -31.87 12.11
CA ASN A 614 14.01 -32.52 11.48
C ASN A 614 13.34 -31.66 10.39
N LEU A 615 13.99 -30.59 9.93
CA LEU A 615 13.41 -29.70 8.91
C LEU A 615 13.42 -30.29 7.51
N THR A 616 12.25 -30.33 6.85
CA THR A 616 12.12 -30.84 5.50
C THR A 616 11.87 -29.73 4.46
N ARG A 617 11.21 -28.64 4.87
CA ARG A 617 10.95 -27.52 3.95
C ARG A 617 11.55 -26.21 4.47
N LEU A 618 12.31 -25.51 3.62
CA LEU A 618 12.95 -24.26 4.02
C LEU A 618 12.82 -23.22 2.90
N ASP A 619 12.23 -22.06 3.21
CA ASP A 619 12.03 -21.00 2.23
C ASP A 619 12.97 -19.83 2.53
N LEU A 620 13.99 -19.65 1.69
CA LEU A 620 14.97 -18.58 1.84
C LEU A 620 14.86 -17.57 0.70
N SER A 621 13.64 -17.34 0.19
CA SER A 621 13.43 -16.38 -0.89
C SER A 621 13.44 -14.93 -0.41
N LEU A 622 13.56 -13.96 -1.33
CA LEU A 622 13.56 -12.52 -1.05
C LEU A 622 14.50 -12.09 0.09
N ASN A 623 15.66 -12.74 0.22
CA ASN A 623 16.63 -12.39 1.25
C ASN A 623 17.80 -11.52 0.75
N ARG A 624 17.74 -11.06 -0.52
CA ARG A 624 18.76 -10.22 -1.15
C ARG A 624 20.14 -10.89 -1.20
N LEU A 625 20.16 -12.23 -1.24
CA LEU A 625 21.38 -13.02 -1.26
C LEU A 625 22.12 -12.92 -2.59
N LYS A 626 23.37 -12.44 -2.54
CA LYS A 626 24.19 -12.34 -3.74
C LYS A 626 25.07 -13.59 -3.88
N HIS A 627 25.60 -14.09 -2.76
CA HIS A 627 26.45 -15.28 -2.77
C HIS A 627 26.37 -16.01 -1.44
N ILE A 628 25.85 -17.25 -1.43
CA ILE A 628 25.76 -18.03 -0.19
C ILE A 628 27.11 -18.69 0.14
N PRO A 629 27.69 -18.39 1.32
CA PRO A 629 28.98 -19.01 1.68
C PRO A 629 28.89 -20.53 1.73
N ASN A 630 29.95 -21.21 1.29
CA ASN A 630 30.00 -22.67 1.26
C ASN A 630 29.85 -23.30 2.63
N GLU A 631 30.44 -22.68 3.67
CA GLU A 631 30.34 -23.17 5.04
C GLU A 631 28.89 -23.03 5.55
N ALA A 632 28.22 -21.94 5.17
CA ALA A 632 26.83 -21.68 5.57
C ALA A 632 25.86 -22.62 4.86
N PHE A 633 26.10 -22.90 3.58
CA PHE A 633 25.22 -23.79 2.83
C PHE A 633 25.34 -25.23 3.34
N LEU A 634 26.57 -25.66 3.68
CA LEU A 634 26.80 -27.00 4.20
C LEU A 634 26.19 -27.22 5.59
N ASN A 635 25.97 -26.13 6.36
CA ASN A 635 25.37 -26.24 7.67
C ASN A 635 23.82 -26.18 7.66
N LEU A 636 23.20 -26.28 6.48
CA LEU A 636 21.74 -26.33 6.39
C LEU A 636 21.29 -27.75 6.73
N PRO A 637 20.06 -27.95 7.27
CA PRO A 637 19.64 -29.32 7.65
C PRO A 637 19.74 -30.35 6.53
N ALA A 638 20.39 -31.49 6.80
CA ALA A 638 20.54 -32.56 5.82
C ALA A 638 19.22 -33.28 5.49
N SER A 639 18.21 -33.15 6.36
CA SER A 639 16.89 -33.76 6.16
C SER A 639 16.02 -33.04 5.11
N LEU A 640 16.46 -31.87 4.62
CA LEU A 640 15.72 -31.07 3.65
C LEU A 640 15.31 -31.81 2.38
N THR A 641 14.01 -31.80 2.08
CA THR A 641 13.45 -32.38 0.86
C THR A 641 13.10 -31.28 -0.15
N GLU A 642 12.74 -30.06 0.33
CA GLU A 642 12.41 -28.94 -0.53
C GLU A 642 13.19 -27.70 -0.08
N LEU A 643 13.99 -27.12 -0.97
CA LEU A 643 14.73 -25.91 -0.64
C LEU A 643 14.39 -24.82 -1.65
N HIS A 644 13.90 -23.68 -1.18
CA HIS A 644 13.53 -22.58 -2.07
C HIS A 644 14.42 -21.38 -1.86
N ILE A 645 15.34 -21.10 -2.78
CA ILE A 645 16.21 -19.92 -2.68
C ILE A 645 15.87 -18.97 -3.86
N ASN A 646 14.57 -18.87 -4.22
CA ASN A 646 14.15 -18.05 -5.35
C ASN A 646 14.12 -16.54 -5.05
N ASP A 647 13.91 -15.72 -6.09
CA ASP A 647 13.83 -14.26 -6.02
C ASP A 647 14.92 -13.62 -5.18
N ASN A 648 16.17 -14.00 -5.46
CA ASN A 648 17.34 -13.43 -4.79
C ASN A 648 18.26 -12.82 -5.88
N MET A 649 19.56 -12.63 -5.60
CA MET A 649 20.50 -12.10 -6.59
C MET A 649 21.74 -12.98 -6.68
N LEU A 650 21.56 -14.31 -6.61
CA LEU A 650 22.66 -15.26 -6.64
C LEU A 650 23.35 -15.29 -7.99
N LYS A 651 24.66 -15.01 -8.01
CA LYS A 651 25.43 -15.05 -9.24
C LYS A 651 25.99 -16.44 -9.50
N PHE A 652 26.38 -17.15 -8.43
CA PHE A 652 26.91 -18.50 -8.56
C PHE A 652 26.29 -19.46 -7.55
N PHE A 653 26.18 -20.74 -7.94
CA PHE A 653 25.63 -21.76 -7.06
C PHE A 653 26.58 -22.96 -7.06
N ASN A 654 27.11 -23.31 -5.89
CA ASN A 654 28.02 -24.45 -5.78
C ASN A 654 27.20 -25.73 -5.78
N TRP A 655 27.08 -26.38 -6.94
CA TRP A 655 26.33 -27.63 -7.08
C TRP A 655 26.99 -28.81 -6.35
N THR A 656 28.30 -28.72 -6.08
CA THR A 656 29.06 -29.76 -5.38
C THR A 656 28.52 -29.97 -3.95
N LEU A 657 28.03 -28.88 -3.31
CA LEU A 657 27.50 -28.92 -1.96
C LEU A 657 26.22 -29.76 -1.81
N LEU A 658 25.52 -30.04 -2.93
CA LEU A 658 24.30 -30.86 -2.89
C LEU A 658 24.54 -32.33 -2.50
N GLN A 659 25.82 -32.74 -2.34
CA GLN A 659 26.21 -34.09 -1.94
C GLN A 659 25.86 -34.38 -0.48
N GLN A 660 25.82 -33.33 0.37
CA GLN A 660 25.47 -33.49 1.78
C GLN A 660 23.95 -33.43 2.05
N PHE A 661 23.13 -33.51 0.99
CA PHE A 661 21.67 -33.48 1.10
C PHE A 661 21.13 -34.65 0.28
N PRO A 662 21.13 -35.86 0.86
CA PRO A 662 20.67 -37.03 0.10
C PRO A 662 19.16 -37.17 -0.07
N ARG A 663 18.37 -36.39 0.67
CA ARG A 663 16.91 -36.47 0.57
C ARG A 663 16.29 -35.28 -0.19
N LEU A 664 17.13 -34.36 -0.73
CA LEU A 664 16.68 -33.17 -1.45
C LEU A 664 16.04 -33.52 -2.79
N GLU A 665 14.72 -33.34 -2.89
CA GLU A 665 13.97 -33.64 -4.10
C GLU A 665 13.66 -32.38 -4.90
N LEU A 666 13.37 -31.27 -4.22
CA LEU A 666 13.02 -30.02 -4.90
C LEU A 666 14.04 -28.91 -4.64
N LEU A 667 14.61 -28.34 -5.70
CA LEU A 667 15.54 -27.23 -5.59
C LEU A 667 15.01 -26.07 -6.41
N ASP A 668 14.60 -25.00 -5.74
CA ASP A 668 14.04 -23.84 -6.42
C ASP A 668 15.05 -22.70 -6.47
N LEU A 669 15.58 -22.41 -7.65
CA LEU A 669 16.54 -21.32 -7.81
C LEU A 669 16.05 -20.27 -8.82
N ARG A 670 14.73 -20.09 -8.95
CA ARG A 670 14.13 -19.12 -9.86
C ARG A 670 14.42 -17.67 -9.47
N GLY A 671 14.25 -16.74 -10.41
CA GLY A 671 14.46 -15.32 -10.16
C GLY A 671 15.82 -14.97 -9.59
N ASN A 672 16.87 -15.53 -10.17
CA ASN A 672 18.24 -15.28 -9.73
C ASN A 672 19.11 -14.77 -10.91
N LYS A 673 20.45 -14.74 -10.77
CA LYS A 673 21.33 -14.27 -11.84
C LYS A 673 22.40 -15.32 -12.20
N LEU A 674 22.08 -16.62 -12.05
CA LEU A 674 23.01 -17.71 -12.34
C LEU A 674 23.34 -17.79 -13.83
N LEU A 675 24.62 -18.02 -14.18
CA LEU A 675 25.06 -18.10 -15.57
C LEU A 675 25.57 -19.48 -15.96
N PHE A 676 26.07 -20.25 -15.00
CA PHE A 676 26.65 -21.56 -15.28
C PHE A 676 25.90 -22.71 -14.63
N LEU A 677 25.99 -23.88 -15.24
CA LEU A 677 25.43 -25.14 -14.76
C LEU A 677 26.57 -26.18 -14.73
N THR A 678 26.56 -27.08 -13.73
CA THR A 678 27.60 -28.10 -13.64
C THR A 678 27.40 -29.23 -14.64
N ASP A 679 28.50 -29.78 -15.15
CA ASP A 679 28.44 -30.89 -16.10
C ASP A 679 28.46 -32.28 -15.43
N SER A 680 28.47 -32.34 -14.09
CA SER A 680 28.49 -33.60 -13.37
C SER A 680 27.49 -33.56 -12.21
N LEU A 681 26.27 -33.07 -12.46
CA LEU A 681 25.22 -32.99 -11.45
C LEU A 681 24.83 -34.35 -10.88
N SER A 682 24.94 -35.41 -11.70
CA SER A 682 24.66 -36.78 -11.29
C SER A 682 25.64 -37.26 -10.20
N ASP A 683 26.87 -36.72 -10.19
CA ASP A 683 27.87 -37.06 -9.17
C ASP A 683 27.58 -36.38 -7.82
N PHE A 684 26.70 -35.36 -7.79
CA PHE A 684 26.38 -34.65 -6.56
C PHE A 684 25.03 -35.04 -5.99
N THR A 685 24.06 -35.40 -6.84
CA THR A 685 22.73 -35.77 -6.35
C THR A 685 22.19 -37.06 -6.97
N SER A 686 21.37 -37.78 -6.21
CA SER A 686 20.72 -39.02 -6.63
C SER A 686 19.28 -39.07 -6.10
N SER A 687 18.62 -37.91 -5.95
CA SER A 687 17.25 -37.81 -5.44
C SER A 687 16.51 -36.56 -5.94
N LEU A 688 17.22 -35.60 -6.56
CA LEU A 688 16.63 -34.36 -7.07
C LEU A 688 15.63 -34.65 -8.19
N ARG A 689 14.33 -34.62 -7.86
CA ARG A 689 13.26 -34.87 -8.81
C ARG A 689 12.80 -33.60 -9.54
N THR A 690 12.87 -32.44 -8.88
CA THR A 690 12.46 -31.18 -9.49
C THR A 690 13.52 -30.10 -9.35
N LEU A 691 13.89 -29.47 -10.47
CA LEU A 691 14.89 -28.40 -10.46
C LEU A 691 14.34 -27.20 -11.23
N LEU A 692 13.96 -26.15 -10.49
CA LEU A 692 13.38 -24.95 -11.11
C LEU A 692 14.46 -23.87 -11.25
N LEU A 693 14.80 -23.50 -12.49
CA LEU A 693 15.83 -22.50 -12.76
C LEU A 693 15.33 -21.36 -13.65
N SER A 694 14.01 -21.09 -13.66
CA SER A 694 13.45 -20.05 -14.51
C SER A 694 13.90 -18.63 -14.12
N HIS A 695 13.89 -17.70 -15.09
CA HIS A 695 14.29 -16.31 -14.91
C HIS A 695 15.72 -16.16 -14.38
N ASN A 696 16.67 -16.76 -15.11
CA ASN A 696 18.11 -16.74 -14.80
C ASN A 696 18.92 -16.34 -16.06
N ARG A 697 20.26 -16.22 -15.94
CA ARG A 697 21.09 -15.83 -17.07
C ARG A 697 21.89 -16.99 -17.67
N ILE A 698 21.34 -18.21 -17.62
CA ILE A 698 22.03 -19.38 -18.16
C ILE A 698 21.99 -19.36 -19.69
N SER A 699 23.16 -19.28 -20.32
CA SER A 699 23.25 -19.23 -21.78
C SER A 699 23.72 -20.54 -22.44
N HIS A 700 24.08 -21.56 -21.65
CA HIS A 700 24.54 -22.83 -22.22
C HIS A 700 24.19 -24.04 -21.35
N LEU A 701 23.62 -25.07 -21.96
CA LEU A 701 23.28 -26.30 -21.27
C LEU A 701 24.48 -27.23 -21.39
N PRO A 702 25.07 -27.65 -20.25
CA PRO A 702 26.30 -28.46 -20.32
C PRO A 702 26.16 -29.85 -20.91
N SER A 703 27.29 -30.40 -21.37
CA SER A 703 27.38 -31.73 -21.98
C SER A 703 26.94 -32.82 -21.02
N GLY A 704 25.83 -33.46 -21.33
CA GLY A 704 25.29 -34.52 -20.50
C GLY A 704 24.62 -34.02 -19.24
N PHE A 705 23.85 -32.93 -19.35
CA PHE A 705 23.14 -32.38 -18.21
C PHE A 705 21.95 -33.29 -17.85
N LEU A 706 21.30 -33.88 -18.85
CA LEU A 706 20.19 -34.81 -18.62
C LEU A 706 20.72 -36.23 -18.34
N SER A 707 21.86 -36.61 -18.95
CA SER A 707 22.47 -37.92 -18.77
C SER A 707 23.13 -38.07 -17.39
N VAL A 709 21.51 -36.84 -14.18
CA VAL A 709 20.71 -37.22 -13.01
C VAL A 709 19.46 -38.02 -13.43
N SER A 710 19.42 -39.29 -13.02
CA SER A 710 18.34 -40.22 -13.36
C SER A 710 17.01 -39.89 -12.68
N SER A 711 17.05 -39.39 -11.45
CA SER A 711 15.83 -39.09 -10.70
C SER A 711 15.08 -37.85 -11.18
N LEU A 712 15.74 -36.96 -11.94
CA LEU A 712 15.14 -35.73 -12.42
C LEU A 712 13.92 -35.91 -13.32
N LYS A 713 12.73 -35.56 -12.82
CA LYS A 713 11.48 -35.66 -13.56
C LYS A 713 10.95 -34.30 -14.04
N HIS A 714 11.47 -33.19 -13.51
CA HIS A 714 11.01 -31.85 -13.91
C HIS A 714 12.14 -30.84 -13.94
N LEU A 715 12.49 -30.36 -15.13
CA LEU A 715 13.56 -29.37 -15.30
C LEU A 715 12.96 -28.10 -15.89
N ASP A 716 13.06 -26.98 -15.18
CA ASP A 716 12.50 -25.72 -15.65
C ASP A 716 13.58 -24.74 -16.08
N LEU A 717 13.82 -24.62 -17.39
CA LEU A 717 14.81 -23.68 -17.90
C LEU A 717 14.15 -22.53 -18.68
N SER A 718 12.91 -22.16 -18.33
CA SER A 718 12.20 -21.09 -19.01
C SER A 718 12.73 -19.71 -18.65
N SER A 719 12.51 -18.71 -19.51
CA SER A 719 12.95 -17.32 -19.32
C SER A 719 14.44 -17.18 -19.04
N ASN A 720 15.26 -17.98 -19.72
CA ASN A 720 16.72 -17.95 -19.58
C ASN A 720 17.38 -17.33 -20.86
N LEU A 721 18.69 -17.52 -21.08
CA LEU A 721 19.36 -16.98 -22.25
C LEU A 721 19.87 -18.08 -23.19
N LEU A 722 19.17 -19.21 -23.26
CA LEU A 722 19.57 -20.32 -24.11
C LEU A 722 19.30 -20.05 -25.59
N LYS A 723 20.35 -20.06 -26.41
CA LYS A 723 20.20 -19.83 -27.84
C LYS A 723 19.94 -21.15 -28.57
N THR A 724 20.56 -22.25 -28.13
CA THR A 724 20.38 -23.56 -28.75
C THR A 724 20.76 -24.72 -27.80
N ILE A 725 20.27 -25.93 -28.10
CA ILE A 725 20.61 -27.12 -27.33
C ILE A 725 21.39 -28.07 -28.24
N ASN A 726 22.72 -28.08 -28.10
CA ASN A 726 23.64 -28.86 -28.93
C ASN A 726 23.55 -30.39 -28.71
N LYS A 727 24.20 -31.18 -29.59
CA LYS A 727 24.21 -32.63 -29.53
C LYS A 727 24.95 -33.20 -28.32
N SER A 728 25.91 -32.44 -27.75
CA SER A 728 26.67 -32.92 -26.59
C SER A 728 25.79 -32.98 -25.34
N ALA A 729 24.85 -32.03 -25.20
CA ALA A 729 23.92 -31.99 -24.07
C ALA A 729 22.82 -33.06 -24.20
N LEU A 730 22.51 -33.49 -25.44
CA LEU A 730 21.49 -34.48 -25.74
C LEU A 730 22.05 -35.92 -25.87
N GLU A 731 23.39 -36.07 -25.99
CA GLU A 731 24.00 -37.40 -26.13
C GLU A 731 23.93 -38.16 -24.81
N THR A 732 22.86 -38.93 -24.62
CA THR A 732 22.69 -39.70 -23.39
C THR A 732 22.74 -41.21 -23.67
N LYS A 733 23.75 -41.88 -23.11
CA LYS A 733 23.90 -43.33 -23.27
C LYS A 733 22.85 -44.06 -22.42
N THR A 734 22.59 -43.54 -21.21
CA THR A 734 21.57 -44.09 -20.32
C THR A 734 20.21 -43.43 -20.59
N THR A 735 19.12 -44.17 -20.38
CA THR A 735 17.77 -43.65 -20.65
C THR A 735 17.30 -42.69 -19.55
N THR A 736 16.84 -41.49 -19.95
CA THR A 736 16.37 -40.48 -19.01
C THR A 736 14.94 -40.73 -18.51
N LYS A 737 14.63 -40.21 -17.32
CA LYS A 737 13.31 -40.34 -16.71
C LYS A 737 12.64 -38.96 -16.59
N LEU A 738 12.90 -38.04 -17.53
CA LEU A 738 12.34 -36.70 -17.49
C LEU A 738 10.89 -36.72 -17.94
N SER A 739 10.01 -36.03 -17.23
CA SER A 739 8.60 -36.00 -17.54
C SER A 739 8.14 -34.63 -18.08
N MET A 740 8.79 -33.55 -17.63
CA MET A 740 8.43 -32.21 -18.09
C MET A 740 9.65 -31.30 -18.26
N LEU A 741 9.76 -30.63 -19.41
CA LEU A 741 10.86 -29.73 -19.67
C LEU A 741 10.32 -28.38 -20.15
N GLU A 742 10.38 -27.35 -19.29
CA GLU A 742 9.89 -26.03 -19.66
C GLU A 742 11.01 -25.24 -20.33
N LEU A 743 10.75 -24.65 -21.51
CA LEU A 743 11.77 -23.90 -22.25
C LEU A 743 11.26 -22.63 -22.92
N HIS A 744 10.08 -22.14 -22.55
CA HIS A 744 9.51 -20.94 -23.15
C HIS A 744 10.21 -19.67 -22.65
N GLY A 745 10.27 -18.64 -23.49
CA GLY A 745 10.89 -17.38 -23.10
C GLY A 745 12.39 -17.31 -23.28
N ASN A 746 12.94 -18.18 -24.12
CA ASN A 746 14.38 -18.21 -24.40
C ASN A 746 14.67 -17.64 -25.79
N PRO A 747 15.80 -16.94 -25.99
CA PRO A 747 16.10 -16.41 -27.32
C PRO A 747 16.72 -17.48 -28.22
N PHE A 748 15.87 -18.38 -28.74
CA PHE A 748 16.32 -19.48 -29.59
C PHE A 748 16.71 -19.05 -31.00
N GLU A 749 17.84 -19.58 -31.49
CA GLU A 749 18.32 -19.34 -32.85
C GLU A 749 17.72 -20.41 -33.74
N CYS A 750 16.64 -20.07 -34.45
CA CYS A 750 15.97 -21.02 -35.32
C CYS A 750 16.64 -21.17 -36.69
N THR A 751 17.92 -21.56 -36.67
CA THR A 751 18.74 -21.80 -37.86
C THR A 751 18.96 -23.35 -37.97
N CYS A 752 20.04 -23.83 -38.63
CA CYS A 752 20.28 -25.28 -38.73
C CYS A 752 20.77 -25.90 -37.40
N ASP A 753 21.21 -25.07 -36.44
CA ASP A 753 21.70 -25.51 -35.14
C ASP A 753 20.57 -26.06 -34.25
N ILE A 754 19.36 -25.51 -34.39
CA ILE A 754 18.21 -25.96 -33.60
C ILE A 754 17.61 -27.31 -34.09
N GLY A 755 18.03 -27.77 -35.27
CA GLY A 755 17.55 -29.02 -35.84
C GLY A 755 17.93 -30.24 -35.02
N ASP A 756 19.04 -30.17 -34.29
CA ASP A 756 19.51 -31.25 -33.44
C ASP A 756 18.55 -31.44 -32.26
N PHE A 757 18.08 -30.33 -31.68
CA PHE A 757 17.12 -30.39 -30.56
C PHE A 757 15.72 -30.76 -31.04
N ARG A 758 15.37 -30.34 -32.27
CA ARG A 758 14.08 -30.64 -32.89
C ARG A 758 13.86 -32.14 -33.05
N ARG A 759 14.92 -32.88 -33.42
CA ARG A 759 14.85 -34.33 -33.58
C ARG A 759 14.71 -35.05 -32.23
N TRP A 760 15.30 -34.48 -31.17
CA TRP A 760 15.24 -35.00 -29.81
C TRP A 760 13.81 -34.92 -29.27
N MET A 761 13.06 -33.86 -29.64
CA MET A 761 11.67 -33.68 -29.21
C MET A 761 10.77 -34.74 -29.84
N ASP A 762 11.03 -35.12 -31.10
CA ASP A 762 10.26 -36.14 -31.79
C ASP A 762 10.63 -37.55 -31.30
N GLU A 763 11.90 -37.76 -30.94
CA GLU A 763 12.37 -39.04 -30.43
C GLU A 763 11.92 -39.27 -28.98
N HIS A 764 11.80 -38.20 -28.20
CA HIS A 764 11.40 -38.31 -26.80
C HIS A 764 10.03 -37.67 -26.56
N LEU A 765 8.96 -38.35 -26.95
CA LEU A 765 7.59 -37.85 -26.78
C LEU A 765 7.10 -37.92 -25.32
N ASN A 766 7.79 -38.71 -24.47
CA ASN A 766 7.45 -38.84 -23.05
C ASN A 766 7.80 -37.55 -22.27
N VAL A 767 8.83 -36.81 -22.72
CA VAL A 767 9.22 -35.56 -22.10
C VAL A 767 8.27 -34.47 -22.58
N LYS A 768 7.29 -34.11 -21.76
CA LYS A 768 6.29 -33.11 -22.13
C LYS A 768 6.81 -31.68 -22.07
N ILE A 769 6.78 -30.97 -23.19
CA ILE A 769 7.22 -29.58 -23.24
C ILE A 769 6.00 -28.65 -23.29
N PRO A 770 5.72 -27.94 -22.19
CA PRO A 770 4.54 -27.07 -22.17
C PRO A 770 4.78 -25.71 -22.83
N ARG A 771 3.68 -25.02 -23.18
CA ARG A 771 3.70 -23.70 -23.81
C ARG A 771 4.53 -23.66 -25.10
N LEU A 772 4.23 -24.56 -26.05
CA LEU A 772 4.95 -24.62 -27.32
C LEU A 772 4.82 -23.34 -28.15
N VAL A 773 3.71 -22.61 -28.00
CA VAL A 773 3.51 -21.35 -28.71
C VAL A 773 4.40 -20.22 -28.16
N ASP A 774 4.87 -20.34 -26.90
CA ASP A 774 5.73 -19.34 -26.28
C ASP A 774 7.22 -19.63 -26.46
N VAL A 775 7.59 -20.79 -27.00
CA VAL A 775 8.99 -21.11 -27.29
C VAL A 775 9.26 -20.44 -28.64
N ILE A 776 9.57 -19.14 -28.60
CA ILE A 776 9.74 -18.28 -29.78
C ILE A 776 11.19 -18.13 -30.25
N CYS A 777 11.40 -18.06 -31.58
CA CYS A 777 12.73 -17.85 -32.15
C CYS A 777 13.03 -16.38 -32.16
N ALA A 778 14.23 -15.99 -31.72
CA ALA A 778 14.64 -14.58 -31.74
C ALA A 778 15.27 -14.22 -33.09
N SER A 779 16.00 -15.18 -33.69
CA SER A 779 16.67 -15.05 -34.98
C SER A 779 16.39 -16.30 -35.84
N PRO A 780 16.29 -16.20 -37.18
CA PRO A 780 16.44 -15.00 -38.02
C PRO A 780 15.15 -14.18 -38.15
N GLY A 781 15.19 -13.11 -38.94
CA GLY A 781 14.04 -12.24 -39.15
C GLY A 781 12.84 -12.93 -39.79
N ASP A 782 13.09 -13.96 -40.60
CA ASP A 782 12.04 -14.72 -41.26
C ASP A 782 11.32 -15.64 -40.26
N GLN A 783 12.06 -16.27 -39.36
CA GLN A 783 11.47 -17.17 -38.36
C GLN A 783 11.20 -16.50 -37.00
N ARG A 784 11.39 -15.16 -36.90
CA ARG A 784 11.15 -14.41 -35.68
C ARG A 784 9.67 -14.38 -35.32
N GLY A 785 9.36 -14.83 -34.12
CA GLY A 785 7.97 -14.88 -33.66
C GLY A 785 7.38 -16.28 -33.70
N LYS A 786 7.82 -17.09 -34.67
CA LYS A 786 7.35 -18.45 -34.85
C LYS A 786 7.88 -19.39 -33.77
N SER A 787 7.17 -20.50 -33.54
CA SER A 787 7.59 -21.50 -32.57
C SER A 787 8.76 -22.33 -33.14
N ILE A 788 9.58 -22.92 -32.27
CA ILE A 788 10.71 -23.74 -32.72
C ILE A 788 10.24 -25.04 -33.40
N VAL A 789 9.04 -25.51 -33.09
CA VAL A 789 8.48 -26.73 -33.66
C VAL A 789 7.94 -26.52 -35.11
N SER A 790 7.77 -25.26 -35.55
CA SER A 790 7.30 -24.97 -36.89
C SER A 790 8.45 -24.47 -37.76
N LEU A 791 9.35 -25.37 -38.15
CA LEU A 791 10.51 -25.03 -38.96
C LEU A 791 11.00 -26.21 -39.83
N GLU A 792 11.83 -25.92 -40.84
CA GLU A 792 12.38 -26.91 -41.76
C GLU A 792 13.41 -27.80 -41.06
N SER B 5 31.50 33.37 -20.18
CA SER B 5 31.77 33.48 -18.74
C SER B 5 30.75 32.70 -17.92
N ARG B 6 30.30 31.54 -18.43
CA ARG B 6 29.34 30.69 -17.73
C ARG B 6 30.06 29.82 -16.72
N SER B 7 29.60 29.86 -15.46
CA SER B 7 30.20 29.12 -14.36
C SER B 7 30.08 27.61 -14.53
N TYR B 8 31.19 26.90 -14.37
CA TYR B 8 31.22 25.44 -14.49
C TYR B 8 32.31 24.85 -13.60
N PRO B 9 31.99 23.83 -12.79
CA PRO B 9 30.68 23.20 -12.62
C PRO B 9 29.78 23.84 -11.56
N CYS B 10 30.15 25.03 -11.08
CA CYS B 10 29.39 25.73 -10.06
C CYS B 10 28.17 26.46 -10.62
N ASP B 11 27.24 26.83 -9.74
CA ASP B 11 26.06 27.61 -10.09
C ASP B 11 26.16 28.90 -9.30
N GLU B 12 27.03 29.82 -9.75
CA GLU B 12 27.29 31.09 -9.09
C GLU B 12 26.06 31.99 -9.01
N LYS B 13 25.76 32.48 -7.81
CA LYS B 13 24.60 33.34 -7.57
C LYS B 13 24.96 34.49 -6.62
N LYS B 14 24.49 35.71 -6.91
CA LYS B 14 24.74 36.85 -6.05
C LYS B 14 23.67 36.87 -4.96
N GLN B 15 24.07 36.74 -3.69
CA GLN B 15 23.14 36.73 -2.57
C GLN B 15 23.60 37.69 -1.48
N ASN B 16 22.90 38.84 -1.33
CA ASN B 16 23.22 39.88 -0.35
C ASN B 16 24.68 40.35 -0.40
N ASP B 17 25.11 40.79 -1.60
CA ASP B 17 26.46 41.28 -1.90
C ASP B 17 27.57 40.20 -1.80
N SER B 18 27.19 38.93 -1.61
CA SER B 18 28.13 37.81 -1.54
C SER B 18 27.96 36.89 -2.76
N VAL B 19 28.99 36.07 -3.07
CA VAL B 19 28.90 35.15 -4.20
C VAL B 19 28.86 33.71 -3.74
N ILE B 20 27.69 33.06 -3.82
CA ILE B 20 27.56 31.66 -3.42
C ILE B 20 27.74 30.72 -4.61
N ALA B 21 28.56 29.69 -4.43
CA ALA B 21 28.83 28.73 -5.51
C ALA B 21 28.24 27.37 -5.20
N GLU B 22 27.03 27.10 -5.69
CA GLU B 22 26.38 25.82 -5.48
C GLU B 22 27.02 24.79 -6.39
N CYS B 23 27.73 23.81 -5.82
CA CYS B 23 28.39 22.78 -6.61
C CYS B 23 28.20 21.40 -5.98
N SER B 24 27.01 21.14 -5.44
CA SER B 24 26.72 19.88 -4.78
C SER B 24 26.07 18.88 -5.74
N ASN B 25 26.24 17.58 -5.44
CA ASN B 25 25.69 16.47 -6.21
C ASN B 25 26.00 16.54 -7.70
N ARG B 26 27.29 16.67 -8.04
CA ARG B 26 27.73 16.75 -9.44
C ARG B 26 28.86 15.77 -9.76
N ARG B 27 28.94 14.64 -9.00
CA ARG B 27 29.94 13.57 -9.10
C ARG B 27 31.35 14.04 -9.47
N LEU B 28 31.86 15.04 -8.74
CA LEU B 28 33.19 15.59 -8.99
C LEU B 28 34.27 14.70 -8.39
N GLN B 29 35.32 14.40 -9.18
CA GLN B 29 36.42 13.56 -8.72
C GLN B 29 37.32 14.34 -7.75
N GLU B 30 37.58 15.61 -8.06
CA GLU B 30 38.43 16.47 -7.24
C GLU B 30 37.81 17.87 -7.08
N VAL B 31 38.38 18.72 -6.20
CA VAL B 31 37.91 20.09 -6.01
C VAL B 31 38.23 20.86 -7.27
N PRO B 32 37.22 21.45 -7.93
CA PRO B 32 37.46 22.13 -9.20
C PRO B 32 38.25 23.42 -9.11
N GLN B 33 39.19 23.62 -10.05
CA GLN B 33 39.96 24.86 -10.11
C GLN B 33 39.32 25.93 -11.01
N THR B 34 38.07 25.71 -11.45
CA THR B 34 37.34 26.64 -12.29
C THR B 34 36.26 27.39 -11.50
N VAL B 35 36.53 27.68 -10.23
CA VAL B 35 35.60 28.41 -9.36
C VAL B 35 36.14 29.84 -9.22
N GLY B 36 35.27 30.83 -9.41
CA GLY B 36 35.64 32.23 -9.31
C GLY B 36 36.28 32.60 -7.99
N LYS B 37 37.37 33.36 -8.01
CA LYS B 37 38.08 33.73 -6.79
C LYS B 37 37.30 34.67 -5.85
N TYR B 38 36.20 35.26 -6.36
CA TYR B 38 35.33 36.18 -5.62
C TYR B 38 34.22 35.49 -4.82
N VAL B 39 34.12 34.16 -4.86
CA VAL B 39 33.07 33.45 -4.11
C VAL B 39 33.37 33.43 -2.62
N THR B 40 32.32 33.43 -1.80
CA THR B 40 32.47 33.41 -0.36
C THR B 40 32.06 32.06 0.21
N GLU B 41 30.90 31.53 -0.23
CA GLU B 41 30.43 30.24 0.25
C GLU B 41 30.51 29.20 -0.86
N LEU B 42 31.14 28.06 -0.57
CA LEU B 42 31.29 26.99 -1.55
C LEU B 42 30.69 25.70 -1.02
N ASP B 43 29.80 25.09 -1.79
CA ASP B 43 29.16 23.84 -1.39
C ASP B 43 29.63 22.72 -2.31
N LEU B 44 30.48 21.83 -1.81
CA LEU B 44 30.98 20.69 -2.57
C LEU B 44 30.47 19.37 -1.95
N SER B 45 29.28 19.38 -1.36
CA SER B 45 28.73 18.18 -0.71
C SER B 45 28.18 17.15 -1.70
N ASP B 46 28.11 15.89 -1.27
CA ASP B 46 27.59 14.75 -2.03
C ASP B 46 28.35 14.48 -3.33
N ASN B 47 29.68 14.69 -3.31
CA ASN B 47 30.54 14.44 -4.46
C ASN B 47 31.47 13.24 -4.21
N PHE B 48 32.39 12.93 -5.14
CA PHE B 48 33.32 11.81 -4.97
C PHE B 48 34.75 12.29 -4.72
N ILE B 49 34.90 13.40 -4.01
CA ILE B 49 36.21 13.95 -3.68
C ILE B 49 36.88 13.05 -2.64
N THR B 50 38.12 12.64 -2.89
CA THR B 50 38.84 11.76 -1.97
C THR B 50 40.05 12.42 -1.30
N HIS B 51 40.57 13.52 -1.87
CA HIS B 51 41.74 14.18 -1.30
C HIS B 51 41.59 15.69 -1.18
N ILE B 52 42.03 16.25 -0.04
CA ILE B 52 42.03 17.69 0.23
C ILE B 52 43.46 18.12 0.55
N THR B 53 44.05 18.95 -0.31
CA THR B 53 45.42 19.44 -0.13
C THR B 53 45.44 20.98 0.03
N ASN B 54 46.62 21.58 0.31
CA ASN B 54 46.72 23.03 0.44
C ASN B 54 46.60 23.80 -0.90
N GLU B 55 46.43 23.08 -2.02
CA GLU B 55 46.26 23.70 -3.34
C GLU B 55 44.83 23.57 -3.88
N SER B 56 43.91 22.90 -3.13
CA SER B 56 42.53 22.69 -3.54
C SER B 56 41.75 24.00 -3.60
N PHE B 57 41.94 24.87 -2.60
CA PHE B 57 41.25 26.15 -2.57
C PHE B 57 42.24 27.30 -2.81
N GLN B 58 43.18 27.09 -3.74
CA GLN B 58 44.21 28.07 -4.08
C GLN B 58 43.61 29.20 -4.92
N GLY B 59 43.80 30.43 -4.47
CA GLY B 59 43.27 31.60 -5.16
C GLY B 59 41.97 32.10 -4.57
N LEU B 60 41.19 31.21 -3.95
CA LEU B 60 39.93 31.58 -3.33
C LEU B 60 40.17 32.04 -1.89
N GLN B 61 40.78 33.21 -1.72
CA GLN B 61 41.11 33.76 -0.41
C GLN B 61 39.90 34.36 0.34
N ASN B 62 38.79 34.61 -0.36
CA ASN B 62 37.60 35.16 0.28
C ASN B 62 36.59 34.08 0.69
N LEU B 63 37.03 32.83 0.89
CA LEU B 63 36.14 31.74 1.28
C LEU B 63 35.82 31.79 2.76
N THR B 64 34.59 32.18 3.10
CA THR B 64 34.13 32.23 4.49
C THR B 64 33.40 30.95 4.92
N LYS B 65 32.90 30.16 3.96
CA LYS B 65 32.17 28.93 4.28
C LYS B 65 32.47 27.82 3.28
N ILE B 66 32.90 26.65 3.78
CA ILE B 66 33.20 25.50 2.94
C ILE B 66 32.37 24.30 3.40
N ASN B 67 31.64 23.66 2.48
CA ASN B 67 30.83 22.51 2.80
C ASN B 67 31.40 21.30 2.05
N LEU B 68 31.86 20.29 2.78
CA LEU B 68 32.41 19.09 2.15
C LEU B 68 31.75 17.82 2.68
N ASN B 69 30.44 17.89 3.00
CA ASN B 69 29.69 16.77 3.54
C ASN B 69 29.53 15.61 2.55
N HIS B 70 29.53 14.37 3.08
CA HIS B 70 29.37 13.13 2.32
C HIS B 70 30.35 13.00 1.16
N ASN B 71 31.64 13.15 1.45
CA ASN B 71 32.68 13.03 0.44
C ASN B 71 33.70 12.00 0.88
N PRO B 72 33.81 10.88 0.15
CA PRO B 72 33.04 10.50 -1.04
C PRO B 72 31.69 9.85 -0.73
N ASN B 73 30.79 9.82 -1.71
CA ASN B 73 29.46 9.24 -1.52
C ASN B 73 29.46 7.70 -1.57
N GLY B 87 37.86 6.77 3.02
CA GLY B 87 37.29 8.06 3.43
C GLY B 87 37.99 9.25 2.83
N LEU B 88 37.70 10.45 3.36
CA LEU B 88 38.32 11.67 2.87
C LEU B 88 39.72 11.85 3.47
N ASN B 89 40.72 12.10 2.62
CA ASN B 89 42.09 12.27 3.06
C ASN B 89 42.46 13.75 3.09
N ILE B 90 42.49 14.35 4.29
CA ILE B 90 42.84 15.77 4.42
C ILE B 90 44.24 15.92 4.99
N THR B 91 45.12 16.61 4.25
CA THR B 91 46.50 16.84 4.69
C THR B 91 46.58 17.86 5.84
N ASP B 92 47.71 17.89 6.55
CA ASP B 92 47.90 18.82 7.66
C ASP B 92 48.08 20.24 7.12
N GLY B 93 47.25 21.16 7.60
CA GLY B 93 47.31 22.55 7.19
C GLY B 93 46.77 22.80 5.80
N ALA B 94 45.81 21.98 5.37
CA ALA B 94 45.20 22.13 4.04
C ALA B 94 44.30 23.37 3.98
N PHE B 95 43.61 23.68 5.08
CA PHE B 95 42.74 24.86 5.15
C PHE B 95 43.41 26.06 5.85
N LEU B 96 44.68 25.92 6.31
CA LEU B 96 45.42 26.95 7.02
C LEU B 96 45.66 28.23 6.22
N ASN B 97 45.78 28.12 4.89
CA ASN B 97 45.99 29.28 4.03
C ASN B 97 44.72 30.15 3.84
N LEU B 98 43.55 29.64 4.23
CA LEU B 98 42.30 30.38 4.16
C LEU B 98 42.15 31.21 5.44
N LYS B 99 42.55 32.49 5.39
CA LYS B 99 42.49 33.35 6.56
C LYS B 99 41.09 33.89 6.88
N ASN B 100 40.13 33.76 5.95
CA ASN B 100 38.77 34.24 6.19
C ASN B 100 37.74 33.12 6.41
N LEU B 101 38.19 31.87 6.56
CA LEU B 101 37.28 30.74 6.73
C LEU B 101 36.61 30.71 8.10
N ARG B 102 35.32 31.07 8.14
CA ARG B 102 34.55 31.12 9.37
C ARG B 102 33.71 29.86 9.62
N GLU B 103 33.28 29.16 8.56
CA GLU B 103 32.45 27.96 8.73
C GLU B 103 32.96 26.77 7.91
N LEU B 104 33.29 25.66 8.58
CA LEU B 104 33.78 24.47 7.91
C LEU B 104 32.93 23.25 8.26
N LEU B 105 32.24 22.68 7.25
CA LEU B 105 31.39 21.51 7.47
C LEU B 105 32.05 20.27 6.89
N LEU B 106 32.41 19.31 7.76
CA LEU B 106 33.04 18.07 7.33
C LEU B 106 32.27 16.85 7.88
N GLU B 107 31.00 16.74 7.52
CA GLU B 107 30.16 15.65 8.00
C GLU B 107 30.20 14.44 7.07
N ASP B 108 30.07 13.24 7.64
CA ASP B 108 30.05 11.96 6.90
C ASP B 108 31.23 11.80 5.93
N ASN B 109 32.44 12.11 6.40
CA ASN B 109 33.63 11.99 5.57
C ASN B 109 34.53 10.82 5.95
N GLN B 110 34.17 10.05 7.00
CA GLN B 110 34.92 8.90 7.50
C GLN B 110 36.32 9.28 7.99
N LEU B 111 36.44 10.48 8.59
CA LEU B 111 37.71 10.97 9.11
C LEU B 111 38.07 10.21 10.39
N PRO B 112 39.24 9.58 10.44
CA PRO B 112 39.61 8.84 11.66
C PRO B 112 40.04 9.74 12.82
N GLN B 113 40.57 10.93 12.52
CA GLN B 113 40.99 11.90 13.53
C GLN B 113 40.56 13.33 13.11
N ILE B 114 40.56 14.28 14.07
CA ILE B 114 40.23 15.66 13.77
C ILE B 114 41.35 16.24 12.92
N PRO B 115 41.03 16.82 11.76
CA PRO B 115 42.09 17.36 10.89
C PRO B 115 43.06 18.32 11.58
N SER B 116 44.36 18.02 11.52
CA SER B 116 45.37 18.87 12.13
C SER B 116 45.71 20.03 11.19
N GLY B 117 45.85 21.22 11.74
CA GLY B 117 46.19 22.40 10.95
C GLY B 117 44.98 23.20 10.49
N LEU B 118 43.92 23.24 11.29
CA LEU B 118 42.73 24.01 10.95
C LEU B 118 42.98 25.50 11.20
N PRO B 119 42.42 26.39 10.37
CA PRO B 119 42.65 27.83 10.56
C PRO B 119 42.07 28.38 11.86
N GLU B 120 42.76 29.35 12.47
CA GLU B 120 42.30 29.96 13.72
C GLU B 120 41.04 30.81 13.56
N SER B 121 40.74 31.27 12.34
CA SER B 121 39.55 32.09 12.10
C SER B 121 38.25 31.28 12.07
N LEU B 122 38.28 29.99 12.44
CA LEU B 122 37.08 29.16 12.44
C LEU B 122 36.13 29.52 13.59
N THR B 123 34.84 29.66 13.27
CA THR B 123 33.78 29.95 14.24
C THR B 123 32.72 28.83 14.29
N GLU B 124 32.63 27.98 13.26
CA GLU B 124 31.67 26.89 13.25
C GLU B 124 32.31 25.65 12.60
N LEU B 125 32.48 24.58 13.37
CA LEU B 125 33.08 23.35 12.87
C LEU B 125 32.15 22.18 13.12
N SER B 126 31.84 21.41 12.06
CA SER B 126 30.96 20.25 12.20
C SER B 126 31.67 18.98 11.74
N LEU B 127 31.88 18.03 12.66
CA LEU B 127 32.54 16.78 12.33
C LEU B 127 31.62 15.59 12.65
N ILE B 128 30.35 15.73 12.31
CA ILE B 128 29.31 14.73 12.54
C ILE B 128 29.47 13.51 11.62
N GLN B 129 29.16 12.30 12.11
CA GLN B 129 29.22 11.04 11.36
C GLN B 129 30.61 10.71 10.82
N ASN B 130 31.62 10.81 11.68
CA ASN B 130 32.99 10.47 11.32
C ASN B 130 33.51 9.32 12.22
N ASN B 131 34.76 8.90 12.02
CA ASN B 131 35.37 7.86 12.86
C ASN B 131 36.33 8.47 13.89
N ILE B 132 36.03 9.70 14.36
CA ILE B 132 36.87 10.40 15.33
C ILE B 132 36.66 9.82 16.73
N TYR B 133 37.70 9.21 17.28
CA TYR B 133 37.61 8.62 18.62
C TYR B 133 38.36 9.44 19.67
N ASN B 134 39.34 10.25 19.25
CA ASN B 134 40.12 11.07 20.17
C ASN B 134 39.89 12.56 19.95
N ILE B 135 39.46 13.27 21.00
CA ILE B 135 39.28 14.71 20.94
C ILE B 135 40.55 15.29 21.57
N THR B 136 41.56 15.60 20.74
CA THR B 136 42.85 16.07 21.23
C THR B 136 43.02 17.59 21.15
N LYS B 137 43.96 18.12 21.94
CA LYS B 137 44.29 19.55 21.97
C LYS B 137 45.02 20.01 20.71
N GLU B 138 45.68 19.09 20.00
CA GLU B 138 46.42 19.39 18.77
C GLU B 138 45.51 19.87 17.63
N GLY B 139 44.26 19.43 17.63
CA GLY B 139 43.30 19.82 16.61
C GLY B 139 42.16 20.70 17.08
N ILE B 140 42.01 20.89 18.41
CA ILE B 140 40.90 21.69 18.94
C ILE B 140 41.36 22.94 19.71
N SER B 141 42.29 22.79 20.68
CA SER B 141 42.77 23.87 21.54
C SER B 141 43.24 25.15 20.85
N ARG B 142 43.82 25.03 19.65
CA ARG B 142 44.28 26.21 18.90
C ARG B 142 43.12 27.02 18.30
N LEU B 143 41.92 26.43 18.18
CA LEU B 143 40.75 27.11 17.62
C LEU B 143 40.03 27.86 18.74
N ILE B 144 40.55 29.04 19.11
CA ILE B 144 39.97 29.82 20.19
C ILE B 144 38.76 30.67 19.77
N ASN B 145 38.48 30.79 18.47
CA ASN B 145 37.35 31.58 17.99
C ASN B 145 36.06 30.79 17.77
N LEU B 146 36.07 29.48 18.06
CA LEU B 146 34.91 28.62 17.85
C LEU B 146 33.69 29.00 18.67
N LYS B 147 32.55 29.15 18.00
CA LYS B 147 31.26 29.46 18.60
C LYS B 147 30.45 28.15 18.65
N ASN B 148 30.46 27.36 17.57
CA ASN B 148 29.69 26.12 17.52
C ASN B 148 30.59 24.93 17.14
N LEU B 149 30.54 23.87 17.93
CA LEU B 149 31.31 22.66 17.67
C LEU B 149 30.41 21.43 17.71
N TYR B 150 30.25 20.77 16.56
CA TYR B 150 29.39 19.59 16.43
C TYR B 150 30.26 18.33 16.30
N LEU B 151 30.07 17.36 17.19
CA LEU B 151 30.86 16.13 17.15
C LEU B 151 29.98 14.90 17.36
N ALA B 152 28.75 14.93 16.83
CA ALA B 152 27.81 13.82 16.98
C ALA B 152 28.13 12.60 16.09
N TRP B 153 27.69 11.40 16.52
CA TRP B 153 27.85 10.13 15.80
C TRP B 153 29.31 9.80 15.41
N ASN B 154 30.23 9.77 16.38
CA ASN B 154 31.63 9.45 16.10
C ASN B 154 32.01 8.09 16.68
N CYS B 155 31.70 7.88 17.96
CA CYS B 155 31.93 6.60 18.63
C CYS B 155 30.55 6.02 18.94
N TYR B 156 29.84 5.57 17.89
CA TYR B 156 28.49 5.05 18.05
C TYR B 156 28.35 3.64 17.45
N CYS B 161 35.91 1.74 19.00
CA CYS B 161 36.42 1.87 20.38
C CYS B 161 35.30 1.78 21.42
N GLU B 162 35.67 1.42 22.65
CA GLU B 162 34.70 1.26 23.74
C GLU B 162 34.24 2.60 24.34
N LYS B 163 35.09 3.64 24.25
CA LYS B 163 34.75 4.96 24.79
C LYS B 163 35.49 6.08 24.07
N THR B 164 34.87 7.26 23.98
CA THR B 164 35.49 8.43 23.34
C THR B 164 36.55 9.02 24.27
N ASN B 165 37.79 9.12 23.79
CA ASN B 165 38.86 9.69 24.60
C ASN B 165 38.87 11.21 24.50
N ILE B 166 38.41 11.88 25.55
CA ILE B 166 38.39 13.34 25.59
C ILE B 166 39.58 13.79 26.44
N GLU B 167 40.54 14.51 25.84
CA GLU B 167 41.72 14.98 26.56
C GLU B 167 41.31 15.97 27.64
N ASP B 168 41.77 15.74 28.88
CA ASP B 168 41.40 16.56 30.03
C ASP B 168 41.72 18.04 29.83
N GLY B 169 40.67 18.83 29.61
CA GLY B 169 40.79 20.27 29.39
C GLY B 169 40.93 20.65 27.93
N VAL B 170 40.37 19.83 27.03
CA VAL B 170 40.44 20.12 25.59
C VAL B 170 39.56 21.33 25.22
N PHE B 171 38.44 21.53 25.93
CA PHE B 171 37.55 22.65 25.66
C PHE B 171 37.86 23.92 26.49
N GLU B 172 38.88 23.85 27.38
CA GLU B 172 39.30 24.95 28.25
C GLU B 172 39.67 26.24 27.53
N THR B 173 40.50 26.15 26.47
CA THR B 173 40.96 27.32 25.72
C THR B 173 39.88 27.94 24.83
N LEU B 174 38.79 27.22 24.56
CA LEU B 174 37.71 27.73 23.72
C LEU B 174 36.78 28.60 24.56
N THR B 175 37.25 29.81 24.92
CA THR B 175 36.50 30.73 25.76
C THR B 175 35.31 31.41 25.06
N ASN B 176 35.12 31.18 23.75
CA ASN B 176 33.97 31.73 23.03
C ASN B 176 32.98 30.66 22.56
N LEU B 177 33.11 29.41 23.05
CA LEU B 177 32.26 28.29 22.65
C LEU B 177 30.85 28.40 23.24
N GLU B 178 29.87 28.66 22.38
CA GLU B 178 28.47 28.78 22.78
C GLU B 178 27.70 27.48 22.60
N LEU B 179 28.09 26.64 21.63
CA LEU B 179 27.40 25.38 21.38
C LEU B 179 28.37 24.20 21.33
N LEU B 180 28.13 23.18 22.16
CA LEU B 180 28.94 21.98 22.13
C LEU B 180 28.04 20.76 22.06
N SER B 181 28.06 20.04 20.94
CA SER B 181 27.23 18.85 20.77
C SER B 181 28.06 17.59 20.71
N LEU B 182 28.06 16.79 21.79
CA LEU B 182 28.79 15.53 21.81
C LEU B 182 27.83 14.34 21.81
N SER B 183 26.63 14.50 21.23
CA SER B 183 25.59 13.48 21.18
C SER B 183 25.96 12.24 20.37
N PHE B 184 25.32 11.10 20.69
CA PHE B 184 25.52 9.81 20.03
C PHE B 184 26.98 9.40 20.00
N ASN B 185 27.56 9.29 21.19
CA ASN B 185 28.95 8.90 21.43
C ASN B 185 29.04 8.09 22.73
N SER B 186 30.07 7.25 22.88
CA SER B 186 30.24 6.49 24.12
C SER B 186 31.06 7.33 25.10
N LEU B 187 30.41 8.29 25.77
CA LEU B 187 31.11 9.16 26.71
C LEU B 187 31.23 8.59 28.11
N SER B 188 30.14 7.97 28.61
CA SER B 188 30.00 7.37 29.95
C SER B 188 29.94 8.40 31.09
N HIS B 189 30.53 9.59 30.87
CA HIS B 189 30.57 10.67 31.84
C HIS B 189 30.67 12.04 31.15
N VAL B 190 30.18 13.09 31.81
CA VAL B 190 30.25 14.46 31.28
C VAL B 190 31.69 14.92 31.28
N PRO B 191 32.20 15.43 30.14
CA PRO B 191 33.59 15.88 30.10
C PRO B 191 33.84 17.07 31.02
N PRO B 192 34.83 16.97 31.91
CA PRO B 192 35.12 18.09 32.82
C PRO B 192 35.87 19.22 32.14
N LYS B 193 35.96 20.37 32.82
CA LYS B 193 36.65 21.58 32.33
C LYS B 193 36.01 22.16 31.07
N LEU B 194 34.72 22.49 31.16
CA LEU B 194 33.99 23.08 30.03
C LEU B 194 33.97 24.61 30.17
N PRO B 195 34.03 25.35 29.05
CA PRO B 195 34.04 26.82 29.14
C PRO B 195 32.76 27.41 29.72
N SER B 196 32.90 28.52 30.45
CA SER B 196 31.76 29.21 31.07
C SER B 196 30.82 29.87 30.05
N SER B 197 31.32 30.16 28.84
CA SER B 197 30.51 30.78 27.79
C SER B 197 29.50 29.85 27.14
N LEU B 198 29.51 28.55 27.48
CA LEU B 198 28.59 27.57 26.91
C LEU B 198 27.14 27.94 27.15
N ARG B 199 26.36 27.99 26.08
CA ARG B 199 24.94 28.31 26.12
C ARG B 199 24.12 27.05 25.82
N LYS B 200 24.58 26.20 24.90
CA LYS B 200 23.87 24.97 24.55
C LYS B 200 24.80 23.77 24.65
N LEU B 201 24.46 22.81 25.54
CA LEU B 201 25.27 21.61 25.72
C LEU B 201 24.46 20.36 25.37
N PHE B 202 24.80 19.69 24.27
CA PHE B 202 24.08 18.49 23.84
C PHE B 202 24.81 17.20 24.23
N LEU B 203 24.16 16.39 25.06
CA LEU B 203 24.73 15.13 25.53
C LEU B 203 23.69 14.00 25.38
N SER B 204 23.00 13.96 24.24
CA SER B 204 21.99 12.94 23.99
C SER B 204 22.63 11.62 23.59
N ASN B 205 22.10 10.49 24.08
CA ASN B 205 22.60 9.16 23.77
C ASN B 205 24.10 9.03 23.97
N THR B 206 24.56 9.40 25.18
CA THR B 206 25.97 9.41 25.54
C THR B 206 26.35 8.40 26.62
N GLN B 207 25.42 7.50 26.99
CA GLN B 207 25.62 6.48 28.02
C GLN B 207 26.01 7.06 29.39
N ILE B 208 25.60 8.31 29.66
CA ILE B 208 25.87 8.94 30.94
C ILE B 208 24.77 8.51 31.91
N LYS B 209 25.07 7.50 32.73
CA LYS B 209 24.09 6.99 33.69
C LYS B 209 24.05 7.75 35.01
N TYR B 210 25.03 8.64 35.26
CA TYR B 210 25.08 9.40 36.51
C TYR B 210 25.45 10.86 36.31
N ILE B 211 24.64 11.77 36.84
CA ILE B 211 24.86 13.20 36.78
C ILE B 211 25.11 13.70 38.21
N SER B 212 26.21 14.41 38.42
CA SER B 212 26.56 14.91 39.75
C SER B 212 26.53 16.45 39.82
N GLU B 213 26.59 17.00 41.04
CA GLU B 213 26.62 18.44 41.29
C GLU B 213 27.83 19.12 40.62
N GLU B 214 28.96 18.40 40.52
CA GLU B 214 30.18 18.91 39.93
C GLU B 214 30.24 18.81 38.40
N ASP B 215 29.37 18.01 37.77
CA ASP B 215 29.37 17.83 36.31
C ASP B 215 29.11 19.12 35.54
N PHE B 216 28.24 19.98 36.07
CA PHE B 216 27.93 21.26 35.47
C PHE B 216 28.32 22.31 36.49
N LYS B 217 29.63 22.54 36.65
CA LYS B 217 30.14 23.44 37.67
C LYS B 217 30.04 24.94 37.30
N GLY B 218 30.75 25.39 36.27
CA GLY B 218 30.76 26.80 35.90
C GLY B 218 29.99 27.16 34.64
N LEU B 219 28.80 26.59 34.46
CA LEU B 219 27.98 26.88 33.28
C LEU B 219 26.85 27.84 33.65
N ILE B 220 27.19 29.06 34.08
CA ILE B 220 26.20 30.05 34.50
C ILE B 220 25.38 30.62 33.35
N ASN B 221 25.93 30.63 32.12
CA ASN B 221 25.19 31.14 30.96
C ASN B 221 24.52 30.04 30.12
N LEU B 222 24.36 28.84 30.68
CA LEU B 222 23.75 27.73 29.94
C LEU B 222 22.24 27.88 29.81
N THR B 223 21.77 28.09 28.58
CA THR B 223 20.34 28.22 28.26
C THR B 223 19.71 26.89 27.80
N LEU B 224 20.52 25.90 27.40
CA LEU B 224 19.99 24.61 26.94
C LEU B 224 20.81 23.44 27.45
N LEU B 225 20.13 22.38 27.91
CA LEU B 225 20.81 21.16 28.34
C LEU B 225 20.05 19.93 27.85
N ASP B 226 20.68 19.12 27.01
CA ASP B 226 20.06 17.92 26.44
C ASP B 226 20.70 16.67 27.03
N LEU B 227 20.00 16.00 27.94
CA LEU B 227 20.49 14.76 28.55
C LEU B 227 19.63 13.55 28.17
N SER B 228 18.94 13.61 27.01
CA SER B 228 18.04 12.56 26.54
C SER B 228 18.76 11.29 26.07
N GLY B 229 18.05 10.16 26.06
CA GLY B 229 18.61 8.90 25.59
C GLY B 229 19.59 8.21 26.51
N ASN B 230 19.75 8.72 27.73
CA ASN B 230 20.63 8.11 28.72
C ASN B 230 19.77 7.27 29.64
N CYS B 231 19.94 5.93 29.55
CA CYS B 231 19.11 4.90 30.20
C CYS B 231 17.76 5.00 29.52
N PRO B 232 17.66 4.54 28.26
CA PRO B 232 16.45 4.79 27.48
C PRO B 232 15.28 3.81 27.64
N ARG B 233 14.10 4.29 27.23
CA ARG B 233 12.89 3.48 27.16
C ARG B 233 12.77 3.21 25.68
N CYS B 234 13.12 1.99 25.27
CA CYS B 234 13.13 1.62 23.86
C CYS B 234 11.75 1.55 23.24
N PHE B 235 11.35 2.61 22.55
CA PHE B 235 10.07 2.69 21.88
C PHE B 235 10.35 3.09 20.44
N ASN B 236 10.31 2.13 19.50
CA ASN B 236 10.52 2.31 18.06
C ASN B 236 11.52 3.42 17.71
N ALA B 237 12.76 3.27 18.19
CA ALA B 237 13.80 4.27 17.97
C ALA B 237 14.44 4.10 16.60
N PRO B 238 14.76 5.20 15.92
CA PRO B 238 15.43 5.07 14.60
C PRO B 238 16.91 4.69 14.68
N PHE B 239 17.50 4.75 15.88
CA PHE B 239 18.89 4.43 16.17
C PHE B 239 18.97 3.30 17.23
N PRO B 240 20.13 2.61 17.37
CA PRO B 240 20.22 1.53 18.37
C PRO B 240 19.77 1.93 19.78
N CYS B 241 19.07 1.03 20.47
CA CYS B 241 18.56 1.31 21.81
C CYS B 241 18.88 0.20 22.79
N VAL B 242 19.68 0.50 23.81
CA VAL B 242 20.02 -0.50 24.83
C VAL B 242 19.71 0.06 26.22
N PRO B 243 18.74 -0.55 26.91
CA PRO B 243 18.35 -0.01 28.23
C PRO B 243 19.36 -0.25 29.33
N CYS B 244 19.28 0.54 30.41
CA CYS B 244 20.20 0.38 31.54
C CYS B 244 19.88 -0.88 32.34
N ASP B 245 20.92 -1.47 32.92
CA ASP B 245 20.81 -2.71 33.68
C ASP B 245 19.80 -2.62 34.83
N GLY B 246 18.89 -3.59 34.88
CA GLY B 246 17.88 -3.68 35.92
C GLY B 246 16.81 -2.60 35.89
N GLY B 247 16.51 -2.10 34.69
CA GLY B 247 15.51 -1.06 34.49
C GLY B 247 15.82 0.21 35.25
N ALA B 248 17.09 0.61 35.24
CA ALA B 248 17.52 1.81 35.94
C ALA B 248 17.30 3.07 35.11
N SER B 249 17.06 4.18 35.79
CA SER B 249 16.87 5.48 35.17
C SER B 249 18.16 6.32 35.27
N ILE B 250 18.19 7.54 34.69
CA ILE B 250 19.35 8.41 34.81
C ILE B 250 19.42 8.88 36.27
N ASN B 251 20.61 8.83 36.87
CA ASN B 251 20.77 9.20 38.28
C ASN B 251 21.24 10.64 38.40
N ILE B 252 20.31 11.59 38.48
CA ILE B 252 20.67 13.00 38.62
C ILE B 252 20.70 13.37 40.10
N ASP B 253 21.79 14.01 40.56
CA ASP B 253 21.93 14.44 41.94
C ASP B 253 20.94 15.59 42.26
N ARG B 254 20.53 15.71 43.52
CA ARG B 254 19.60 16.74 43.98
C ARG B 254 20.06 18.16 43.61
N PHE B 255 21.37 18.44 43.76
CA PHE B 255 21.92 19.76 43.47
C PHE B 255 22.71 19.80 42.16
N ALA B 256 22.34 19.00 41.16
CA ALA B 256 23.06 18.97 39.89
C ALA B 256 22.80 20.21 39.03
N PHE B 257 21.55 20.71 39.03
CA PHE B 257 21.21 21.89 38.23
C PHE B 257 20.97 23.12 39.13
N GLN B 258 21.65 23.20 40.28
CA GLN B 258 21.46 24.33 41.20
C GLN B 258 22.15 25.62 40.73
N ASN B 259 23.16 25.51 39.87
CA ASN B 259 23.86 26.69 39.36
C ASN B 259 23.40 27.14 37.97
N LEU B 260 22.66 26.28 37.25
CA LEU B 260 22.15 26.60 35.91
C LEU B 260 20.90 27.47 36.04
N THR B 261 21.09 28.76 36.38
CA THR B 261 19.98 29.68 36.59
C THR B 261 19.34 30.16 35.29
N GLN B 262 20.10 30.20 34.20
CA GLN B 262 19.57 30.67 32.92
C GLN B 262 19.03 29.56 32.03
N LEU B 263 18.76 28.37 32.57
CA LEU B 263 18.27 27.26 31.76
C LEU B 263 16.85 27.48 31.25
N ARG B 264 16.67 27.39 29.94
CA ARG B 264 15.39 27.56 29.26
C ARG B 264 14.92 26.26 28.63
N TYR B 265 15.84 25.43 28.13
CA TYR B 265 15.49 24.18 27.48
C TYR B 265 16.11 22.99 28.21
N LEU B 266 15.29 22.05 28.67
CA LEU B 266 15.79 20.87 29.35
C LEU B 266 15.18 19.62 28.71
N ASN B 267 16.02 18.82 28.03
CA ASN B 267 15.54 17.61 27.36
C ASN B 267 15.93 16.37 28.14
N LEU B 268 14.98 15.74 28.80
CA LEU B 268 15.22 14.52 29.56
C LEU B 268 14.40 13.34 29.00
N SER B 269 14.19 13.32 27.68
CA SER B 269 13.42 12.26 27.01
C SER B 269 14.18 10.95 27.00
N SER B 270 13.47 9.82 27.05
CA SER B 270 14.07 8.48 27.04
C SER B 270 15.16 8.33 28.12
N THR B 271 14.82 8.68 29.35
CA THR B 271 15.74 8.57 30.48
C THR B 271 15.24 7.58 31.56
N SER B 272 14.18 6.80 31.25
CA SER B 272 13.55 5.80 32.12
C SER B 272 13.15 6.32 33.49
N LEU B 273 13.05 7.65 33.65
CA LEU B 273 12.71 8.29 34.91
C LEU B 273 11.39 7.83 35.47
N ARG B 274 11.39 7.53 36.76
CA ARG B 274 10.18 7.11 37.48
C ARG B 274 9.75 8.21 38.46
N LYS B 275 10.72 8.97 39.01
CA LYS B 275 10.46 10.06 39.93
C LYS B 275 11.22 11.32 39.46
N ILE B 276 10.57 12.48 39.57
CA ILE B 276 11.15 13.76 39.20
C ILE B 276 11.40 14.53 40.49
N ASN B 277 12.65 14.94 40.74
CA ASN B 277 12.97 15.70 41.94
C ASN B 277 12.67 17.18 41.68
N ALA B 278 11.75 17.75 42.46
CA ALA B 278 11.38 19.15 42.34
C ALA B 278 12.54 20.10 42.66
N ALA B 279 13.53 19.64 43.45
CA ALA B 279 14.72 20.41 43.82
C ALA B 279 15.59 20.78 42.61
N TRP B 280 15.43 20.07 41.48
CA TRP B 280 16.18 20.36 40.26
C TRP B 280 15.80 21.72 39.68
N PHE B 281 14.52 22.09 39.81
CA PHE B 281 14.00 23.34 39.24
C PHE B 281 13.84 24.47 40.26
N LYS B 282 14.49 24.38 41.43
CA LYS B 282 14.37 25.45 42.44
C LYS B 282 15.10 26.71 42.01
N ASN B 283 16.23 26.56 41.31
CA ASN B 283 17.01 27.70 40.82
C ASN B 283 16.93 27.76 39.30
N MET B 284 15.74 27.51 38.75
CA MET B 284 15.49 27.52 37.30
C MET B 284 14.18 28.25 37.02
N PRO B 285 14.13 29.58 37.20
CA PRO B 285 12.87 30.30 37.00
C PRO B 285 12.51 30.63 35.55
N HIS B 286 13.44 30.46 34.61
CA HIS B 286 13.17 30.78 33.21
C HIS B 286 12.90 29.55 32.33
N LEU B 287 12.83 28.33 32.92
CA LEU B 287 12.61 27.10 32.15
C LEU B 287 11.35 27.19 31.30
N LYS B 288 11.53 27.26 29.99
CA LYS B 288 10.48 27.42 29.00
C LYS B 288 10.05 26.11 28.33
N VAL B 289 11.02 25.27 27.95
CA VAL B 289 10.70 23.99 27.30
C VAL B 289 11.21 22.80 28.11
N LEU B 290 10.29 21.92 28.54
CA LEU B 290 10.67 20.72 29.28
C LEU B 290 10.20 19.47 28.54
N ASP B 291 11.15 18.62 28.18
CA ASP B 291 10.86 17.39 27.47
C ASP B 291 11.00 16.19 28.39
N LEU B 292 9.92 15.41 28.56
CA LEU B 292 9.91 14.24 29.43
C LEU B 292 9.26 13.01 28.75
N GLU B 293 9.40 12.89 27.42
CA GLU B 293 8.84 11.76 26.67
C GLU B 293 9.57 10.46 26.98
N PHE B 294 8.92 9.32 26.74
CA PHE B 294 9.51 7.99 26.90
C PHE B 294 10.12 7.76 28.29
N ASN B 295 9.33 8.01 29.31
CA ASN B 295 9.71 7.78 30.69
C ASN B 295 8.57 6.97 31.39
N TYR B 296 8.58 6.84 32.71
CA TYR B 296 7.54 6.08 33.42
C TYR B 296 6.96 7.01 34.47
N LEU B 297 6.52 8.19 34.03
CA LEU B 297 6.04 9.25 34.89
C LEU B 297 4.52 9.36 35.03
N VAL B 298 3.77 8.24 34.98
CA VAL B 298 2.32 8.29 35.16
C VAL B 298 1.99 8.75 36.60
N GLY B 299 2.75 8.28 37.57
CA GLY B 299 2.60 8.67 38.97
C GLY B 299 2.92 10.13 39.17
N GLU B 300 3.96 10.63 38.47
CA GLU B 300 4.36 12.02 38.53
C GLU B 300 3.33 12.94 37.87
N ILE B 301 2.59 12.44 36.86
CA ILE B 301 1.55 13.23 36.21
C ILE B 301 0.34 13.39 37.16
N ALA B 302 0.08 12.38 38.02
CA ALA B 302 -1.02 12.35 38.99
C ALA B 302 -0.75 13.15 40.28
N SER B 303 0.52 13.32 40.67
CA SER B 303 0.84 14.06 41.90
C SER B 303 1.81 15.21 41.63
N GLY B 304 2.97 14.89 41.05
CA GLY B 304 4.02 15.81 40.64
C GLY B 304 4.25 17.08 41.43
N ALA B 305 5.20 17.04 42.36
CA ALA B 305 5.56 18.23 43.14
C ALA B 305 6.29 19.27 42.26
N PHE B 306 7.00 18.81 41.20
CA PHE B 306 7.75 19.62 40.25
C PHE B 306 6.88 20.59 39.45
N LEU B 307 5.57 20.34 39.35
CA LEU B 307 4.64 21.20 38.61
C LEU B 307 4.51 22.61 39.23
N THR B 308 4.76 22.74 40.52
CA THR B 308 4.72 24.04 41.19
C THR B 308 6.01 24.86 40.94
N MET B 309 7.10 24.21 40.54
CA MET B 309 8.39 24.84 40.27
C MET B 309 8.55 25.38 38.85
N LEU B 310 7.51 25.28 38.00
CA LEU B 310 7.62 25.73 36.61
C LEU B 310 6.59 26.81 36.24
N PRO B 311 6.73 28.05 36.75
CA PRO B 311 5.74 29.09 36.42
C PRO B 311 5.90 29.73 35.06
N ARG B 312 7.09 29.64 34.45
CA ARG B 312 7.33 30.24 33.14
C ARG B 312 7.47 29.21 32.01
N LEU B 313 7.03 27.96 32.23
CA LEU B 313 7.10 26.89 31.25
C LEU B 313 6.03 27.08 30.19
N GLU B 314 6.43 27.09 28.91
CA GLU B 314 5.50 27.26 27.80
C GLU B 314 5.23 25.96 27.04
N ILE B 315 6.21 25.04 26.98
CA ILE B 315 6.00 23.76 26.30
C ILE B 315 6.35 22.60 27.21
N LEU B 316 5.35 21.77 27.53
CA LEU B 316 5.56 20.58 28.37
C LEU B 316 5.21 19.34 27.56
N ASP B 317 6.12 18.37 27.50
CA ASP B 317 5.88 17.14 26.76
C ASP B 317 6.03 15.91 27.66
N LEU B 318 4.93 15.22 27.92
CA LEU B 318 4.95 14.00 28.71
C LEU B 318 4.42 12.83 27.88
N SER B 319 4.80 12.78 26.59
CA SER B 319 4.34 11.73 25.70
C SER B 319 4.99 10.37 25.95
N PHE B 320 4.26 9.30 25.63
CA PHE B 320 4.67 7.91 25.73
C PHE B 320 5.24 7.54 27.09
N ASN B 321 4.47 7.87 28.13
CA ASN B 321 4.84 7.53 29.50
C ASN B 321 3.92 6.44 30.08
N TYR B 322 3.17 5.71 29.22
CA TYR B 322 2.22 4.67 29.64
C TYR B 322 2.83 3.57 30.50
N ILE B 323 2.00 2.97 31.36
CA ILE B 323 2.42 1.86 32.20
C ILE B 323 2.04 0.60 31.44
N LYS B 324 3.00 -0.30 31.20
CA LYS B 324 2.77 -1.54 30.49
C LYS B 324 1.75 -2.42 31.20
N GLY B 325 0.84 -3.00 30.44
CA GLY B 325 -0.19 -3.88 30.95
C GLY B 325 -1.44 -3.20 31.48
N SER B 326 -1.47 -1.86 31.47
CA SER B 326 -2.63 -1.14 31.98
C SER B 326 -3.27 -0.21 30.96
N TYR B 327 -4.59 -0.17 30.97
CA TYR B 327 -5.40 0.67 30.10
C TYR B 327 -6.41 1.35 31.03
N PRO B 328 -5.98 2.40 31.76
CA PRO B 328 -6.88 3.02 32.73
C PRO B 328 -8.12 3.68 32.13
N GLN B 329 -9.18 3.79 32.93
CA GLN B 329 -10.43 4.38 32.46
C GLN B 329 -10.28 5.87 32.21
N HIS B 330 -9.53 6.57 33.05
CA HIS B 330 -9.36 8.02 32.90
C HIS B 330 -7.90 8.45 33.04
N ILE B 331 -7.58 9.65 32.56
CA ILE B 331 -6.24 10.20 32.71
C ILE B 331 -6.16 10.89 34.09
N ASN B 332 -5.13 10.58 34.88
CA ASN B 332 -5.01 11.18 36.21
C ASN B 332 -4.11 12.41 36.14
N ILE B 333 -4.72 13.58 35.94
CA ILE B 333 -3.99 14.84 35.85
C ILE B 333 -4.00 15.51 37.22
N SER B 334 -2.80 15.80 37.76
CA SER B 334 -2.65 16.44 39.07
C SER B 334 -3.22 17.86 39.06
N ARG B 335 -3.77 18.29 40.21
CA ARG B 335 -4.29 19.65 40.33
C ARG B 335 -3.18 20.70 40.21
N ASN B 336 -1.91 20.32 40.52
CA ASN B 336 -0.74 21.19 40.40
C ASN B 336 -0.48 21.64 38.95
N PHE B 337 -1.18 21.06 37.96
CA PHE B 337 -1.08 21.48 36.56
C PHE B 337 -1.58 22.93 36.38
N SER B 338 -2.44 23.41 37.29
CA SER B 338 -2.97 24.78 37.31
C SER B 338 -1.89 25.83 37.63
N LYS B 339 -0.72 25.42 38.17
CA LYS B 339 0.38 26.33 38.48
C LYS B 339 1.21 26.69 37.23
N LEU B 340 1.04 25.96 36.11
CA LEU B 340 1.74 26.20 34.85
C LEU B 340 1.07 27.37 34.12
N LEU B 341 1.14 28.56 34.72
CA LEU B 341 0.51 29.78 34.23
C LEU B 341 0.99 30.24 32.85
N SER B 342 2.22 29.87 32.46
CA SER B 342 2.74 30.28 31.14
C SER B 342 2.51 29.28 30.02
N LEU B 343 2.04 28.04 30.36
CA LEU B 343 1.82 26.96 29.41
C LEU B 343 1.08 27.36 28.15
N ARG B 344 1.61 26.97 26.98
CA ARG B 344 1.06 27.24 25.66
C ARG B 344 0.73 25.93 24.94
N ALA B 345 1.57 24.90 25.11
CA ALA B 345 1.38 23.62 24.45
C ALA B 345 1.61 22.46 25.40
N LEU B 346 0.62 21.57 25.52
CA LEU B 346 0.73 20.39 26.37
C LEU B 346 0.66 19.14 25.52
N HIS B 347 1.77 18.40 25.44
CA HIS B 347 1.80 17.18 24.64
C HIS B 347 1.66 15.99 25.57
N LEU B 348 0.56 15.24 25.41
CA LEU B 348 0.24 14.10 26.24
C LEU B 348 -0.08 12.85 25.39
N ARG B 349 0.73 12.58 24.36
CA ARG B 349 0.52 11.39 23.53
C ARG B 349 0.94 10.11 24.30
N GLY B 350 0.57 8.95 23.78
CA GLY B 350 0.97 7.68 24.38
C GLY B 350 0.73 7.46 25.86
N TYR B 351 -0.23 8.17 26.47
CA TYR B 351 -0.58 7.92 27.87
C TYR B 351 -1.41 6.62 27.95
N VAL B 352 -2.26 6.37 26.91
CA VAL B 352 -3.12 5.21 26.72
C VAL B 352 -4.17 5.10 27.82
N PHE B 353 -5.35 5.68 27.57
CA PHE B 353 -6.50 5.69 28.49
C PHE B 353 -7.82 5.62 27.72
N GLN B 354 -8.88 5.12 28.34
CA GLN B 354 -10.16 4.88 27.67
C GLN B 354 -11.14 6.05 27.59
N GLU B 355 -11.13 6.99 28.54
CA GLU B 355 -12.13 8.05 28.56
C GLU B 355 -11.65 9.39 29.09
N LEU B 356 -11.96 10.47 28.38
CA LEU B 356 -11.60 11.82 28.80
C LEU B 356 -12.85 12.55 29.31
N ARG B 357 -12.97 12.73 30.63
CA ARG B 357 -14.13 13.42 31.20
C ARG B 357 -13.85 14.92 31.37
N GLU B 358 -14.90 15.72 31.63
CA GLU B 358 -14.77 17.15 31.85
C GLU B 358 -13.96 17.44 33.13
N ASP B 359 -14.12 16.60 34.16
CA ASP B 359 -13.40 16.79 35.42
C ASP B 359 -11.91 16.42 35.35
N ASP B 360 -11.52 15.59 34.37
CA ASP B 360 -10.13 15.17 34.24
C ASP B 360 -9.23 16.31 33.78
N PHE B 361 -9.76 17.21 32.93
CA PHE B 361 -9.02 18.35 32.41
C PHE B 361 -9.38 19.67 33.10
N GLN B 362 -9.87 19.62 34.34
CA GLN B 362 -10.20 20.81 35.13
C GLN B 362 -8.95 21.64 35.48
N PRO B 363 -7.79 21.03 35.90
CA PRO B 363 -6.62 21.87 36.22
C PRO B 363 -6.08 22.70 35.06
N LEU B 364 -6.50 22.41 33.81
CA LEU B 364 -6.01 23.13 32.64
C LEU B 364 -6.93 24.23 32.12
N MET B 365 -8.16 24.31 32.64
CA MET B 365 -9.15 25.25 32.13
C MET B 365 -8.90 26.74 32.44
N GLN B 366 -8.10 27.07 33.46
CA GLN B 366 -7.84 28.48 33.78
C GLN B 366 -6.51 29.00 33.24
N LEU B 367 -5.72 28.18 32.53
CA LEU B 367 -4.44 28.63 31.98
C LEU B 367 -4.74 29.58 30.82
N PRO B 368 -4.26 30.83 30.89
CA PRO B 368 -4.62 31.83 29.87
C PRO B 368 -3.99 31.65 28.49
N ASN B 369 -2.78 31.08 28.42
CA ASN B 369 -2.10 30.96 27.12
C ASN B 369 -2.07 29.55 26.54
N LEU B 370 -2.70 28.56 27.20
CA LEU B 370 -2.73 27.19 26.69
C LEU B 370 -3.55 27.14 25.40
N SER B 371 -2.88 27.02 24.26
CA SER B 371 -3.54 26.97 22.96
C SER B 371 -3.44 25.63 22.25
N THR B 372 -2.54 24.74 22.68
CA THR B 372 -2.37 23.45 22.03
C THR B 372 -2.49 22.28 22.98
N ILE B 373 -3.39 21.34 22.68
CA ILE B 373 -3.54 20.12 23.46
C ILE B 373 -3.32 18.93 22.55
N ASN B 374 -2.21 18.22 22.76
CA ASN B 374 -1.87 17.07 21.93
C ASN B 374 -2.28 15.78 22.65
N LEU B 375 -3.29 15.09 22.12
CA LEU B 375 -3.75 13.84 22.71
C LEU B 375 -3.73 12.68 21.72
N GLY B 376 -2.83 12.72 20.76
CA GLY B 376 -2.72 11.66 19.75
C GLY B 376 -2.22 10.35 20.31
N ILE B 377 -2.51 9.24 19.62
CA ILE B 377 -2.08 7.89 20.00
C ILE B 377 -2.37 7.57 21.48
N ASN B 378 -3.63 7.74 21.89
CA ASN B 378 -4.06 7.48 23.27
C ASN B 378 -5.13 6.39 23.39
N PHE B 379 -5.74 5.99 22.25
CA PHE B 379 -6.77 4.96 22.17
C PHE B 379 -7.98 5.30 23.01
N ILE B 380 -8.36 6.59 23.03
CA ILE B 380 -9.50 7.05 23.81
C ILE B 380 -10.79 6.59 23.14
N LYS B 381 -11.56 5.74 23.82
CA LYS B 381 -12.81 5.22 23.29
C LYS B 381 -13.83 6.33 23.16
N GLN B 382 -13.88 7.24 24.14
CA GLN B 382 -14.78 8.39 24.05
C GLN B 382 -14.39 9.56 24.92
N ILE B 383 -14.56 10.76 24.38
CA ILE B 383 -14.25 12.05 24.98
C ILE B 383 -15.55 12.83 25.23
N ASP B 384 -15.66 13.49 26.36
CA ASP B 384 -16.78 14.35 26.68
C ASP B 384 -16.43 15.67 25.99
N PHE B 385 -16.79 15.83 24.73
CA PHE B 385 -16.41 16.98 23.91
C PHE B 385 -16.81 18.37 24.45
N LYS B 386 -17.78 18.45 25.37
CA LYS B 386 -18.16 19.74 25.94
C LYS B 386 -17.07 20.40 26.79
N LEU B 387 -16.07 19.62 27.26
CA LEU B 387 -14.97 20.13 28.05
C LEU B 387 -14.10 21.13 27.30
N PHE B 388 -14.06 21.06 25.96
CA PHE B 388 -13.26 21.97 25.16
C PHE B 388 -13.83 23.40 25.14
N GLN B 389 -15.14 23.56 25.39
CA GLN B 389 -15.78 24.87 25.50
C GLN B 389 -15.28 25.62 26.75
N ASN B 390 -15.00 24.86 27.82
CA ASN B 390 -14.50 25.35 29.09
C ASN B 390 -13.11 26.03 29.01
N PHE B 391 -12.36 25.80 27.93
CA PHE B 391 -11.05 26.41 27.76
C PHE B 391 -11.14 27.85 27.28
N SER B 392 -10.13 28.66 27.59
CA SER B 392 -10.13 30.08 27.22
C SER B 392 -9.46 30.40 25.88
N ASN B 393 -8.28 29.82 25.62
CA ASN B 393 -7.55 30.12 24.39
C ASN B 393 -7.14 28.90 23.57
N LEU B 394 -7.96 27.84 23.56
CA LEU B 394 -7.64 26.64 22.79
C LEU B 394 -7.76 26.88 21.28
N GLU B 395 -6.68 26.61 20.53
CA GLU B 395 -6.66 26.79 19.08
C GLU B 395 -6.37 25.49 18.33
N ILE B 396 -5.67 24.53 18.97
CA ILE B 396 -5.33 23.25 18.35
C ILE B 396 -5.69 22.07 19.26
N ILE B 397 -6.70 21.30 18.85
CA ILE B 397 -7.11 20.10 19.58
C ILE B 397 -6.77 18.91 18.70
N TYR B 398 -5.61 18.29 18.96
CA TYR B 398 -5.14 17.17 18.16
C TYR B 398 -5.53 15.85 18.79
N LEU B 399 -6.52 15.15 18.19
CA LEU B 399 -7.01 13.88 18.71
C LEU B 399 -6.82 12.72 17.72
N SER B 400 -5.85 12.82 16.83
CA SER B 400 -5.60 11.77 15.85
C SER B 400 -5.17 10.45 16.49
N GLU B 401 -5.37 9.33 15.78
CA GLU B 401 -5.02 8.00 16.25
C GLU B 401 -5.63 7.65 17.60
N ASN B 402 -6.93 7.85 17.73
CA ASN B 402 -7.69 7.51 18.92
C ASN B 402 -8.85 6.55 18.53
N ARG B 403 -9.76 6.19 19.45
CA ARG B 403 -10.86 5.26 19.13
C ARG B 403 -12.24 5.86 19.25
N ILE B 404 -12.38 7.16 18.93
CA ILE B 404 -13.66 7.85 18.97
C ILE B 404 -14.63 7.21 17.95
N SER B 405 -15.82 6.84 18.41
CA SER B 405 -16.84 6.15 17.61
C SER B 405 -17.95 7.14 17.14
N PRO B 406 -18.82 6.73 16.19
CA PRO B 406 -19.93 7.62 15.80
C PRO B 406 -20.87 7.86 16.98
N LEU B 407 -21.14 9.14 17.30
CA LEU B 407 -21.98 9.51 18.43
C LEU B 407 -23.45 9.54 18.10
N VAL B 408 -24.23 8.65 18.70
CA VAL B 408 -25.67 8.58 18.49
C VAL B 408 -26.40 9.31 19.62
N ASP B 436 18.77 11.53 9.70
CA ASP B 436 19.05 12.93 9.95
C ASP B 436 19.60 13.15 11.35
N PRO B 437 20.90 13.46 11.47
CA PRO B 437 21.46 13.70 12.81
C PRO B 437 21.15 15.08 13.40
N HIS B 438 20.69 16.03 12.57
CA HIS B 438 20.33 17.38 13.02
C HIS B 438 18.81 17.48 13.24
N SER B 439 18.21 16.44 13.83
CA SER B 439 16.77 16.41 14.05
C SER B 439 16.39 16.17 15.51
N ASN B 440 15.15 16.54 15.88
CA ASN B 440 14.63 16.29 17.21
C ASN B 440 14.03 14.89 17.13
N PHE B 441 14.73 13.90 17.69
CA PHE B 441 14.29 12.51 17.59
C PHE B 441 13.30 12.04 18.65
N TYR B 442 12.75 12.95 19.46
CA TYR B 442 11.82 12.55 20.52
C TYR B 442 10.55 13.39 20.56
N HIS B 443 10.66 14.67 20.20
CA HIS B 443 9.52 15.58 20.23
C HIS B 443 8.97 15.80 18.83
N PHE B 444 7.63 15.88 18.71
CA PHE B 444 6.98 16.11 17.42
C PHE B 444 7.07 17.60 17.08
N THR B 445 8.06 17.98 16.26
CA THR B 445 8.30 19.37 15.89
C THR B 445 7.44 19.87 14.72
N ARG B 446 7.03 18.98 13.81
CA ARG B 446 6.21 19.34 12.67
C ARG B 446 4.81 19.80 13.13
N PRO B 447 4.13 20.71 12.37
CA PRO B 447 2.80 21.16 12.81
C PRO B 447 1.81 20.01 12.94
N LEU B 448 1.11 19.95 14.08
CA LEU B 448 0.13 18.90 14.35
C LEU B 448 -1.00 18.96 13.33
N ILE B 449 -1.48 20.16 13.03
CA ILE B 449 -2.52 20.38 12.06
C ILE B 449 -1.95 21.33 11.00
N LYS B 450 -2.09 20.98 9.71
CA LYS B 450 -1.56 21.78 8.58
C LYS B 450 -1.78 23.28 8.73
N PRO B 451 -0.72 24.08 8.59
CA PRO B 451 -0.86 25.55 8.80
C PRO B 451 -2.00 26.20 8.01
N GLN B 452 -2.25 25.75 6.79
CA GLN B 452 -3.33 26.29 5.95
C GLN B 452 -4.72 26.05 6.55
N CYS B 453 -4.86 25.01 7.39
CA CYS B 453 -6.11 24.67 8.04
C CYS B 453 -6.25 25.46 9.34
N ALA B 454 -5.22 25.42 10.18
CA ALA B 454 -5.21 26.10 11.48
C ALA B 454 -5.29 27.63 11.38
N ALA B 455 -4.92 28.21 10.23
CA ALA B 455 -4.99 29.66 10.03
C ALA B 455 -6.42 30.20 10.03
N TYR B 456 -7.41 29.35 9.73
CA TYR B 456 -8.81 29.77 9.71
C TYR B 456 -9.43 29.96 11.11
N GLY B 457 -8.84 29.32 12.12
CA GLY B 457 -9.36 29.44 13.49
C GLY B 457 -9.15 28.19 14.33
N LYS B 458 -10.14 27.86 15.16
CA LYS B 458 -10.06 26.68 16.04
C LYS B 458 -9.96 25.41 15.19
N ALA B 459 -8.92 24.61 15.45
CA ALA B 459 -8.67 23.40 14.69
C ALA B 459 -8.87 22.14 15.52
N LEU B 460 -9.66 21.18 15.00
CA LEU B 460 -9.90 19.91 15.67
C LEU B 460 -9.51 18.79 14.71
N ASP B 461 -8.61 17.90 15.13
CA ASP B 461 -8.15 16.80 14.28
C ASP B 461 -8.67 15.49 14.84
N LEU B 462 -9.66 14.91 14.18
CA LEU B 462 -10.23 13.62 14.56
C LEU B 462 -9.89 12.53 13.54
N SER B 463 -8.76 12.65 12.84
CA SER B 463 -8.36 11.67 11.84
C SER B 463 -7.89 10.36 12.48
N LEU B 464 -7.92 9.26 11.71
CA LEU B 464 -7.49 7.93 12.14
C LEU B 464 -8.16 7.47 13.43
N ASN B 465 -9.48 7.64 13.49
CA ASN B 465 -10.31 7.24 14.63
C ASN B 465 -11.31 6.15 14.17
N SER B 466 -12.30 5.75 15.01
CA SER B 466 -13.27 4.73 14.61
C SER B 466 -14.61 5.33 14.16
N ILE B 467 -14.58 6.55 13.62
CA ILE B 467 -15.80 7.20 13.16
C ILE B 467 -16.15 6.67 11.77
N PHE B 468 -16.77 5.48 11.71
CA PHE B 468 -17.12 4.88 10.41
C PHE B 468 -18.33 5.54 9.72
N PHE B 469 -19.03 6.47 10.40
CA PHE B 469 -20.14 7.27 9.89
C PHE B 469 -20.38 8.45 10.84
N ILE B 470 -20.78 9.60 10.31
CA ILE B 470 -21.03 10.79 11.12
C ILE B 470 -22.37 10.68 11.85
N GLY B 471 -22.31 10.41 13.16
CA GLY B 471 -23.50 10.25 13.98
C GLY B 471 -24.27 11.55 14.16
N PRO B 472 -25.54 11.47 14.60
CA PRO B 472 -26.33 12.70 14.76
C PRO B 472 -25.78 13.64 15.83
N ASN B 473 -25.22 13.09 16.90
CA ASN B 473 -24.65 13.87 17.99
C ASN B 473 -23.12 13.94 17.91
N GLN B 474 -22.53 13.73 16.73
CA GLN B 474 -21.09 13.70 16.55
C GLN B 474 -20.39 14.98 16.96
N PHE B 475 -20.88 16.13 16.49
CA PHE B 475 -20.22 17.40 16.77
C PHE B 475 -20.95 18.29 17.76
N GLU B 476 -21.95 17.75 18.49
CA GLU B 476 -22.66 18.57 19.48
C GLU B 476 -21.79 18.90 20.68
N ASN B 477 -22.01 20.09 21.25
CA ASN B 477 -21.26 20.63 22.39
C ASN B 477 -19.78 20.94 22.07
N LEU B 478 -19.46 21.16 20.79
CA LEU B 478 -18.11 21.50 20.37
C LEU B 478 -17.97 23.01 20.21
N PRO B 479 -16.75 23.56 20.39
CA PRO B 479 -16.56 25.00 20.19
C PRO B 479 -16.79 25.43 18.71
N ASP B 480 -16.56 26.71 18.38
CA ASP B 480 -16.73 27.19 17.01
C ASP B 480 -15.53 26.72 16.18
N ILE B 481 -15.61 25.50 15.65
CA ILE B 481 -14.56 24.87 14.86
C ILE B 481 -14.45 25.45 13.45
N ALA B 482 -13.27 25.96 13.09
CA ALA B 482 -13.03 26.50 11.75
C ALA B 482 -12.19 25.55 10.87
N CYS B 483 -11.51 24.57 11.48
CA CYS B 483 -10.67 23.62 10.76
C CYS B 483 -10.99 22.24 11.31
N LEU B 484 -11.44 21.32 10.45
CA LEU B 484 -11.78 19.97 10.89
C LEU B 484 -11.12 18.90 10.04
N ASN B 485 -10.48 17.91 10.69
CA ASN B 485 -9.86 16.80 9.98
C ASN B 485 -10.54 15.49 10.30
N LEU B 486 -11.25 14.92 9.34
CA LEU B 486 -11.88 13.61 9.52
C LEU B 486 -11.22 12.54 8.64
N SER B 487 -9.94 12.72 8.30
CA SER B 487 -9.18 11.81 7.43
C SER B 487 -9.07 10.37 7.94
N ALA B 488 -8.87 9.42 7.00
CA ALA B 488 -8.67 7.99 7.25
C ALA B 488 -9.50 7.42 8.42
N ASN B 489 -10.81 7.60 8.33
CA ASN B 489 -11.75 7.12 9.34
C ASN B 489 -12.67 6.01 8.82
N SER B 490 -12.49 5.56 7.55
CA SER B 490 -13.36 4.58 6.86
C SER B 490 -14.81 5.05 6.92
N ASN B 491 -15.03 6.37 6.79
CA ASN B 491 -16.32 7.02 6.91
C ASN B 491 -17.14 6.83 5.67
N ALA B 492 -18.23 6.07 5.77
CA ALA B 492 -19.11 5.84 4.64
C ALA B 492 -20.41 6.66 4.78
N GLN B 493 -20.30 7.89 5.27
CA GLN B 493 -21.46 8.74 5.46
C GLN B 493 -22.08 9.19 4.14
N VAL B 494 -23.41 9.08 4.02
CA VAL B 494 -24.15 9.58 2.87
C VAL B 494 -24.48 11.01 3.27
N LEU B 495 -23.68 11.98 2.81
CA LEU B 495 -23.85 13.37 3.17
C LEU B 495 -25.17 13.95 2.65
N SER B 496 -25.91 14.65 3.52
CA SER B 496 -27.22 15.18 3.15
C SER B 496 -27.50 16.62 3.59
N GLY B 497 -26.51 17.31 4.16
CA GLY B 497 -26.69 18.69 4.58
C GLY B 497 -27.03 18.94 6.03
N THR B 498 -26.96 17.93 6.89
CA THR B 498 -27.27 18.08 8.31
C THR B 498 -26.18 17.61 9.26
N GLU B 499 -25.15 16.90 8.74
CA GLU B 499 -24.06 16.31 9.52
C GLU B 499 -23.20 17.31 10.30
N PHE B 500 -22.96 18.49 9.73
CA PHE B 500 -22.12 19.51 10.33
C PHE B 500 -22.95 20.73 10.74
N SER B 501 -24.17 20.50 11.23
CA SER B 501 -25.03 21.59 11.66
C SER B 501 -24.59 22.18 13.01
N ALA B 502 -23.99 21.37 13.89
CA ALA B 502 -23.51 21.86 15.19
C ALA B 502 -22.22 22.69 15.09
N ILE B 503 -21.48 22.56 13.99
CA ILE B 503 -20.26 23.33 13.75
C ILE B 503 -20.37 23.92 12.34
N PRO B 504 -21.24 24.92 12.11
CA PRO B 504 -21.44 25.41 10.73
C PRO B 504 -20.42 26.42 10.22
N HIS B 505 -19.40 26.76 11.01
CA HIS B 505 -18.41 27.73 10.56
C HIS B 505 -17.08 27.10 10.18
N VAL B 506 -17.13 25.87 9.66
CA VAL B 506 -15.92 25.18 9.23
C VAL B 506 -15.49 25.77 7.90
N LYS B 507 -14.29 26.35 7.84
CA LYS B 507 -13.78 26.94 6.62
C LYS B 507 -12.86 25.98 5.85
N TYR B 508 -12.19 25.05 6.55
CA TYR B 508 -11.30 24.08 5.93
C TYR B 508 -11.71 22.69 6.42
N LEU B 509 -12.25 21.86 5.53
CA LEU B 509 -12.69 20.53 5.90
C LEU B 509 -11.88 19.46 5.15
N ASP B 510 -11.16 18.61 5.90
CA ASP B 510 -10.37 17.53 5.30
C ASP B 510 -11.11 16.22 5.48
N LEU B 511 -11.62 15.66 4.39
CA LEU B 511 -12.34 14.39 4.41
C LEU B 511 -11.59 13.29 3.62
N THR B 512 -10.26 13.42 3.48
CA THR B 512 -9.45 12.47 2.71
C THR B 512 -9.47 11.03 3.24
N ASN B 513 -9.21 10.06 2.35
CA ASN B 513 -9.11 8.63 2.65
C ASN B 513 -10.34 8.05 3.33
N ASN B 514 -11.52 8.44 2.85
CA ASN B 514 -12.80 7.96 3.38
C ASN B 514 -13.65 7.35 2.25
N ARG B 515 -14.83 6.81 2.57
CA ARG B 515 -15.71 6.19 1.58
C ARG B 515 -17.02 6.96 1.44
N LEU B 516 -16.96 8.29 1.55
CA LEU B 516 -18.09 9.21 1.56
C LEU B 516 -18.93 9.23 0.27
N ASP B 517 -20.21 9.52 0.44
CA ASP B 517 -21.19 9.62 -0.62
C ASP B 517 -21.69 11.06 -0.63
N PHE B 518 -21.25 11.85 -1.61
CA PHE B 518 -21.65 13.25 -1.71
C PHE B 518 -22.43 13.51 -2.99
N ASP B 519 -23.27 12.55 -3.39
CA ASP B 519 -24.11 12.66 -4.58
C ASP B 519 -25.27 13.63 -4.37
N ASN B 520 -25.75 13.78 -3.14
CA ASN B 520 -26.85 14.70 -2.84
C ASN B 520 -26.43 16.14 -3.13
N ALA B 521 -27.34 16.93 -3.70
CA ALA B 521 -27.06 18.34 -4.00
C ALA B 521 -26.87 19.17 -2.72
N SER B 522 -27.44 18.72 -1.59
CA SER B 522 -27.34 19.41 -0.32
C SER B 522 -26.12 18.97 0.52
N ALA B 523 -25.27 18.06 0.01
CA ALA B 523 -24.10 17.59 0.75
C ALA B 523 -23.14 18.72 1.09
N LEU B 524 -22.78 18.84 2.38
CA LEU B 524 -21.85 19.83 2.93
C LEU B 524 -22.33 21.29 2.82
N THR B 525 -23.56 21.53 2.31
CA THR B 525 -24.10 22.89 2.14
C THR B 525 -24.38 23.63 3.44
N GLU B 526 -24.46 22.91 4.57
CA GLU B 526 -24.63 23.55 5.89
C GLU B 526 -23.38 24.35 6.29
N LEU B 527 -22.23 24.11 5.64
CA LEU B 527 -21.00 24.83 5.89
C LEU B 527 -20.93 25.96 4.87
N SER B 528 -21.76 26.99 5.06
CA SER B 528 -21.86 28.14 4.18
C SER B 528 -20.56 28.90 3.98
N ASP B 529 -19.68 28.90 4.99
CA ASP B 529 -18.39 29.59 4.89
C ASP B 529 -17.24 28.68 4.43
N LEU B 530 -17.54 27.48 3.89
CA LEU B 530 -16.52 26.54 3.45
C LEU B 530 -15.65 27.13 2.33
N GLU B 531 -14.34 27.14 2.54
CA GLU B 531 -13.39 27.67 1.57
C GLU B 531 -12.52 26.57 0.98
N VAL B 532 -12.10 25.60 1.81
CA VAL B 532 -11.26 24.51 1.32
C VAL B 532 -11.86 23.15 1.63
N LEU B 533 -12.14 22.36 0.59
CA LEU B 533 -12.69 21.03 0.77
C LEU B 533 -11.73 19.99 0.19
N ASP B 534 -11.26 19.05 1.02
CA ASP B 534 -10.33 18.02 0.57
C ASP B 534 -10.98 16.65 0.54
N LEU B 535 -11.22 16.11 -0.66
CA LEU B 535 -11.85 14.80 -0.82
C LEU B 535 -10.92 13.79 -1.50
N SER B 536 -9.60 13.94 -1.34
CA SER B 536 -8.62 13.04 -1.95
C SER B 536 -8.80 11.61 -1.52
N TYR B 537 -8.58 10.66 -2.45
CA TYR B 537 -8.65 9.22 -2.23
C TYR B 537 -10.00 8.74 -1.68
N ASN B 538 -11.09 9.38 -2.12
CA ASN B 538 -12.41 9.00 -1.66
C ASN B 538 -13.05 7.98 -2.58
N SER B 539 -13.05 6.70 -2.18
CA SER B 539 -13.67 5.65 -3.00
C SER B 539 -15.15 5.54 -2.61
N HIS B 540 -16.07 5.87 -3.54
CA HIS B 540 -17.51 5.82 -3.30
C HIS B 540 -17.95 4.43 -2.85
N TYR B 541 -18.78 4.36 -1.81
CA TYR B 541 -19.21 3.09 -1.25
C TYR B 541 -20.64 2.68 -1.62
N PHE B 542 -21.47 3.63 -2.08
CA PHE B 542 -22.86 3.32 -2.45
C PHE B 542 -23.19 3.87 -3.84
N ARG B 543 -22.40 3.47 -4.83
CA ARG B 543 -22.49 3.91 -6.22
C ARG B 543 -23.80 3.56 -6.94
N ILE B 544 -24.57 4.58 -7.33
CA ILE B 544 -25.81 4.39 -8.06
C ILE B 544 -25.53 4.56 -9.55
N ALA B 545 -26.03 3.63 -10.38
CA ALA B 545 -25.81 3.60 -11.84
C ALA B 545 -26.06 4.93 -12.56
N GLY B 546 -27.18 5.58 -12.27
CA GLY B 546 -27.50 6.85 -12.89
C GLY B 546 -27.35 8.05 -11.98
N VAL B 547 -26.51 7.95 -10.93
CA VAL B 547 -26.33 9.05 -10.00
C VAL B 547 -24.86 9.38 -9.75
N THR B 548 -24.04 8.40 -9.32
CA THR B 548 -22.63 8.64 -9.06
C THR B 548 -21.86 8.87 -10.36
N HIS B 549 -21.09 9.96 -10.47
CA HIS B 549 -20.90 10.99 -9.45
C HIS B 549 -21.79 12.19 -9.73
N HIS B 550 -22.40 12.77 -8.69
CA HIS B 550 -23.27 13.93 -8.85
C HIS B 550 -22.65 15.11 -8.11
N LEU B 551 -21.95 15.99 -8.82
CA LEU B 551 -21.25 17.10 -8.19
C LEU B 551 -22.02 18.41 -8.14
N GLU B 552 -23.35 18.36 -7.98
CA GLU B 552 -24.20 19.54 -7.93
C GLU B 552 -24.03 20.37 -6.64
N PHE B 553 -23.51 19.76 -5.56
CA PHE B 553 -23.33 20.44 -4.29
C PHE B 553 -22.37 21.63 -4.32
N ILE B 554 -21.42 21.61 -5.27
CA ILE B 554 -20.39 22.65 -5.43
C ILE B 554 -20.94 24.07 -5.71
N GLN B 555 -21.99 24.19 -6.54
CA GLN B 555 -22.52 25.51 -6.88
C GLN B 555 -23.24 26.23 -5.72
N ASN B 556 -23.64 25.51 -4.67
CA ASN B 556 -24.31 26.13 -3.52
C ASN B 556 -23.35 26.99 -2.68
N PHE B 557 -22.05 26.71 -2.73
CA PHE B 557 -21.08 27.45 -1.93
C PHE B 557 -20.73 28.83 -2.46
N THR B 558 -20.94 29.85 -1.64
CA THR B 558 -20.67 31.23 -1.99
C THR B 558 -19.19 31.62 -1.82
N ASN B 559 -18.40 30.83 -1.06
CA ASN B 559 -17.00 31.19 -0.82
C ASN B 559 -16.04 30.01 -0.91
N LEU B 560 -16.39 28.96 -1.67
CA LEU B 560 -15.50 27.81 -1.84
C LEU B 560 -14.39 28.18 -2.81
N LYS B 561 -13.14 28.22 -2.34
CA LYS B 561 -11.98 28.59 -3.15
C LYS B 561 -11.20 27.39 -3.69
N VAL B 562 -10.97 26.36 -2.86
CA VAL B 562 -10.17 25.22 -3.27
C VAL B 562 -10.91 23.90 -3.08
N LEU B 563 -11.02 23.10 -4.14
CA LEU B 563 -11.66 21.79 -4.08
C LEU B 563 -10.70 20.73 -4.61
N ASN B 564 -10.44 19.69 -3.82
CA ASN B 564 -9.54 18.62 -4.25
C ASN B 564 -10.34 17.34 -4.40
N LEU B 565 -10.58 16.93 -5.65
CA LEU B 565 -11.28 15.68 -5.95
C LEU B 565 -10.30 14.64 -6.52
N SER B 566 -9.03 14.67 -6.09
CA SER B 566 -8.02 13.75 -6.60
C SER B 566 -8.25 12.32 -6.18
N HIS B 567 -7.85 11.39 -7.05
CA HIS B 567 -7.93 9.94 -6.86
C HIS B 567 -9.29 9.48 -6.36
N ASN B 568 -10.34 10.07 -6.93
CA ASN B 568 -11.72 9.73 -6.61
C ASN B 568 -12.35 8.72 -7.60
N ASN B 569 -11.61 8.32 -8.65
CA ASN B 569 -12.06 7.40 -9.68
C ASN B 569 -13.35 7.89 -10.33
N ILE B 570 -13.38 9.18 -10.70
CA ILE B 570 -14.55 9.74 -11.35
C ILE B 570 -14.51 9.42 -12.83
N TYR B 571 -15.33 8.46 -13.26
CA TYR B 571 -15.42 8.06 -14.66
C TYR B 571 -16.79 8.35 -15.29
N THR B 572 -17.79 8.75 -14.47
CA THR B 572 -19.12 9.08 -14.95
C THR B 572 -19.72 10.19 -14.09
N LEU B 573 -20.42 11.13 -14.74
CA LEU B 573 -21.07 12.25 -14.07
C LEU B 573 -22.54 12.34 -14.45
N THR B 574 -23.37 12.87 -13.55
CA THR B 574 -24.80 12.99 -13.79
C THR B 574 -25.31 14.39 -13.50
N LYS B 576 -27.25 17.78 -15.07
CA LYS B 576 -26.29 18.27 -14.09
C LYS B 576 -24.89 17.70 -14.31
N TYR B 577 -24.52 17.42 -15.57
CA TYR B 577 -23.21 16.86 -15.93
C TYR B 577 -22.08 17.88 -15.71
N ASN B 578 -22.39 19.18 -15.86
CA ASN B 578 -21.42 20.26 -15.71
C ASN B 578 -21.19 20.70 -14.25
N LEU B 579 -20.03 21.30 -14.00
CA LEU B 579 -19.63 21.81 -12.69
C LEU B 579 -19.67 23.34 -12.73
N GLU B 580 -20.49 23.96 -11.88
CA GLU B 580 -20.60 25.42 -11.85
C GLU B 580 -20.19 26.00 -10.49
N SER B 581 -19.60 27.21 -10.48
CA SER B 581 -19.18 27.90 -9.26
C SER B 581 -18.64 29.30 -9.57
N LYS B 582 -19.06 30.29 -8.78
CA LYS B 582 -18.60 31.66 -8.99
C LYS B 582 -17.40 32.03 -8.10
N SER B 583 -17.09 31.23 -7.07
CA SER B 583 -15.99 31.52 -6.16
C SER B 583 -14.79 30.57 -6.30
N LEU B 584 -14.97 29.40 -6.94
CA LEU B 584 -13.90 28.42 -7.08
C LEU B 584 -12.70 28.99 -7.82
N VAL B 585 -11.52 28.80 -7.25
CA VAL B 585 -10.26 29.31 -7.78
C VAL B 585 -9.32 28.16 -8.17
N GLU B 586 -9.35 27.04 -7.44
CA GLU B 586 -8.48 25.91 -7.72
C GLU B 586 -9.21 24.58 -7.66
N LEU B 587 -9.09 23.77 -8.71
CA LEU B 587 -9.69 22.45 -8.75
C LEU B 587 -8.64 21.38 -9.04
N VAL B 588 -8.51 20.39 -8.16
CA VAL B 588 -7.59 19.29 -8.38
C VAL B 588 -8.39 18.08 -8.83
N PHE B 589 -8.28 17.70 -10.10
CA PHE B 589 -9.02 16.55 -10.64
C PHE B 589 -8.07 15.42 -11.03
N SER B 590 -6.89 15.32 -10.40
CA SER B 590 -5.93 14.28 -10.73
C SER B 590 -6.37 12.87 -10.30
N GLY B 591 -5.82 11.85 -10.91
CA GLY B 591 -6.15 10.46 -10.58
C GLY B 591 -7.59 10.07 -10.84
N ASN B 592 -8.23 10.74 -11.80
CA ASN B 592 -9.60 10.45 -12.19
C ASN B 592 -9.63 9.85 -13.62
N ARG B 593 -10.82 9.66 -14.22
CA ARG B 593 -10.90 9.08 -15.57
C ARG B 593 -11.45 10.07 -16.59
N LEU B 594 -10.71 11.13 -16.91
CA LEU B 594 -11.13 12.09 -17.94
C LEU B 594 -11.09 11.49 -19.35
N ASP B 595 -10.39 10.36 -19.55
CA ASP B 595 -10.33 9.68 -20.84
C ASP B 595 -11.68 9.04 -21.14
N ILE B 596 -12.31 8.42 -20.13
CA ILE B 596 -13.63 7.80 -20.28
C ILE B 596 -14.69 8.89 -20.46
N LEU B 597 -14.59 9.98 -19.72
CA LEU B 597 -15.52 11.11 -19.80
C LEU B 597 -15.46 11.79 -21.16
N TRP B 598 -14.27 11.84 -21.78
CA TRP B 598 -14.13 12.45 -23.10
C TRP B 598 -14.12 11.39 -24.22
N ASN B 599 -15.17 10.55 -24.25
CA ASN B 599 -15.32 9.49 -25.25
C ASN B 599 -16.02 10.01 -26.50
N ASP B 600 -15.49 9.67 -27.69
CA ASP B 600 -15.98 10.12 -29.00
C ASP B 600 -17.44 9.72 -29.34
N ASP B 601 -18.03 8.76 -28.62
CA ASP B 601 -19.40 8.33 -28.89
C ASP B 601 -20.41 9.29 -28.23
N ASP B 602 -20.16 9.66 -26.98
CA ASP B 602 -21.03 10.60 -26.28
C ASP B 602 -20.27 11.92 -26.04
N ASN B 603 -20.95 13.05 -26.16
CA ASN B 603 -20.30 14.34 -25.94
C ASN B 603 -20.98 15.12 -24.81
N ARG B 604 -21.41 14.40 -23.76
CA ARG B 604 -22.10 15.00 -22.62
C ARG B 604 -21.18 15.71 -21.64
N TYR B 605 -19.86 15.47 -21.72
CA TYR B 605 -18.92 16.05 -20.76
C TYR B 605 -17.88 16.94 -21.42
N ILE B 606 -18.27 17.64 -22.50
CA ILE B 606 -17.38 18.53 -23.22
C ILE B 606 -17.16 19.83 -22.44
N SER B 607 -18.24 20.40 -21.89
CA SER B 607 -18.17 21.63 -21.11
C SER B 607 -18.24 21.35 -19.61
N ILE B 608 -17.59 20.25 -19.18
CA ILE B 608 -17.54 19.77 -17.79
C ILE B 608 -17.08 20.84 -16.77
N PHE B 609 -16.05 21.64 -17.11
CA PHE B 609 -15.57 22.68 -16.19
C PHE B 609 -15.83 24.10 -16.70
N LYS B 610 -16.71 24.28 -17.68
CA LYS B 610 -17.01 25.60 -18.26
C LYS B 610 -17.67 26.55 -17.27
N GLY B 611 -18.49 26.02 -16.37
CA GLY B 611 -19.20 26.80 -15.37
C GLY B 611 -18.33 27.38 -14.27
N LEU B 612 -17.07 26.93 -14.17
CA LEU B 612 -16.13 27.42 -13.16
C LEU B 612 -15.45 28.68 -13.73
N LYS B 613 -16.26 29.72 -13.99
CA LYS B 613 -15.86 30.99 -14.60
C LYS B 613 -14.70 31.70 -13.90
N ASN B 614 -14.55 31.51 -12.59
CA ASN B 614 -13.51 32.17 -11.82
C ASN B 614 -12.29 31.26 -11.50
N LEU B 615 -12.17 30.11 -12.17
CA LEU B 615 -11.08 29.17 -11.91
C LEU B 615 -9.73 29.62 -12.47
N THR B 616 -8.70 29.68 -11.62
CA THR B 616 -7.35 30.07 -12.04
C THR B 616 -6.37 28.89 -12.08
N ARG B 617 -6.58 27.87 -11.21
CA ARG B 617 -5.69 26.71 -11.19
C ARG B 617 -6.48 25.42 -11.44
N LEU B 618 -6.02 24.59 -12.38
CA LEU B 618 -6.70 23.33 -12.73
C LEU B 618 -5.67 22.21 -12.91
N ASP B 619 -5.81 21.13 -12.13
CA ASP B 619 -4.91 19.99 -12.20
C ASP B 619 -5.59 18.79 -12.86
N LEU B 620 -5.21 18.48 -14.09
CA LEU B 620 -5.76 17.36 -14.84
C LEU B 620 -4.72 16.25 -15.06
N SER B 621 -3.82 16.07 -14.10
CA SER B 621 -2.80 15.02 -14.20
C SER B 621 -3.34 13.62 -13.89
N LEU B 622 -2.58 12.57 -14.26
CA LEU B 622 -2.94 11.17 -14.01
C LEU B 622 -4.36 10.78 -14.43
N ASN B 623 -4.87 11.36 -15.52
CA ASN B 623 -6.20 11.04 -16.00
C ASN B 623 -6.22 10.05 -17.18
N ARG B 624 -5.06 9.48 -17.55
CA ARG B 624 -4.89 8.53 -18.64
C ARG B 624 -5.32 9.10 -20.00
N LEU B 625 -5.21 10.43 -20.17
CA LEU B 625 -5.60 11.12 -21.39
C LEU B 625 -4.65 10.85 -22.54
N LYS B 626 -5.17 10.28 -23.63
CA LYS B 626 -4.38 10.04 -24.83
C LYS B 626 -4.51 11.21 -25.80
N HIS B 627 -5.72 11.78 -25.90
CA HIS B 627 -6.00 12.94 -26.73
C HIS B 627 -7.07 13.80 -26.03
N ILE B 628 -6.91 15.12 -26.08
CA ILE B 628 -7.89 16.02 -25.51
C ILE B 628 -8.64 16.62 -26.68
N PRO B 629 -9.95 16.32 -26.81
CA PRO B 629 -10.72 16.88 -27.93
C PRO B 629 -10.64 18.41 -27.99
N ASN B 630 -10.57 18.97 -29.20
CA ASN B 630 -10.48 20.42 -29.40
C ASN B 630 -11.67 21.17 -28.80
N GLU B 631 -12.87 20.60 -28.92
CA GLU B 631 -14.08 21.21 -28.38
C GLU B 631 -14.05 21.21 -26.84
N ALA B 632 -13.50 20.14 -26.25
CA ALA B 632 -13.37 20.01 -24.80
C ALA B 632 -12.31 20.94 -24.23
N PHE B 633 -11.18 21.10 -24.94
CA PHE B 633 -10.11 21.98 -24.48
C PHE B 633 -10.55 23.44 -24.55
N LEU B 634 -11.28 23.82 -25.61
CA LEU B 634 -11.78 25.19 -25.76
C LEU B 634 -12.84 25.56 -24.72
N ASN B 635 -13.53 24.56 -24.13
CA ASN B 635 -14.53 24.83 -23.11
C ASN B 635 -13.95 24.87 -21.68
N LEU B 636 -12.62 24.91 -21.53
CA LEU B 636 -12.00 25.04 -20.22
C LEU B 636 -12.06 26.52 -19.80
N PRO B 637 -12.09 26.85 -18.50
CA PRO B 637 -12.21 28.26 -18.10
C PRO B 637 -11.14 29.17 -18.70
N ALA B 638 -11.57 30.29 -19.29
CA ALA B 638 -10.65 31.27 -19.89
C ALA B 638 -9.81 32.03 -18.84
N SER B 639 -10.25 32.04 -17.58
CA SER B 639 -9.55 32.71 -16.49
C SER B 639 -8.30 31.96 -16.00
N LEU B 640 -8.07 30.72 -16.48
CA LEU B 640 -6.95 29.88 -16.07
C LEU B 640 -5.58 30.53 -16.20
N THR B 641 -4.83 30.57 -15.10
CA THR B 641 -3.47 31.07 -15.05
C THR B 641 -2.45 29.92 -14.98
N GLU B 642 -2.84 28.77 -14.40
CA GLU B 642 -1.98 27.59 -14.28
C GLU B 642 -2.77 26.37 -14.74
N LEU B 643 -2.27 25.64 -15.74
CA LEU B 643 -2.92 24.43 -16.21
C LEU B 643 -1.93 23.27 -16.16
N HIS B 644 -2.26 22.21 -15.42
CA HIS B 644 -1.36 21.07 -15.29
C HIS B 644 -1.96 19.84 -15.94
N ILE B 645 -1.46 19.42 -17.11
CA ILE B 645 -1.94 18.20 -17.76
C ILE B 645 -0.78 17.17 -17.78
N ASN B 646 0.01 17.11 -16.70
CA ASN B 646 1.17 16.23 -16.64
C ASN B 646 0.82 14.74 -16.37
N ASP B 647 1.81 13.84 -16.48
CA ASP B 647 1.68 12.42 -16.23
C ASP B 647 0.45 11.78 -16.89
N ASN B 648 0.28 12.05 -18.18
CA ASN B 648 -0.81 11.48 -18.97
C ASN B 648 -0.18 10.71 -20.17
N MET B 649 -0.93 10.47 -21.26
CA MET B 649 -0.40 9.79 -22.43
C MET B 649 -0.72 10.58 -23.70
N LEU B 650 -0.64 11.91 -23.62
CA LEU B 650 -0.96 12.79 -24.74
C LEU B 650 0.03 12.66 -25.89
N LYS B 651 -0.46 12.30 -27.07
CA LYS B 651 0.40 12.17 -28.24
C LYS B 651 0.52 13.50 -28.99
N PHE B 652 -0.57 14.28 -29.01
CA PHE B 652 -0.55 15.58 -29.69
C PHE B 652 -1.17 16.68 -28.83
N PHE B 653 -0.68 17.90 -29.00
CA PHE B 653 -1.21 19.05 -28.27
C PHE B 653 -1.50 20.17 -29.27
N ASN B 654 -2.75 20.61 -29.36
CA ASN B 654 -3.12 21.69 -30.26
C ASN B 654 -2.74 23.01 -29.62
N TRP B 655 -1.57 23.56 -29.98
CA TRP B 655 -1.10 24.84 -29.45
C TRP B 655 -1.94 26.03 -29.91
N THR B 656 -2.68 25.90 -31.02
CA THR B 656 -3.55 26.94 -31.56
C THR B 656 -4.66 27.31 -30.57
N LEU B 657 -5.15 26.32 -29.79
CA LEU B 657 -6.20 26.52 -28.80
C LEU B 657 -5.81 27.44 -27.64
N LEU B 658 -4.51 27.66 -27.42
CA LEU B 658 -4.04 28.55 -26.36
C LEU B 658 -4.40 30.04 -26.56
N GLN B 659 -4.99 30.38 -27.73
CA GLN B 659 -5.43 31.73 -28.05
C GLN B 659 -6.61 32.16 -27.19
N GLN B 660 -7.48 31.21 -26.81
CA GLN B 660 -8.64 31.51 -25.98
C GLN B 660 -8.33 31.57 -24.47
N PHE B 661 -7.05 31.61 -24.09
CA PHE B 661 -6.62 31.68 -22.70
C PHE B 661 -5.59 32.80 -22.60
N PRO B 662 -6.04 34.05 -22.50
CA PRO B 662 -5.10 35.18 -22.46
C PRO B 662 -4.38 35.38 -21.14
N ARG B 663 -4.83 34.73 -20.05
CA ARG B 663 -4.19 34.88 -18.75
C ARG B 663 -3.34 33.66 -18.34
N LEU B 664 -3.20 32.66 -19.22
CA LEU B 664 -2.44 31.44 -18.96
C LEU B 664 -0.94 31.71 -18.88
N GLU B 665 -0.37 31.61 -17.67
CA GLU B 665 1.05 31.84 -17.44
C GLU B 665 1.83 30.53 -17.33
N LEU B 666 1.23 29.50 -16.72
CA LEU B 666 1.92 28.22 -16.54
C LEU B 666 1.24 27.07 -17.28
N LEU B 667 1.98 26.38 -18.14
CA LEU B 667 1.46 25.23 -18.86
C LEU B 667 2.34 24.03 -18.56
N ASP B 668 1.81 23.05 -17.85
CA ASP B 668 2.56 21.88 -17.46
C ASP B 668 2.17 20.68 -18.31
N LEU B 669 3.04 20.25 -19.21
CA LEU B 669 2.77 19.09 -20.06
C LEU B 669 3.82 17.98 -19.87
N ARG B 670 4.42 17.88 -18.67
CA ARG B 670 5.43 16.87 -18.36
C ARG B 670 4.87 15.44 -18.36
N GLY B 671 5.74 14.44 -18.46
CA GLY B 671 5.35 13.04 -18.43
C GLY B 671 4.28 12.66 -19.45
N ASN B 672 4.47 13.10 -20.69
CA ASN B 672 3.54 12.80 -21.78
C ASN B 672 4.28 12.14 -22.97
N LYS B 673 3.65 12.03 -24.16
CA LYS B 673 4.28 11.42 -25.32
C LYS B 673 4.28 12.36 -26.54
N LEU B 674 4.30 13.69 -26.30
CA LEU B 674 4.28 14.69 -27.36
C LEU B 674 5.53 14.57 -28.21
N LEU B 675 5.39 14.74 -29.53
CA LEU B 675 6.52 14.64 -30.44
C LEU B 675 6.81 15.93 -31.19
N PHE B 676 5.81 16.80 -31.35
CA PHE B 676 5.97 18.03 -32.12
C PHE B 676 5.72 19.29 -31.33
N LEU B 677 6.35 20.39 -31.75
CA LEU B 677 6.19 21.71 -31.18
C LEU B 677 5.82 22.68 -32.31
N THR B 678 4.97 23.67 -32.02
CA THR B 678 4.55 24.63 -33.05
C THR B 678 5.64 25.66 -33.33
N ASP B 679 5.73 26.11 -34.59
CA ASP B 679 6.71 27.12 -34.97
C ASP B 679 6.18 28.58 -34.87
N SER B 680 4.93 28.75 -34.40
CA SER B 680 4.32 30.07 -34.27
C SER B 680 3.61 30.19 -32.92
N LEU B 681 4.28 29.76 -31.83
CA LEU B 681 3.71 29.83 -30.48
C LEU B 681 3.40 31.26 -30.04
N SER B 682 4.19 32.24 -30.53
CA SER B 682 3.99 33.65 -30.25
C SER B 682 2.65 34.16 -30.80
N ASP B 683 2.17 33.56 -31.89
CA ASP B 683 0.87 33.93 -32.48
C ASP B 683 -0.32 33.40 -31.66
N PHE B 684 -0.09 32.43 -30.75
CA PHE B 684 -1.17 31.85 -29.95
C PHE B 684 -1.17 32.37 -28.52
N THR B 685 0.00 32.71 -27.95
CA THR B 685 0.05 33.22 -26.58
C THR B 685 0.91 34.46 -26.42
N SER B 686 0.54 35.30 -25.44
CA SER B 686 1.24 36.54 -25.11
C SER B 686 1.29 36.73 -23.58
N SER B 687 1.33 35.62 -22.82
CA SER B 687 1.34 35.65 -21.35
C SER B 687 2.01 34.41 -20.73
N LEU B 688 2.26 33.36 -21.52
CA LEU B 688 2.87 32.12 -21.06
C LEU B 688 4.29 32.35 -20.57
N ARG B 689 4.47 32.44 -19.24
CA ARG B 689 5.77 32.67 -18.60
C ARG B 689 6.53 31.37 -18.33
N THR B 690 5.81 30.27 -18.07
CA THR B 690 6.45 28.99 -17.77
C THR B 690 5.87 27.86 -18.62
N LEU B 691 6.72 27.10 -19.31
CA LEU B 691 6.29 25.99 -20.13
C LEU B 691 7.13 24.76 -19.79
N LEU B 692 6.52 23.80 -19.07
CA LEU B 692 7.22 22.59 -18.66
C LEU B 692 6.89 21.43 -19.61
N LEU B 693 7.90 20.93 -20.34
CA LEU B 693 7.70 19.84 -21.30
C LEU B 693 8.64 18.67 -21.05
N SER B 694 9.12 18.48 -19.82
CA SER B 694 10.05 17.39 -19.51
C SER B 694 9.43 16.00 -19.66
N HIS B 695 10.27 14.99 -19.92
CA HIS B 695 9.87 13.59 -20.11
C HIS B 695 8.84 13.41 -21.22
N ASN B 696 9.20 13.88 -22.42
CA ASN B 696 8.39 13.79 -23.63
C ASN B 696 9.23 13.24 -24.82
N ARG B 697 8.61 13.04 -26.00
CA ARG B 697 9.33 12.50 -27.15
C ARG B 697 9.67 13.55 -28.21
N ILE B 698 9.90 14.80 -27.80
CA ILE B 698 10.22 15.87 -28.74
C ILE B 698 11.66 15.73 -29.25
N SER B 699 11.81 15.51 -30.56
CA SER B 699 13.13 15.33 -31.16
C SER B 699 13.64 16.52 -31.96
N HIS B 700 12.85 17.59 -32.11
CA HIS B 700 13.29 18.76 -32.85
C HIS B 700 12.68 20.07 -32.32
N LEU B 701 13.54 21.08 -32.11
CA LEU B 701 13.10 22.39 -31.65
C LEU B 701 12.84 23.22 -32.90
N PRO B 702 11.60 23.71 -33.07
CA PRO B 702 11.26 24.45 -34.30
C PRO B 702 11.94 25.79 -34.50
N SER B 703 11.99 26.23 -35.76
CA SER B 703 12.61 27.48 -36.19
C SER B 703 11.95 28.68 -35.53
N GLY B 704 12.69 29.35 -34.66
CA GLY B 704 12.20 30.51 -33.94
C GLY B 704 11.25 30.16 -32.82
N PHE B 705 11.56 29.11 -32.05
CA PHE B 705 10.72 28.72 -30.93
C PHE B 705 10.96 29.66 -29.75
N LEU B 706 12.23 29.99 -29.48
CA LEU B 706 12.64 30.92 -28.42
C LEU B 706 12.37 32.37 -28.81
N SER B 707 12.39 32.68 -30.12
CA SER B 707 12.14 34.03 -30.63
C SER B 707 10.67 34.42 -30.44
N GLU B 708 10.44 35.74 -30.29
CA GLU B 708 9.12 36.37 -30.10
C GLU B 708 8.36 35.88 -28.86
N VAL B 709 9.04 35.16 -27.95
CA VAL B 709 8.42 34.67 -26.72
C VAL B 709 8.93 35.56 -25.57
N SER B 710 8.49 36.83 -25.58
CA SER B 710 8.89 37.81 -24.57
C SER B 710 8.39 37.45 -23.19
N SER B 711 7.16 36.92 -23.10
CA SER B 711 6.59 36.53 -21.82
C SER B 711 7.26 35.27 -21.25
N LEU B 712 7.77 34.38 -22.12
CA LEU B 712 8.40 33.13 -21.68
C LEU B 712 9.72 33.31 -20.94
N LYS B 713 9.71 33.02 -19.64
CA LYS B 713 10.87 33.13 -18.76
C LYS B 713 11.42 31.77 -18.31
N HIS B 714 10.67 30.67 -18.50
CA HIS B 714 11.14 29.35 -18.09
C HIS B 714 10.67 28.26 -19.07
N LEU B 715 11.63 27.65 -19.78
CA LEU B 715 11.33 26.58 -20.73
C LEU B 715 12.02 25.31 -20.29
N ASP B 716 11.25 24.25 -20.02
CA ASP B 716 11.80 22.98 -19.55
C ASP B 716 11.74 21.91 -20.63
N LEU B 717 12.87 21.65 -21.31
CA LEU B 717 12.92 20.61 -22.33
C LEU B 717 13.81 19.44 -21.90
N SER B 718 13.92 19.18 -20.59
CA SER B 718 14.75 18.10 -20.08
C SER B 718 14.13 16.71 -20.31
N SER B 719 14.95 15.66 -20.33
CA SER B 719 14.52 14.27 -20.55
C SER B 719 13.69 14.07 -21.82
N ASN B 720 14.08 14.75 -22.89
CA ASN B 720 13.41 14.64 -24.19
C ASN B 720 14.31 13.87 -25.21
N LEU B 721 14.04 13.96 -26.53
CA LEU B 721 14.85 13.27 -27.52
C LEU B 721 15.61 14.25 -28.43
N LEU B 722 16.00 15.42 -27.90
CA LEU B 722 16.71 16.42 -28.69
C LEU B 722 18.17 16.03 -28.95
N LYS B 723 18.54 15.90 -30.22
CA LYS B 723 19.92 15.56 -30.59
C LYS B 723 20.78 16.81 -30.72
N THR B 724 20.21 17.91 -31.23
CA THR B 724 20.94 19.17 -31.40
C THR B 724 20.00 20.38 -31.52
N ILE B 725 20.54 21.59 -31.28
CA ILE B 725 19.76 22.82 -31.43
C ILE B 725 20.40 23.62 -32.57
N ASN B 726 19.78 23.57 -33.75
CA ASN B 726 20.26 24.21 -34.97
C ASN B 726 20.18 25.76 -34.95
N LYS B 727 20.81 26.41 -35.94
CA LYS B 727 20.84 27.88 -36.06
C LYS B 727 19.48 28.50 -36.37
N SER B 728 18.56 27.74 -36.98
CA SER B 728 17.23 28.28 -37.30
C SER B 728 16.39 28.50 -36.04
N ALA B 729 16.54 27.63 -35.04
CA ALA B 729 15.84 27.76 -33.76
C ALA B 729 16.43 28.88 -32.88
N LEU B 730 17.72 29.20 -33.09
CA LEU B 730 18.44 30.23 -32.34
C LEU B 730 18.44 31.60 -33.03
N GLU B 731 18.08 31.67 -34.32
CA GLU B 731 18.06 32.93 -35.07
C GLU B 731 16.90 33.81 -34.59
N THR B 732 17.17 34.67 -33.61
CA THR B 732 16.14 35.55 -33.08
C THR B 732 16.48 37.02 -33.37
N LYS B 733 15.62 37.68 -34.16
CA LYS B 733 15.81 39.09 -34.49
C LYS B 733 15.45 39.95 -33.28
N THR B 734 14.39 39.57 -32.55
CA THR B 734 13.97 40.26 -31.33
C THR B 734 14.68 39.66 -30.12
N THR B 735 14.94 40.48 -29.09
CA THR B 735 15.64 40.01 -27.89
C THR B 735 14.73 39.19 -26.97
N THR B 736 15.19 38.00 -26.57
CA THR B 736 14.42 37.11 -25.70
C THR B 736 14.51 37.50 -24.23
N LYS B 737 13.50 37.12 -23.44
CA LYS B 737 13.49 37.40 -22.00
C LYS B 737 13.50 36.08 -21.21
N LEU B 738 14.19 35.05 -21.72
CA LEU B 738 14.26 33.75 -21.07
C LEU B 738 15.22 33.82 -19.88
N SER B 739 14.82 33.26 -18.74
CA SER B 739 15.65 33.28 -17.54
C SER B 739 16.22 31.90 -17.20
N MET B 740 15.50 30.82 -17.54
CA MET B 740 15.98 29.47 -17.25
C MET B 740 15.62 28.48 -18.36
N LEU B 741 16.61 27.70 -18.81
CA LEU B 741 16.40 26.71 -19.85
C LEU B 741 16.95 25.36 -19.41
N GLU B 742 16.08 24.41 -19.05
CA GLU B 742 16.52 23.09 -18.62
C GLU B 742 16.67 22.18 -19.83
N LEU B 743 17.83 21.49 -19.96
CA LEU B 743 18.08 20.63 -21.10
C LEU B 743 18.82 19.33 -20.76
N HIS B 744 18.88 18.96 -19.48
CA HIS B 744 19.56 17.73 -19.07
C HIS B 744 18.77 16.48 -19.43
N GLY B 745 19.46 15.37 -19.69
CA GLY B 745 18.80 14.11 -20.01
C GLY B 745 18.40 13.93 -21.45
N ASN B 746 19.04 14.70 -22.36
CA ASN B 746 18.75 14.61 -23.79
C ASN B 746 19.91 13.89 -24.50
N PRO B 747 19.63 13.12 -25.57
CA PRO B 747 20.72 12.45 -26.29
C PRO B 747 21.40 13.39 -27.28
N PHE B 748 22.25 14.29 -26.76
CA PHE B 748 22.94 15.28 -27.58
C PHE B 748 24.08 14.70 -28.41
N GLU B 749 24.16 15.11 -29.68
CA GLU B 749 25.23 14.71 -30.59
C GLU B 749 26.34 15.73 -30.45
N CYS B 750 27.37 15.40 -29.68
CA CYS B 750 28.50 16.30 -29.45
C CYS B 750 29.52 16.27 -30.58
N THR B 751 29.07 16.60 -31.79
CA THR B 751 29.89 16.68 -32.99
C THR B 751 30.02 18.20 -33.37
N CYS B 752 30.28 18.55 -34.65
CA CYS B 752 30.36 19.97 -35.04
C CYS B 752 29.00 20.68 -35.08
N ASP B 753 27.90 19.91 -35.07
CA ASP B 753 26.53 20.44 -35.09
C ASP B 753 26.16 21.14 -33.79
N ILE B 754 26.69 20.66 -32.65
CA ILE B 754 26.40 21.24 -31.35
C ILE B 754 27.16 22.57 -31.08
N GLY B 755 28.13 22.90 -31.92
CA GLY B 755 28.91 24.13 -31.81
C GLY B 755 28.10 25.39 -31.97
N ASP B 756 27.00 25.31 -32.75
CA ASP B 756 26.10 26.44 -32.97
C ASP B 756 25.38 26.79 -31.68
N PHE B 757 24.93 25.77 -30.92
CA PHE B 757 24.25 26.00 -29.65
C PHE B 757 25.24 26.41 -28.55
N ARG B 758 26.48 25.90 -28.62
CA ARG B 758 27.54 26.22 -27.67
C ARG B 758 27.87 27.71 -27.66
N ARG B 759 27.87 28.34 -28.84
CA ARG B 759 28.13 29.78 -28.98
C ARG B 759 26.97 30.62 -28.42
N TRP B 760 25.73 30.11 -28.54
CA TRP B 760 24.53 30.76 -28.04
C TRP B 760 24.54 30.82 -26.51
N MET B 761 25.10 29.79 -25.85
CA MET B 761 25.20 29.73 -24.39
C MET B 761 26.18 30.78 -23.87
N ASP B 762 27.27 31.03 -24.62
CA ASP B 762 28.26 32.03 -24.23
C ASP B 762 27.75 33.45 -24.53
N GLU B 763 26.98 33.62 -25.61
CA GLU B 763 26.41 34.91 -25.98
C GLU B 763 25.23 35.29 -25.06
N HIS B 764 24.48 34.31 -24.57
CA HIS B 764 23.34 34.57 -23.69
C HIS B 764 23.58 34.03 -22.29
N LEU B 765 24.38 34.75 -21.50
CA LEU B 765 24.68 34.36 -20.12
C LEU B 765 23.51 34.59 -19.15
N ASN B 766 22.52 35.41 -19.54
CA ASN B 766 21.34 35.68 -18.73
C ASN B 766 20.42 34.46 -18.66
N VAL B 767 20.41 33.61 -19.70
CA VAL B 767 19.60 32.39 -19.73
C VAL B 767 20.35 31.33 -18.92
N LYS B 768 19.92 31.10 -17.68
CA LYS B 768 20.58 30.14 -16.80
C LYS B 768 20.23 28.69 -17.13
N ILE B 769 21.24 27.88 -17.44
CA ILE B 769 21.03 26.46 -17.75
C ILE B 769 21.47 25.62 -16.56
N PRO B 770 20.50 25.03 -15.83
CA PRO B 770 20.87 24.22 -14.66
C PRO B 770 21.30 22.80 -14.99
N ARG B 771 21.99 22.15 -14.04
CA ARG B 771 22.49 20.78 -14.17
C ARG B 771 23.38 20.57 -15.39
N LEU B 772 24.43 21.40 -15.55
CA LEU B 772 25.35 21.29 -16.69
C LEU B 772 26.08 19.95 -16.74
N VAL B 773 26.30 19.31 -15.59
CA VAL B 773 26.95 17.99 -15.55
C VAL B 773 26.04 16.87 -16.07
N ASP B 774 24.72 17.07 -16.05
CA ASP B 774 23.75 16.09 -16.53
C ASP B 774 23.39 16.26 -18.02
N VAL B 775 23.84 17.35 -18.66
CA VAL B 775 23.61 17.55 -20.09
C VAL B 775 24.72 16.74 -20.77
N ILE B 776 24.48 15.43 -20.92
CA ILE B 776 25.45 14.47 -21.43
C ILE B 776 25.35 14.18 -22.93
N CYS B 777 26.51 13.97 -23.60
CA CYS B 777 26.54 13.63 -25.02
C CYS B 777 26.33 12.13 -25.17
N ALA B 778 25.45 11.73 -26.09
CA ALA B 778 25.22 10.31 -26.36
C ALA B 778 26.23 9.79 -27.40
N SER B 779 26.57 10.64 -28.38
CA SER B 779 27.52 10.35 -29.46
C SER B 779 28.50 11.53 -29.61
N PRO B 780 29.77 11.31 -30.00
CA PRO B 780 30.42 10.03 -30.34
C PRO B 780 30.95 9.27 -29.10
N GLY B 781 31.59 8.12 -29.34
CA GLY B 781 32.15 7.31 -28.27
C GLY B 781 33.23 8.01 -27.45
N ASP B 782 33.96 8.93 -28.08
CA ASP B 782 35.02 9.68 -27.40
C ASP B 782 34.43 10.73 -26.45
N GLN B 783 33.35 11.40 -26.87
CA GLN B 783 32.70 12.42 -26.05
C GLN B 783 31.50 11.91 -25.23
N ARG B 784 31.25 10.59 -25.25
CA ARG B 784 30.14 9.96 -24.53
C ARG B 784 30.36 10.07 -23.02
N GLY B 785 29.39 10.64 -22.32
CA GLY B 785 29.48 10.82 -20.89
C GLY B 785 29.83 12.24 -20.48
N LYS B 786 30.62 12.92 -21.31
CA LYS B 786 31.04 14.29 -21.05
C LYS B 786 29.92 15.31 -21.25
N SER B 787 30.03 16.47 -20.60
CA SER B 787 29.04 17.53 -20.74
C SER B 787 29.21 18.23 -22.09
N ILE B 788 28.13 18.85 -22.60
CA ILE B 788 28.19 19.55 -23.88
C ILE B 788 29.07 20.81 -23.81
N VAL B 789 29.25 21.39 -22.61
CA VAL B 789 30.07 22.58 -22.41
C VAL B 789 31.59 22.26 -22.43
N SER B 790 31.98 20.98 -22.34
CA SER B 790 33.40 20.59 -22.37
C SER B 790 33.79 20.02 -23.74
N LEU B 791 33.52 20.78 -24.81
CA LEU B 791 33.83 20.37 -26.19
C LEU B 791 34.80 21.35 -26.87
N GLU B 792 35.41 20.92 -27.99
CA GLU B 792 36.32 21.77 -28.76
C GLU B 792 35.53 22.85 -29.50
#